data_5KO2
#
_entry.id   5KO2
#
_cell.length_a   98.185
_cell.length_b   114.741
_cell.length_c   375.431
_cell.angle_alpha   90.00
_cell.angle_beta   90.00
_cell.angle_gamma   90.00
#
_symmetry.space_group_name_H-M   'P 21 21 21'
#
loop_
_entity.id
_entity.type
_entity.pdbx_description
1 polymer 'Multidrug resistance protein 1A'
2 non-polymer 'MERCURY (II) ION'
#
_entity_poly.entity_id   1
_entity_poly.type   'polypeptide(L)'
_entity_poly.pdbx_seq_one_letter_code
;MELEEDLKGRADKNFSKMGKKSKKEKKEKKPAVSVLTMFRYAGWLDRLYMLVGTLAAIIHGVALPLMMLIFGDMTDSFAS
VGNVSKNSTNMSEADKRAMFAKLEEEMTTYAYYYTGIGAGVLIVAYIQVSFWCLAAGRQIHKIRQKFFHAIMNQEIGWFD
VHDVGELNTRLTDDVSKINEGIGDKIGMFFQAMATFFGGFIIGFTRGWKLTLVILAISPVLGLSAGIWAKILSSFTDKEL
HAYAKAGAVAEEVLAAIRTVIAFGGQKKELERYNNNLEEAKRLGIKKAITANISMGAAFLLIYASYALAFWYGTSLVISK
EYSIGQVLTVFFSVLIGAFSVGQASPNIEAFANARGAAYEVFKIIDNKPSIDSFSKSGHKPDNIQGNLEFKNIHFSYPSR
KEVQILKGLNLKVKSGQTVALVGNSGCGKSTTVQLMQRLYDPLDGMVSIDGQDIRTINVRYLREIIGVVSQEPVLFATTI
AENIRYGREDVTMDEIEKAVKEANAYDFIMKLPHQFDTLVGERGAQLSGGQKQRIAIARALVRNPKILLLDQATSALDTE
SEAVVQAALDKAREGRTTIVIAHRLSTVRNADVIAGFDGGVIVEQGNHDELMREKGIYFKLVMTQTAGNEIELGNEACKS
KDEIDNLDALDEDVPPASFWRILKLNSTEWPYFVVGIFCAIINGGLQPAFSVIFSKVVGVFTNGGPPETQRQNSNLFSLL
FLILGIISFITFFLQGFTFGKAGEILTKRLRYMVFKSMLRQDVSWFDDPKNTTGALTTRLANDAAQVKGATGSRLAVIFQ
NIANLGTGIIISLIYGWQLTLLLLAIVPIIAIAGVVEMKMLSGQALKDKKELEGSGKIATEAIENFRTVVSLTREQKFET
MYAQSLQIPYRNAMKKAHVFGITFSFTQAMMYFSYAACFRFGAYLVTQQLMTFENVLLVFSAIVFGAMAVGQVSSFAPDY
AKATVSASHIIRIIEKTPEIDSYSTQGLKPNMLEGNVQFSGVVFNYPTRPSIPVLQGLSLEVKKGQTLALVGSSGCGKST
VVQLLERFYDPMAGSVFLDGKEIKQLNVQWLRAQLGIVSQEPILFDCSIAENIAYGDNSRVVSYEEIVRAAKEANIHQFI
DSLPDKYNTRVGDKGTQLSGGQKQRIAIARALVRQPHILLLDQATSALDTESEKVVQEALDKAREGRTCIVIAHRLSTIQ
NADLIVVIQNGKVKEHGTHQQLLAQKGIYFSMVSVQAGAKRSHHHHHH
;
_entity_poly.pdbx_strand_id   A,B
#
loop_
_chem_comp.id
_chem_comp.type
_chem_comp.name
_chem_comp.formula
HG non-polymer 'MERCURY (II) ION' 'Hg 2'
#
# COMPACT_ATOMS: atom_id res chain seq x y z
N GLU A 28 -0.39 45.67 13.29
CA GLU A 28 -1.55 44.80 13.16
C GLU A 28 -1.81 44.07 14.47
N LYS A 29 -3.09 43.82 14.76
CA LYS A 29 -3.51 43.11 15.96
C LYS A 29 -4.70 42.23 15.58
N LYS A 30 -4.49 40.88 15.59
CA LYS A 30 -5.51 39.96 15.13
C LYS A 30 -6.33 39.44 16.31
N PRO A 31 -7.62 39.10 16.10
CA PRO A 31 -8.45 38.64 17.23
C PRO A 31 -8.09 37.23 17.68
N ALA A 32 -8.73 36.76 18.74
CA ALA A 32 -8.45 35.45 19.30
C ALA A 32 -9.73 34.91 19.95
N VAL A 33 -9.65 33.68 20.42
CA VAL A 33 -10.78 32.96 20.99
C VAL A 33 -10.66 33.02 22.50
N SER A 34 -11.81 32.97 23.18
CA SER A 34 -11.81 32.81 24.62
C SER A 34 -11.22 31.45 24.97
N VAL A 35 -10.53 31.40 26.13
CA VAL A 35 -9.88 30.17 26.58
C VAL A 35 -10.89 29.03 26.70
N LEU A 36 -12.04 29.31 27.32
CA LEU A 36 -12.96 28.22 27.64
C LEU A 36 -13.64 27.68 26.40
N THR A 37 -13.87 28.53 25.39
CA THR A 37 -14.44 28.05 24.14
C THR A 37 -13.51 27.05 23.47
N MET A 38 -12.24 27.39 23.35
CA MET A 38 -11.30 26.68 22.48
C MET A 38 -11.21 25.19 22.82
N PHE A 39 -11.41 24.84 24.08
CA PHE A 39 -11.36 23.45 24.52
C PHE A 39 -12.70 22.74 24.41
N ARG A 40 -13.62 23.26 23.61
CA ARG A 40 -14.73 22.43 23.17
C ARG A 40 -14.20 21.33 22.27
N TYR A 41 -15.06 20.35 21.97
CA TYR A 41 -14.67 19.09 21.33
C TYR A 41 -13.77 18.23 22.22
N ALA A 42 -13.65 18.56 23.51
CA ALA A 42 -12.85 17.81 24.47
C ALA A 42 -13.82 17.04 25.35
N GLY A 43 -14.04 15.77 25.02
CA GLY A 43 -14.94 14.95 25.78
C GLY A 43 -14.52 14.79 27.22
N TRP A 44 -15.37 14.12 28.01
CA TRP A 44 -15.08 13.92 29.43
C TRP A 44 -13.77 13.17 29.65
N LEU A 45 -13.35 12.35 28.67
CA LEU A 45 -12.06 11.69 28.77
C LEU A 45 -10.93 12.67 28.44
N ASP A 46 -11.14 13.55 27.46
CA ASP A 46 -10.13 14.56 27.14
C ASP A 46 -9.96 15.54 28.30
N ARG A 47 -11.07 15.93 28.92
CA ARG A 47 -11.00 16.79 30.10
C ARG A 47 -10.30 16.10 31.26
N LEU A 48 -10.29 14.76 31.28
CA LEU A 48 -9.59 14.03 32.33
C LEU A 48 -8.08 14.01 32.07
N TYR A 49 -7.67 13.73 30.83
CA TYR A 49 -6.25 13.63 30.51
C TYR A 49 -5.53 14.94 30.79
N MET A 50 -6.17 16.07 30.48
CA MET A 50 -5.55 17.37 30.71
C MET A 50 -5.37 17.65 32.19
N LEU A 51 -6.37 17.27 33.01
CA LEU A 51 -6.25 17.46 34.45
C LEU A 51 -5.16 16.56 35.04
N VAL A 52 -5.17 15.28 34.68
CA VAL A 52 -4.11 14.38 35.15
C VAL A 52 -2.77 14.80 34.57
N GLY A 53 -2.77 15.23 33.30
CA GLY A 53 -1.54 15.72 32.70
C GLY A 53 -0.98 16.93 33.41
N THR A 54 -1.86 17.79 33.94
CA THR A 54 -1.40 18.93 34.72
C THR A 54 -0.74 18.47 36.02
N LEU A 55 -1.47 17.68 36.82
CA LEU A 55 -0.95 17.25 38.12
C LEU A 55 0.40 16.55 38.01
N ALA A 56 0.64 15.83 36.90
CA ALA A 56 1.98 15.38 36.59
C ALA A 56 2.91 16.58 36.38
N ALA A 57 2.52 17.50 35.50
CA ALA A 57 3.36 18.66 35.19
C ALA A 57 3.71 19.44 36.43
N ILE A 58 2.76 19.58 37.37
CA ILE A 58 3.02 20.29 38.62
C ILE A 58 4.12 19.58 39.40
N ILE A 59 4.03 18.26 39.51
CA ILE A 59 5.03 17.50 40.26
C ILE A 59 6.40 17.66 39.61
N HIS A 60 6.44 17.55 38.28
CA HIS A 60 7.71 17.70 37.57
C HIS A 60 8.30 19.09 37.79
N GLY A 61 7.44 20.10 37.89
CA GLY A 61 7.93 21.45 38.12
C GLY A 61 8.62 21.60 39.46
N VAL A 62 8.02 21.04 40.52
CA VAL A 62 8.62 21.12 41.85
C VAL A 62 9.77 20.14 42.03
N ALA A 63 9.96 19.20 41.10
CA ALA A 63 10.96 18.14 41.30
C ALA A 63 12.37 18.71 41.41
N LEU A 64 12.68 19.77 40.68
CA LEU A 64 14.02 20.33 40.69
C LEU A 64 14.24 21.25 41.89
N PRO A 65 13.26 22.07 42.29
CA PRO A 65 13.37 22.76 43.59
C PRO A 65 13.73 21.87 44.76
N LEU A 66 13.18 20.65 44.84
CA LEU A 66 13.55 19.76 45.93
C LEU A 66 15.01 19.30 45.80
N MET A 67 15.50 19.14 44.56
CA MET A 67 16.90 18.81 44.38
C MET A 67 17.80 19.93 44.88
N MET A 68 17.34 21.18 44.82
CA MET A 68 18.10 22.28 45.38
C MET A 68 17.98 22.33 46.90
N LEU A 69 16.80 22.00 47.42
CA LEU A 69 16.61 21.95 48.88
C LEU A 69 17.47 20.86 49.50
N ILE A 70 17.49 19.67 48.88
CA ILE A 70 18.34 18.59 49.37
C ILE A 70 19.81 18.97 49.19
N PHE A 71 20.13 19.63 48.08
CA PHE A 71 21.50 20.02 47.82
C PHE A 71 22.02 20.95 48.90
N GLY A 72 21.16 21.80 49.47
CA GLY A 72 21.58 22.61 50.60
C GLY A 72 21.81 21.78 51.84
N ASP A 73 20.83 20.96 52.22
CA ASP A 73 20.99 20.05 53.35
C ASP A 73 22.17 19.11 53.18
N MET A 74 22.59 18.86 51.93
CA MET A 74 23.79 18.07 51.69
C MET A 74 25.04 18.81 52.12
N THR A 75 25.19 20.08 51.70
CA THR A 75 26.39 20.83 52.08
C THR A 75 26.39 21.13 53.57
N ASP A 76 25.21 21.26 54.18
CA ASP A 76 25.14 21.46 55.62
C ASP A 76 25.77 20.29 56.35
N SER A 77 25.53 19.06 55.88
CA SER A 77 26.17 17.90 56.47
C SER A 77 27.68 17.94 56.24
N PHE A 78 28.11 18.39 55.05
CA PHE A 78 29.54 18.50 54.79
C PHE A 78 30.16 19.65 55.57
N ALA A 79 29.45 20.78 55.66
CA ALA A 79 29.97 21.93 56.38
C ALA A 79 30.02 21.67 57.89
N SER A 80 29.07 20.89 58.41
CA SER A 80 29.04 20.63 59.85
C SER A 80 30.29 19.88 60.29
N VAL A 81 30.88 19.08 59.41
CA VAL A 81 32.13 18.36 59.68
C VAL A 81 33.31 18.89 58.89
N GLY A 82 33.08 19.66 57.81
CA GLY A 82 34.17 20.04 56.93
C GLY A 82 35.29 20.78 57.63
N ASN A 83 34.95 21.61 58.62
CA ASN A 83 35.93 22.38 59.37
C ASN A 83 36.31 21.75 60.72
N VAL A 84 35.56 20.75 61.19
CA VAL A 84 35.87 20.16 62.49
C VAL A 84 37.16 19.35 62.42
N SER A 85 37.16 18.32 61.57
CA SER A 85 38.25 17.35 61.51
C SER A 85 39.58 17.95 61.05
N LYS A 86 39.58 19.18 60.54
CA LYS A 86 40.78 19.78 59.95
C LYS A 86 41.53 20.70 60.89
N ASN A 87 40.85 21.68 61.49
CA ASN A 87 41.54 22.66 62.33
C ASN A 87 42.13 22.00 63.57
N SER A 88 41.29 21.32 64.35
CA SER A 88 41.70 20.64 65.57
C SER A 88 41.60 19.14 65.33
N THR A 89 42.67 18.43 65.66
CA THR A 89 42.76 16.97 65.47
C THR A 89 42.55 16.30 66.82
N ASN A 90 41.30 15.93 67.09
CA ASN A 90 40.99 15.23 68.34
C ASN A 90 41.71 13.89 68.39
N MET A 91 41.57 13.08 67.35
CA MET A 91 42.28 11.82 67.21
C MET A 91 42.72 11.65 65.77
N SER A 92 43.70 10.76 65.56
CA SER A 92 44.25 10.54 64.23
C SER A 92 43.39 9.58 63.42
N GLU A 93 42.89 8.52 64.06
CA GLU A 93 42.06 7.52 63.41
C GLU A 93 40.78 7.18 64.17
N ALA A 94 40.70 7.49 65.47
CA ALA A 94 39.44 7.40 66.20
C ALA A 94 38.55 8.62 66.01
N ASP A 95 39.05 9.65 65.31
CA ASP A 95 38.25 10.78 64.87
C ASP A 95 37.75 10.62 63.44
N LYS A 96 38.46 9.84 62.62
CA LYS A 96 37.97 9.51 61.28
C LYS A 96 36.59 8.88 61.37
N ARG A 97 36.48 7.79 62.13
CA ARG A 97 35.20 7.10 62.27
C ARG A 97 34.13 7.98 62.90
N ALA A 98 34.51 8.87 63.82
CA ALA A 98 33.54 9.67 64.54
C ALA A 98 32.76 10.58 63.59
N MET A 99 33.47 11.37 62.79
CA MET A 99 32.80 12.32 61.90
C MET A 99 32.34 11.64 60.61
N PHE A 100 33.12 10.68 60.09
CA PHE A 100 32.77 10.05 58.82
C PHE A 100 31.59 9.09 58.95
N ALA A 101 31.44 8.43 60.10
CA ALA A 101 30.25 7.60 60.31
C ALA A 101 29.00 8.45 60.46
N LYS A 102 29.15 9.74 60.80
CA LYS A 102 28.00 10.63 60.82
C LYS A 102 27.58 10.98 59.40
N LEU A 103 28.55 11.30 58.53
CA LEU A 103 28.23 11.60 57.15
C LEU A 103 27.71 10.37 56.42
N GLU A 104 28.28 9.21 56.70
CA GLU A 104 27.86 7.98 56.04
C GLU A 104 26.38 7.69 56.28
N GLU A 105 25.85 8.12 57.43
CA GLU A 105 24.42 7.96 57.71
C GLU A 105 23.58 9.10 57.18
N GLU A 106 24.14 10.32 57.15
CA GLU A 106 23.41 11.45 56.59
C GLU A 106 23.44 11.43 55.06
N MET A 107 24.55 11.01 54.47
CA MET A 107 24.67 10.99 53.01
C MET A 107 23.94 9.81 52.38
N THR A 108 23.64 8.75 53.14
CA THR A 108 22.80 7.69 52.62
C THR A 108 21.42 8.22 52.27
N THR A 109 20.84 9.02 53.17
CA THR A 109 19.49 9.54 52.94
C THR A 109 19.47 10.53 51.78
N TYR A 110 20.46 11.42 51.71
CA TYR A 110 20.51 12.38 50.61
C TYR A 110 20.69 11.68 49.27
N ALA A 111 21.33 10.51 49.26
CA ALA A 111 21.46 9.74 48.01
C ALA A 111 20.19 8.96 47.70
N TYR A 112 19.57 8.33 48.70
CA TYR A 112 18.25 7.74 48.51
C TYR A 112 17.24 8.78 48.09
N TYR A 113 17.40 10.02 48.57
CA TYR A 113 16.49 11.10 48.17
C TYR A 113 16.68 11.43 46.69
N TYR A 114 17.92 11.60 46.24
CA TYR A 114 18.18 12.00 44.86
C TYR A 114 17.64 10.98 43.86
N THR A 115 17.85 9.69 44.10
CA THR A 115 17.30 8.68 43.20
C THR A 115 15.78 8.64 43.24
N GLY A 116 15.19 8.97 44.40
CA GLY A 116 13.74 8.98 44.50
C GLY A 116 13.07 9.98 43.59
N ILE A 117 13.73 11.11 43.34
CA ILE A 117 13.15 12.12 42.46
C ILE A 117 13.17 11.64 41.01
N GLY A 118 14.32 11.14 40.54
CA GLY A 118 14.43 10.67 39.17
C GLY A 118 13.46 9.54 38.86
N ALA A 119 13.19 8.68 39.85
CA ALA A 119 12.18 7.65 39.68
C ALA A 119 10.78 8.28 39.57
N GLY A 120 10.48 9.23 40.45
CA GLY A 120 9.20 9.92 40.37
C GLY A 120 9.07 10.75 39.11
N VAL A 121 10.18 11.37 38.68
CA VAL A 121 10.18 12.13 37.43
C VAL A 121 9.81 11.22 36.26
N LEU A 122 10.43 10.04 36.21
CA LEU A 122 10.23 9.12 35.10
C LEU A 122 8.75 8.78 34.92
N ILE A 123 8.07 8.47 36.02
CA ILE A 123 6.63 8.25 35.97
C ILE A 123 5.93 9.53 35.54
N VAL A 124 6.17 10.62 36.27
CA VAL A 124 5.41 11.85 36.09
C VAL A 124 5.63 12.42 34.69
N ALA A 125 6.90 12.48 34.27
CA ALA A 125 7.23 13.06 32.98
C ALA A 125 6.56 12.32 31.84
N TYR A 126 6.32 11.02 32.01
CA TYR A 126 5.55 10.28 31.02
C TYR A 126 4.11 10.76 30.97
N ILE A 127 3.48 10.87 32.14
CA ILE A 127 2.06 11.26 32.20
C ILE A 127 1.87 12.65 31.62
N GLN A 128 2.84 13.54 31.84
CA GLN A 128 2.72 14.93 31.41
C GLN A 128 2.56 15.01 29.90
N VAL A 129 3.50 14.45 29.15
CA VAL A 129 3.51 14.59 27.70
C VAL A 129 2.47 13.67 27.07
N SER A 130 2.35 12.45 27.58
CA SER A 130 1.45 11.48 26.97
C SER A 130 0.01 11.97 27.02
N PHE A 131 -0.47 12.36 28.20
CA PHE A 131 -1.88 12.67 28.36
C PHE A 131 -2.26 13.96 27.64
N TRP A 132 -1.34 14.92 27.54
CA TRP A 132 -1.66 16.17 26.86
C TRP A 132 -1.67 16.01 25.35
N CYS A 133 -0.68 15.30 24.79
CA CYS A 133 -0.70 15.03 23.36
C CYS A 133 -1.89 14.15 22.98
N LEU A 134 -2.34 13.30 23.90
CA LEU A 134 -3.50 12.46 23.61
C LEU A 134 -4.78 13.29 23.58
N ALA A 135 -4.98 14.13 24.59
CA ALA A 135 -6.16 14.99 24.62
C ALA A 135 -6.18 15.93 23.43
N ALA A 136 -5.01 16.36 22.96
CA ALA A 136 -4.96 17.20 21.77
C ALA A 136 -5.34 16.39 20.54
N GLY A 137 -4.79 15.17 20.41
CA GLY A 137 -5.06 14.37 19.23
C GLY A 137 -6.52 14.05 19.05
N ARG A 138 -7.21 13.69 20.14
CA ARG A 138 -8.64 13.43 20.05
C ARG A 138 -9.42 14.68 19.64
N GLN A 139 -8.92 15.86 20.01
CA GLN A 139 -9.60 17.10 19.63
C GLN A 139 -9.30 17.49 18.19
N ILE A 140 -8.06 17.34 17.75
CA ILE A 140 -7.69 17.66 16.37
C ILE A 140 -8.51 16.83 15.39
N HIS A 141 -8.66 15.53 15.68
CA HIS A 141 -9.40 14.65 14.79
C HIS A 141 -10.83 15.14 14.62
N LYS A 142 -11.45 15.62 15.70
CA LYS A 142 -12.77 16.23 15.59
C LYS A 142 -12.72 17.56 14.85
N ILE A 143 -11.64 18.32 15.01
CA ILE A 143 -11.57 19.64 14.38
C ILE A 143 -11.44 19.50 12.87
N ARG A 144 -10.56 18.60 12.41
CA ARG A 144 -10.36 18.40 10.97
C ARG A 144 -11.66 18.06 10.27
N GLN A 145 -12.42 17.12 10.82
CA GLN A 145 -13.67 16.74 10.20
C GLN A 145 -14.72 17.84 10.33
N LYS A 146 -14.82 18.46 11.51
CA LYS A 146 -15.77 19.56 11.70
C LYS A 146 -15.41 20.76 10.84
N PHE A 147 -14.11 20.98 10.58
CA PHE A 147 -13.69 22.12 9.77
C PHE A 147 -13.86 21.84 8.28
N PHE A 148 -13.50 20.64 7.83
CA PHE A 148 -13.65 20.32 6.42
C PHE A 148 -15.12 20.28 6.02
N HIS A 149 -15.97 19.65 6.86
CA HIS A 149 -17.40 19.64 6.59
C HIS A 149 -17.96 21.07 6.56
N ALA A 150 -17.42 21.93 7.43
CA ALA A 150 -17.87 23.32 7.46
C ALA A 150 -17.60 24.00 6.12
N ILE A 151 -16.43 23.75 5.54
CA ILE A 151 -16.11 24.34 4.25
C ILE A 151 -17.02 23.79 3.16
N MET A 152 -17.27 22.48 3.19
CA MET A 152 -18.14 21.87 2.18
C MET A 152 -19.59 22.32 2.31
N ASN A 153 -19.97 22.91 3.45
CA ASN A 153 -21.34 23.36 3.67
C ASN A 153 -21.57 24.81 3.26
N GLN A 154 -20.51 25.58 2.99
CA GLN A 154 -20.66 27.00 2.72
C GLN A 154 -21.41 27.25 1.42
N GLU A 155 -21.93 28.47 1.30
CA GLU A 155 -22.60 28.89 0.07
C GLU A 155 -21.57 29.11 -1.03
N ILE A 156 -22.06 29.43 -2.22
CA ILE A 156 -21.21 29.71 -3.37
C ILE A 156 -20.85 31.18 -3.44
N GLY A 157 -21.73 32.06 -2.96
CA GLY A 157 -21.35 33.44 -2.72
C GLY A 157 -20.30 33.57 -1.63
N TRP A 158 -20.23 32.60 -0.72
CA TRP A 158 -19.19 32.60 0.29
C TRP A 158 -17.82 32.37 -0.33
N PHE A 159 -17.72 31.44 -1.28
CA PHE A 159 -16.46 31.21 -1.98
C PHE A 159 -16.07 32.37 -2.87
N ASP A 160 -17.03 33.17 -3.32
CA ASP A 160 -16.72 34.30 -4.19
C ASP A 160 -15.85 35.33 -3.49
N VAL A 161 -16.11 35.61 -2.22
CA VAL A 161 -15.40 36.68 -1.52
C VAL A 161 -14.03 36.23 -1.05
N HIS A 162 -13.93 35.00 -0.56
CA HIS A 162 -12.74 34.55 0.14
C HIS A 162 -11.69 34.05 -0.83
N ASP A 163 -10.42 34.29 -0.50
CA ASP A 163 -9.31 33.78 -1.28
C ASP A 163 -9.15 32.30 -0.97
N VAL A 164 -9.28 31.46 -2.01
CA VAL A 164 -9.25 30.02 -1.81
C VAL A 164 -7.85 29.53 -1.46
N GLY A 165 -6.82 30.21 -1.96
CA GLY A 165 -5.45 29.76 -1.70
C GLY A 165 -5.10 29.75 -0.22
N GLU A 166 -5.40 30.84 0.49
CA GLU A 166 -5.21 30.85 1.93
C GLU A 166 -6.11 29.83 2.61
N LEU A 167 -7.33 29.62 2.09
CA LEU A 167 -8.27 28.70 2.72
C LEU A 167 -7.73 27.28 2.72
N ASN A 168 -7.11 26.85 1.62
CA ASN A 168 -6.59 25.48 1.56
C ASN A 168 -5.43 25.30 2.52
N THR A 169 -4.53 26.29 2.60
CA THR A 169 -3.46 26.24 3.59
C THR A 169 -4.01 26.37 5.00
N ARG A 170 -5.08 27.14 5.18
CA ARG A 170 -5.72 27.27 6.48
C ARG A 170 -6.22 25.93 7.02
N LEU A 171 -6.48 24.96 6.15
CA LEU A 171 -6.92 23.65 6.60
C LEU A 171 -5.81 22.85 7.27
N THR A 172 -4.55 23.15 6.96
CA THR A 172 -3.41 22.42 7.50
C THR A 172 -2.41 23.29 8.26
N ASP A 173 -2.42 24.61 8.05
CA ASP A 173 -1.54 25.52 8.78
C ASP A 173 -2.19 26.01 10.06
N ASP A 174 -3.41 26.52 9.99
CA ASP A 174 -4.10 26.94 11.20
C ASP A 174 -4.43 25.75 12.08
N VAL A 175 -4.77 24.61 11.47
CA VAL A 175 -4.97 23.40 12.25
C VAL A 175 -3.66 22.95 12.89
N SER A 176 -2.55 23.10 12.17
CA SER A 176 -1.26 22.80 12.78
C SER A 176 -0.95 23.78 13.90
N LYS A 177 -1.35 25.05 13.73
CA LYS A 177 -1.09 26.04 14.76
C LYS A 177 -1.87 25.78 16.04
N ILE A 178 -3.09 25.23 15.94
CA ILE A 178 -3.83 24.89 17.15
C ILE A 178 -3.19 23.69 17.84
N ASN A 179 -2.73 22.71 17.06
CA ASN A 179 -2.18 21.49 17.64
C ASN A 179 -0.96 21.77 18.50
N GLU A 180 -0.21 22.84 18.18
CA GLU A 180 0.93 23.21 19.02
C GLU A 180 0.45 23.66 20.40
N GLY A 181 -0.54 24.53 20.45
CA GLY A 181 -0.94 25.18 21.69
C GLY A 181 -2.03 24.49 22.48
N ILE A 182 -2.27 23.21 22.24
CA ILE A 182 -3.11 22.39 23.11
C ILE A 182 -2.49 21.03 23.45
N GLY A 183 -1.30 20.73 22.91
CA GLY A 183 -0.64 19.47 23.19
C GLY A 183 0.24 19.56 24.40
N ASP A 184 1.46 19.04 24.31
CA ASP A 184 2.37 19.02 25.45
C ASP A 184 2.77 20.42 25.89
N LYS A 185 2.65 21.43 25.01
CA LYS A 185 3.10 22.77 25.35
C LYS A 185 2.34 23.38 26.52
N ILE A 186 1.14 22.85 26.84
CA ILE A 186 0.47 23.26 28.07
C ILE A 186 1.07 22.53 29.26
N GLY A 187 1.41 21.26 29.09
CA GLY A 187 2.10 20.53 30.15
C GLY A 187 3.42 21.17 30.53
N MET A 188 4.15 21.68 29.54
CA MET A 188 5.41 22.35 29.82
C MET A 188 5.18 23.71 30.47
N PHE A 189 4.01 24.32 30.28
CA PHE A 189 3.71 25.58 30.95
C PHE A 189 3.43 25.35 32.43
N PHE A 190 2.51 24.44 32.75
CA PHE A 190 2.22 24.14 34.14
C PHE A 190 3.42 23.55 34.86
N GLN A 191 4.37 22.96 34.13
CA GLN A 191 5.63 22.55 34.75
C GLN A 191 6.46 23.76 35.14
N ALA A 192 6.62 24.72 34.22
CA ALA A 192 7.45 25.88 34.50
C ALA A 192 6.82 26.77 35.58
N MET A 193 5.50 26.93 35.55
CA MET A 193 4.85 27.74 36.59
C MET A 193 4.87 27.04 37.93
N ALA A 194 4.87 25.71 37.95
CA ALA A 194 5.03 24.99 39.21
C ALA A 194 6.44 25.08 39.75
N THR A 195 7.41 25.46 38.92
CA THR A 195 8.76 25.77 39.37
C THR A 195 8.88 27.23 39.81
N PHE A 196 8.21 28.13 39.09
CA PHE A 196 8.23 29.55 39.46
C PHE A 196 7.70 29.75 40.88
N PHE A 197 6.54 29.16 41.18
CA PHE A 197 6.02 29.20 42.54
C PHE A 197 6.74 28.19 43.43
N GLY A 198 7.06 27.01 42.89
CA GLY A 198 7.79 26.04 43.67
C GLY A 198 9.18 26.50 44.07
N GLY A 199 9.78 27.37 43.26
CA GLY A 199 11.12 27.87 43.53
C GLY A 199 11.16 29.04 44.49
N PHE A 200 10.33 30.06 44.24
CA PHE A 200 10.28 31.19 45.17
C PHE A 200 9.66 30.82 46.50
N ILE A 201 8.93 29.70 46.58
CA ILE A 201 8.42 29.24 47.88
C ILE A 201 9.56 28.78 48.77
N ILE A 202 10.32 27.77 48.31
CA ILE A 202 11.37 27.20 49.15
C ILE A 202 12.46 28.22 49.44
N GLY A 203 12.63 29.21 48.55
CA GLY A 203 13.57 30.27 48.84
C GLY A 203 13.18 31.07 50.07
N PHE A 204 11.91 31.47 50.15
CA PHE A 204 11.45 32.27 51.28
C PHE A 204 11.37 31.43 52.55
N THR A 205 10.88 30.20 52.46
CA THR A 205 10.64 29.41 53.65
C THR A 205 11.92 28.91 54.30
N ARG A 206 13.01 28.78 53.53
CA ARG A 206 14.32 28.43 54.08
C ARG A 206 15.19 29.65 54.35
N GLY A 207 14.85 30.82 53.80
CA GLY A 207 15.58 32.04 54.07
C GLY A 207 15.15 33.19 53.18
N TRP A 208 14.34 34.10 53.73
CA TRP A 208 13.68 35.11 52.92
C TRP A 208 14.50 36.38 52.70
N LYS A 209 15.48 36.68 53.55
CA LYS A 209 16.26 37.90 53.36
C LYS A 209 17.04 37.87 52.05
N LEU A 210 17.70 36.74 51.77
CA LEU A 210 18.58 36.69 50.60
C LEU A 210 17.80 36.63 49.29
N THR A 211 16.59 36.08 49.32
CA THR A 211 15.78 36.04 48.11
C THR A 211 15.30 37.44 47.75
N LEU A 212 14.79 38.18 48.74
CA LEU A 212 14.29 39.52 48.49
C LEU A 212 15.39 40.46 48.01
N VAL A 213 16.65 40.17 48.31
CA VAL A 213 17.76 40.84 47.65
C VAL A 213 17.69 40.58 46.15
N ILE A 214 17.60 39.30 45.77
CA ILE A 214 17.65 38.92 44.37
C ILE A 214 16.42 39.44 43.63
N LEU A 215 15.25 39.35 44.25
CA LEU A 215 14.04 39.84 43.61
C LEU A 215 14.01 41.36 43.50
N ALA A 216 14.97 42.07 44.10
CA ALA A 216 15.12 43.50 43.89
C ALA A 216 15.97 43.84 42.67
N ILE A 217 16.84 42.94 42.22
CA ILE A 217 17.66 43.18 41.03
C ILE A 217 17.01 42.57 39.79
N SER A 218 16.24 41.49 39.99
CA SER A 218 15.61 40.82 38.84
C SER A 218 14.66 41.71 38.03
N PRO A 219 13.96 42.71 38.59
CA PRO A 219 13.26 43.65 37.72
C PRO A 219 14.20 44.38 36.77
N VAL A 220 15.43 44.62 37.18
CA VAL A 220 16.42 45.23 36.27
C VAL A 220 16.77 44.25 35.15
N LEU A 221 16.68 42.94 35.41
CA LEU A 221 16.99 41.94 34.40
C LEU A 221 15.80 41.73 33.46
N GLY A 222 14.60 41.57 34.02
CA GLY A 222 13.41 41.52 33.18
C GLY A 222 13.21 42.79 32.39
N LEU A 223 13.67 43.93 32.93
CA LEU A 223 13.66 45.17 32.17
C LEU A 223 14.74 45.15 31.09
N SER A 224 15.96 44.75 31.46
CA SER A 224 17.08 44.74 30.52
C SER A 224 16.81 43.79 29.36
N ALA A 225 16.11 42.69 29.59
CA ALA A 225 15.82 41.75 28.52
C ALA A 225 14.81 42.33 27.53
N GLY A 226 13.75 42.97 28.05
CA GLY A 226 12.70 43.46 27.17
C GLY A 226 13.12 44.65 26.33
N ILE A 227 13.98 45.52 26.88
CA ILE A 227 14.37 46.73 26.14
C ILE A 227 15.13 46.36 24.87
N TRP A 228 15.95 45.31 24.92
CA TRP A 228 16.73 44.93 23.75
C TRP A 228 15.86 44.23 22.72
N ALA A 229 14.95 43.35 23.15
CA ALA A 229 14.04 42.70 22.23
C ALA A 229 13.19 43.71 21.47
N LYS A 230 12.96 44.89 22.06
CA LYS A 230 12.32 45.98 21.32
C LYS A 230 13.27 46.60 20.32
N ILE A 231 14.57 46.65 20.64
CA ILE A 231 15.55 47.21 19.71
C ILE A 231 16.00 46.16 18.69
N LEU A 232 16.02 44.88 19.08
CA LEU A 232 16.38 43.85 18.12
C LEU A 232 15.28 43.65 17.09
N SER A 233 14.02 43.75 17.52
CA SER A 233 12.91 43.79 16.57
C SER A 233 12.89 45.09 15.77
N SER A 234 13.53 46.15 16.28
CA SER A 234 13.64 47.38 15.50
C SER A 234 14.62 47.21 14.35
N PHE A 235 15.84 46.73 14.64
CA PHE A 235 16.81 46.49 13.59
C PHE A 235 16.51 45.23 12.78
N THR A 236 15.45 44.48 13.11
CA THR A 236 15.02 43.37 12.26
C THR A 236 14.22 43.89 11.07
N ASP A 237 13.01 44.40 11.33
CA ASP A 237 12.10 44.80 10.26
C ASP A 237 12.66 45.94 9.41
N LYS A 238 13.62 46.70 9.94
CA LYS A 238 14.35 47.66 9.12
C LYS A 238 15.20 46.97 8.05
N GLU A 239 15.49 45.68 8.21
CA GLU A 239 16.36 44.97 7.29
C GLU A 239 15.61 44.39 6.09
N LEU A 240 14.40 43.87 6.29
CA LEU A 240 13.66 43.27 5.18
C LEU A 240 13.27 44.33 4.16
N HIS A 241 12.89 45.52 4.62
CA HIS A 241 12.61 46.63 3.72
C HIS A 241 13.87 47.26 3.13
N ALA A 242 15.05 46.87 3.60
CA ALA A 242 16.31 47.36 3.05
C ALA A 242 16.76 46.56 1.85
N TYR A 243 16.73 45.23 1.95
CA TYR A 243 17.03 44.38 0.81
C TYR A 243 15.90 44.33 -0.20
N ALA A 244 14.67 44.68 0.22
CA ALA A 244 13.53 44.66 -0.70
C ALA A 244 13.77 45.55 -1.91
N LYS A 245 14.59 46.60 -1.76
CA LYS A 245 14.98 47.40 -2.92
C LYS A 245 15.89 46.59 -3.84
N ALA A 246 16.89 45.92 -3.27
CA ALA A 246 17.81 45.12 -4.09
C ALA A 246 17.11 43.87 -4.63
N GLY A 247 16.42 43.13 -3.76
CA GLY A 247 15.72 41.92 -4.16
C GLY A 247 14.63 42.16 -5.18
N ALA A 248 14.14 43.40 -5.29
CA ALA A 248 13.22 43.74 -6.38
C ALA A 248 13.94 43.85 -7.70
N VAL A 249 15.21 44.28 -7.68
CA VAL A 249 16.02 44.28 -8.90
C VAL A 249 16.38 42.86 -9.27
N ALA A 250 16.61 42.00 -8.27
CA ALA A 250 16.93 40.61 -8.55
C ALA A 250 15.76 39.91 -9.21
N GLU A 251 14.54 40.12 -8.71
CA GLU A 251 13.37 39.46 -9.27
C GLU A 251 13.07 39.95 -10.67
N GLU A 252 13.32 41.23 -10.96
CA GLU A 252 13.03 41.76 -12.28
C GLU A 252 13.99 41.19 -13.32
N VAL A 253 15.29 41.17 -13.01
CA VAL A 253 16.29 40.70 -13.96
C VAL A 253 16.05 39.22 -14.28
N LEU A 254 16.10 38.37 -13.25
CA LEU A 254 16.08 36.93 -13.44
C LEU A 254 14.78 36.42 -14.07
N ALA A 255 13.74 37.25 -14.12
CA ALA A 255 12.56 36.95 -14.91
C ALA A 255 12.67 37.48 -16.33
N ALA A 256 13.47 38.53 -16.54
CA ALA A 256 13.69 39.14 -17.85
C ALA A 256 15.06 38.80 -18.43
N ILE A 257 15.65 37.68 -18.00
CA ILE A 257 17.04 37.37 -18.34
C ILE A 257 17.23 37.24 -19.85
N ARG A 258 16.21 36.77 -20.57
CA ARG A 258 16.34 36.59 -22.01
C ARG A 258 16.61 37.92 -22.70
N THR A 259 15.95 38.99 -22.25
CA THR A 259 16.24 40.31 -22.78
C THR A 259 17.58 40.82 -22.31
N VAL A 260 17.98 40.48 -21.08
CA VAL A 260 19.26 40.93 -20.54
C VAL A 260 20.41 40.34 -21.36
N ILE A 261 20.40 39.02 -21.55
CA ILE A 261 21.46 38.39 -22.33
C ILE A 261 21.37 38.83 -23.79
N ALA A 262 20.17 39.00 -24.31
CA ALA A 262 20.01 39.36 -25.72
C ALA A 262 20.64 40.71 -26.02
N PHE A 263 20.50 41.67 -25.09
CA PHE A 263 21.09 42.99 -25.24
C PHE A 263 22.38 43.17 -24.44
N GLY A 264 22.88 42.12 -23.79
CA GLY A 264 24.20 42.15 -23.19
C GLY A 264 24.36 43.15 -22.07
N GLY A 265 23.30 43.38 -21.28
CA GLY A 265 23.39 44.27 -20.14
C GLY A 265 23.72 43.52 -18.86
N GLN A 266 24.54 42.48 -18.97
CA GLN A 266 24.85 41.63 -17.83
C GLN A 266 25.79 42.31 -16.84
N LYS A 267 26.44 43.40 -17.24
CA LYS A 267 27.23 44.23 -16.32
C LYS A 267 26.47 45.45 -15.84
N LYS A 268 25.50 45.94 -16.62
CA LYS A 268 24.73 47.11 -16.22
C LYS A 268 23.70 46.76 -15.15
N GLU A 269 23.15 45.55 -15.18
CA GLU A 269 22.25 45.09 -14.14
C GLU A 269 22.99 44.72 -12.86
N LEU A 270 24.29 44.42 -12.96
CA LEU A 270 25.09 44.14 -11.77
C LEU A 270 25.31 45.41 -10.95
N GLU A 271 25.49 46.55 -11.62
CA GLU A 271 25.72 47.80 -10.90
C GLU A 271 24.46 48.29 -10.22
N ARG A 272 23.31 48.17 -10.88
CA ARG A 272 22.04 48.53 -10.23
C ARG A 272 21.80 47.68 -9.00
N TYR A 273 22.05 46.37 -9.12
CA TYR A 273 21.88 45.49 -7.97
C TYR A 273 22.90 45.78 -6.88
N ASN A 274 24.09 46.27 -7.25
CA ASN A 274 25.14 46.51 -6.27
C ASN A 274 24.97 47.87 -5.59
N ASN A 275 24.59 48.91 -6.34
CA ASN A 275 24.41 50.23 -5.76
C ASN A 275 23.30 50.27 -4.73
N ASN A 276 22.37 49.32 -4.76
CA ASN A 276 21.29 49.20 -3.79
C ASN A 276 21.55 48.09 -2.77
N LEU A 277 22.81 47.66 -2.62
CA LEU A 277 23.15 46.52 -1.78
C LEU A 277 23.93 46.88 -0.53
N GLU A 278 24.55 48.06 -0.48
CA GLU A 278 25.31 48.46 0.70
C GLU A 278 24.42 48.95 1.83
N GLU A 279 23.16 49.28 1.54
CA GLU A 279 22.26 49.76 2.59
C GLU A 279 22.05 48.69 3.66
N ALA A 280 21.72 47.47 3.23
CA ALA A 280 21.48 46.38 4.18
C ALA A 280 22.76 45.85 4.82
N LYS A 281 23.93 46.31 4.39
CA LYS A 281 25.18 45.93 5.05
C LYS A 281 25.42 46.80 6.28
N ARG A 282 25.44 48.13 6.09
CA ARG A 282 25.64 49.05 7.20
C ARG A 282 24.54 48.90 8.24
N LEU A 283 23.31 48.62 7.79
CA LEU A 283 22.22 48.35 8.71
C LEU A 283 22.44 47.01 9.42
N GLY A 284 22.95 46.01 8.69
CA GLY A 284 23.19 44.71 9.29
C GLY A 284 24.22 44.74 10.40
N ILE A 285 25.17 45.69 10.33
CA ILE A 285 26.15 45.84 11.40
C ILE A 285 25.48 46.39 12.65
N LYS A 286 24.62 47.39 12.48
CA LYS A 286 23.92 47.97 13.63
C LYS A 286 23.06 46.95 14.35
N LYS A 287 22.66 45.87 13.67
CA LYS A 287 22.08 44.73 14.35
C LYS A 287 23.17 43.83 14.94
N ALA A 288 24.26 43.61 14.20
CA ALA A 288 25.31 42.71 14.66
C ALA A 288 25.96 43.23 15.93
N ILE A 289 26.21 44.54 16.00
CA ILE A 289 26.65 45.16 17.26
C ILE A 289 25.59 44.95 18.33
N THR A 290 24.38 45.47 18.08
CA THR A 290 23.34 45.50 19.10
C THR A 290 22.96 44.10 19.57
N ALA A 291 22.99 43.12 18.67
CA ALA A 291 22.62 41.76 19.04
C ALA A 291 23.54 41.21 20.13
N ASN A 292 24.82 41.57 20.08
CA ASN A 292 25.79 41.10 21.05
C ASN A 292 25.89 41.99 22.27
N ILE A 293 25.54 43.28 22.15
CA ILE A 293 25.36 44.11 23.34
C ILE A 293 24.25 43.52 24.21
N SER A 294 23.14 43.14 23.58
CA SER A 294 22.00 42.61 24.32
C SER A 294 22.37 41.34 25.07
N MET A 295 23.28 40.54 24.52
CA MET A 295 23.81 39.38 25.22
C MET A 295 24.67 39.86 26.39
N GLY A 296 25.81 40.49 26.07
CA GLY A 296 26.76 40.87 27.10
C GLY A 296 26.18 41.79 28.16
N ALA A 297 25.25 42.66 27.78
CA ALA A 297 24.56 43.49 28.76
C ALA A 297 23.77 42.63 29.74
N ALA A 298 22.95 41.72 29.21
CA ALA A 298 22.18 40.84 30.08
C ALA A 298 23.05 39.77 30.72
N PHE A 299 24.16 39.40 30.07
CA PHE A 299 25.07 38.43 30.68
C PHE A 299 25.89 39.04 31.81
N LEU A 300 26.24 40.32 31.68
CA LEU A 300 26.85 41.05 32.79
C LEU A 300 25.95 41.00 34.01
N LEU A 301 24.66 41.29 33.82
CA LEU A 301 23.74 41.38 34.95
C LEU A 301 23.48 40.03 35.62
N ILE A 302 23.85 38.92 34.98
CA ILE A 302 23.90 37.64 35.68
C ILE A 302 25.08 37.62 36.65
N TYR A 303 26.28 37.88 36.13
CA TYR A 303 27.48 37.87 36.96
C TYR A 303 27.40 38.95 38.04
N ALA A 304 26.76 40.08 37.74
CA ALA A 304 26.60 41.14 38.74
C ALA A 304 25.64 40.70 39.83
N SER A 305 24.47 40.16 39.44
CA SER A 305 23.54 39.62 40.42
C SER A 305 24.10 38.38 41.12
N TYR A 306 25.11 37.74 40.53
CA TYR A 306 25.77 36.63 41.21
C TYR A 306 26.56 37.14 42.41
N ALA A 307 27.40 38.16 42.20
CA ALA A 307 28.21 38.69 43.28
C ALA A 307 27.34 39.31 44.37
N LEU A 308 26.34 40.10 43.96
CA LEU A 308 25.54 40.82 44.95
C LEU A 308 24.75 39.86 45.84
N ALA A 309 24.45 38.66 45.34
CA ALA A 309 23.81 37.64 46.17
C ALA A 309 24.82 36.80 46.94
N PHE A 310 26.01 36.60 46.38
CA PHE A 310 27.05 35.85 47.08
C PHE A 310 27.76 36.72 48.11
N TRP A 311 28.06 37.97 47.76
CA TRP A 311 28.64 38.91 48.71
C TRP A 311 27.75 39.07 49.94
N TYR A 312 26.44 39.16 49.74
CA TYR A 312 25.50 39.29 50.84
C TYR A 312 25.20 37.94 51.48
N GLY A 313 25.16 36.87 50.68
CA GLY A 313 24.93 35.55 51.24
C GLY A 313 26.07 35.06 52.10
N THR A 314 27.29 35.48 51.80
CA THR A 314 28.43 35.10 52.64
C THR A 314 28.42 35.86 53.97
N SER A 315 27.92 37.08 53.97
CA SER A 315 27.89 37.85 55.22
C SER A 315 26.90 37.27 56.22
N LEU A 316 25.91 36.51 55.75
CA LEU A 316 24.89 35.94 56.63
C LEU A 316 25.28 34.58 57.18
N VAL A 317 26.29 33.92 56.64
CA VAL A 317 26.77 32.66 57.21
C VAL A 317 27.86 32.90 58.25
N ILE A 318 28.65 33.97 58.09
CA ILE A 318 29.68 34.30 59.07
C ILE A 318 29.06 34.54 60.43
N SER A 319 27.90 35.20 60.46
CA SER A 319 27.19 35.50 61.70
C SER A 319 26.36 34.32 62.22
N LYS A 320 26.52 33.12 61.65
CA LYS A 320 25.81 31.93 62.08
C LYS A 320 24.29 32.08 61.95
N GLU A 321 23.82 32.98 61.09
CA GLU A 321 22.38 33.05 60.80
C GLU A 321 21.98 31.93 59.84
N TYR A 322 22.60 31.92 58.67
CA TYR A 322 22.42 30.86 57.68
C TYR A 322 23.56 29.86 57.77
N SER A 323 23.37 28.74 57.08
CA SER A 323 24.44 27.81 56.77
C SER A 323 24.85 28.02 55.32
N ILE A 324 25.86 27.27 54.89
CA ILE A 324 26.23 27.31 53.47
C ILE A 324 25.17 26.60 52.63
N GLY A 325 24.45 25.64 53.22
CA GLY A 325 23.41 24.97 52.49
C GLY A 325 22.20 25.85 52.25
N GLN A 326 21.90 26.73 53.20
CA GLN A 326 20.76 27.63 53.03
C GLN A 326 20.99 28.60 51.89
N VAL A 327 22.20 29.18 51.80
CA VAL A 327 22.50 30.12 50.72
C VAL A 327 22.42 29.41 49.37
N LEU A 328 23.02 28.23 49.25
CA LEU A 328 23.09 27.58 47.94
C LEU A 328 21.73 27.08 47.49
N THR A 329 20.83 26.75 48.43
CA THR A 329 19.46 26.43 48.05
C THR A 329 18.74 27.67 47.54
N VAL A 330 18.68 28.72 48.36
CA VAL A 330 17.83 29.87 48.03
C VAL A 330 18.34 30.57 46.77
N PHE A 331 19.67 30.68 46.63
CA PHE A 331 20.20 31.38 45.47
C PHE A 331 19.86 30.67 44.17
N PHE A 332 20.08 29.35 44.13
CA PHE A 332 19.68 28.60 42.94
C PHE A 332 18.17 28.60 42.79
N SER A 333 17.45 28.19 43.84
CA SER A 333 15.99 28.03 43.78
C SER A 333 15.28 29.31 43.33
N VAL A 334 15.89 30.48 43.56
CA VAL A 334 15.36 31.70 42.98
C VAL A 334 15.67 31.74 41.48
N LEU A 335 16.93 31.50 41.11
CA LEU A 335 17.31 31.60 39.70
C LEU A 335 16.58 30.54 38.87
N ILE A 336 16.36 29.36 39.44
CA ILE A 336 15.55 28.36 38.75
C ILE A 336 14.12 28.88 38.59
N GLY A 337 13.51 29.31 39.71
CA GLY A 337 12.17 29.86 39.63
C GLY A 337 12.09 31.13 38.81
N ALA A 338 13.18 31.90 38.76
CA ALA A 338 13.20 33.13 37.99
C ALA A 338 13.38 32.84 36.51
N PHE A 339 14.33 31.94 36.17
CA PHE A 339 14.48 31.51 34.79
C PHE A 339 13.31 30.68 34.30
N SER A 340 12.46 30.18 35.20
CA SER A 340 11.27 29.44 34.78
C SER A 340 10.30 30.31 33.98
N VAL A 341 10.37 31.63 34.15
CA VAL A 341 9.56 32.54 33.34
C VAL A 341 9.94 32.37 31.87
N GLY A 342 11.21 32.57 31.56
CA GLY A 342 11.69 32.50 30.19
C GLY A 342 11.47 31.17 29.52
N GLN A 343 11.32 30.10 30.30
CA GLN A 343 11.02 28.79 29.75
C GLN A 343 9.54 28.62 29.43
N ALA A 344 8.67 29.48 29.97
CA ALA A 344 7.24 29.45 29.69
C ALA A 344 6.81 30.54 28.72
N SER A 345 7.71 31.41 28.28
CA SER A 345 7.36 32.43 27.29
C SER A 345 6.85 31.83 25.99
N PRO A 346 7.58 30.93 25.31
CA PRO A 346 7.07 30.42 24.03
C PRO A 346 5.86 29.52 24.16
N ASN A 347 5.75 28.78 25.27
CA ASN A 347 4.57 27.94 25.48
C ASN A 347 3.30 28.78 25.59
N ILE A 348 3.40 30.01 26.10
CA ILE A 348 2.28 30.92 26.07
C ILE A 348 1.99 31.35 24.63
N GLU A 349 3.02 31.77 23.91
CA GLU A 349 2.84 32.26 22.55
C GLU A 349 2.24 31.18 21.66
N ALA A 350 2.65 29.92 21.87
CA ALA A 350 2.04 28.81 21.14
C ALA A 350 0.56 28.68 21.50
N PHE A 351 0.22 28.82 22.78
CA PHE A 351 -1.17 28.77 23.18
C PHE A 351 -1.96 29.97 22.65
N ALA A 352 -1.32 31.14 22.56
CA ALA A 352 -1.99 32.33 22.05
C ALA A 352 -2.07 32.31 20.52
N ASN A 353 -1.01 31.88 19.86
CA ASN A 353 -1.08 31.65 18.41
C ASN A 353 -2.15 30.61 18.10
N ALA A 354 -2.28 29.60 18.97
CA ALA A 354 -3.28 28.57 18.77
C ALA A 354 -4.69 29.14 18.92
N ARG A 355 -4.88 30.05 19.86
CA ARG A 355 -6.16 30.75 19.95
C ARG A 355 -6.40 31.61 18.72
N GLY A 356 -5.35 32.30 18.25
CA GLY A 356 -5.51 33.16 17.08
C GLY A 356 -5.90 32.40 15.84
N ALA A 357 -5.21 31.28 15.58
CA ALA A 357 -5.55 30.45 14.44
C ALA A 357 -6.91 29.77 14.63
N ALA A 358 -7.25 29.41 15.88
CA ALA A 358 -8.53 28.79 16.14
C ALA A 358 -9.71 29.72 15.90
N TYR A 359 -9.50 31.03 15.93
CA TYR A 359 -10.58 31.97 15.69
C TYR A 359 -11.06 31.88 14.25
N GLU A 360 -10.14 31.96 13.29
CA GLU A 360 -10.51 31.88 11.88
C GLU A 360 -11.11 30.53 11.54
N VAL A 361 -10.76 29.47 12.28
CA VAL A 361 -11.31 28.14 12.03
C VAL A 361 -12.72 28.04 12.59
N PHE A 362 -12.87 28.27 13.90
CA PHE A 362 -14.15 28.12 14.56
C PHE A 362 -15.22 29.03 13.97
N LYS A 363 -14.81 30.14 13.34
CA LYS A 363 -15.75 30.98 12.61
C LYS A 363 -16.45 30.19 11.52
N ILE A 364 -15.71 29.35 10.79
CA ILE A 364 -16.28 28.64 9.65
C ILE A 364 -17.21 27.54 10.14
N ILE A 365 -16.87 26.88 11.24
CA ILE A 365 -17.69 25.79 11.74
C ILE A 365 -19.04 26.30 12.23
N ASP A 366 -19.03 27.44 12.93
CA ASP A 366 -20.26 28.00 13.48
C ASP A 366 -21.04 28.84 12.48
N ASN A 367 -20.47 29.14 11.31
CA ASN A 367 -21.19 29.87 10.28
C ASN A 367 -22.18 28.94 9.60
N LYS A 368 -23.46 29.33 9.60
CA LYS A 368 -24.54 28.53 9.04
C LYS A 368 -25.05 29.23 7.79
N PRO A 369 -25.26 28.52 6.67
CA PRO A 369 -25.69 29.19 5.45
C PRO A 369 -27.21 29.17 5.31
N SER A 370 -27.71 30.10 4.48
CA SER A 370 -29.13 30.10 4.17
C SER A 370 -29.47 28.98 3.21
N ILE A 371 -28.62 28.74 2.22
CA ILE A 371 -28.79 27.65 1.26
C ILE A 371 -27.95 26.50 1.80
N ASP A 372 -28.59 25.64 2.60
CA ASP A 372 -27.90 24.51 3.22
C ASP A 372 -27.95 23.33 2.26
N SER A 373 -26.79 22.97 1.69
CA SER A 373 -26.71 21.82 0.79
C SER A 373 -26.84 20.49 1.53
N PHE A 374 -26.84 20.49 2.87
CA PHE A 374 -27.00 19.29 3.68
C PHE A 374 -28.36 19.16 4.34
N SER A 375 -29.15 20.23 4.40
CA SER A 375 -30.42 20.17 5.10
C SER A 375 -31.40 19.25 4.36
N LYS A 376 -32.51 18.95 5.03
CA LYS A 376 -33.51 18.00 4.54
C LYS A 376 -34.91 18.58 4.70
N SER A 377 -35.08 19.86 4.37
CA SER A 377 -36.30 20.59 4.69
C SER A 377 -37.34 20.49 3.57
N GLY A 378 -36.99 20.95 2.37
CA GLY A 378 -37.95 21.18 1.32
C GLY A 378 -38.56 19.90 0.76
N HIS A 379 -39.49 20.10 -0.19
CA HIS A 379 -40.15 19.00 -0.88
C HIS A 379 -39.19 18.30 -1.83
N LYS A 380 -39.61 17.12 -2.30
CA LYS A 380 -38.85 16.33 -3.27
C LYS A 380 -39.81 15.77 -4.29
N PRO A 381 -40.38 16.62 -5.15
CA PRO A 381 -41.50 16.20 -6.00
C PRO A 381 -41.04 15.20 -7.06
N ASP A 382 -41.81 14.13 -7.23
CA ASP A 382 -41.57 13.12 -8.24
C ASP A 382 -42.36 13.41 -9.50
N ASN A 383 -41.96 12.76 -10.60
CA ASN A 383 -42.59 12.93 -11.91
C ASN A 383 -42.59 14.39 -12.34
N ILE A 384 -41.38 14.93 -12.49
CA ILE A 384 -41.20 16.35 -12.79
C ILE A 384 -41.24 16.49 -14.31
N GLN A 385 -42.13 17.35 -14.79
CA GLN A 385 -42.26 17.58 -16.23
C GLN A 385 -41.20 18.55 -16.74
N GLY A 386 -40.75 19.49 -15.92
CA GLY A 386 -39.75 20.46 -16.32
C GLY A 386 -40.26 21.82 -16.76
N ASN A 387 -41.45 22.23 -16.33
CA ASN A 387 -41.94 23.57 -16.61
C ASN A 387 -41.17 24.57 -15.75
N LEU A 388 -40.30 25.36 -16.39
CA LEU A 388 -39.47 26.34 -15.70
C LEU A 388 -40.06 27.74 -15.88
N GLU A 389 -39.89 28.57 -14.85
CA GLU A 389 -40.36 29.94 -14.91
C GLU A 389 -39.44 30.85 -14.10
N PHE A 390 -39.12 32.01 -14.69
CA PHE A 390 -38.46 33.12 -14.03
C PHE A 390 -39.46 34.26 -13.90
N LYS A 391 -39.56 34.84 -12.70
CA LYS A 391 -40.59 35.84 -12.39
C LYS A 391 -39.94 37.05 -11.74
N ASN A 392 -39.76 38.12 -12.53
CA ASN A 392 -39.33 39.42 -12.00
C ASN A 392 -38.03 39.32 -11.23
N ILE A 393 -37.04 38.65 -11.84
CA ILE A 393 -35.78 38.38 -11.17
C ILE A 393 -34.91 39.64 -11.21
N HIS A 394 -34.48 40.09 -10.04
CA HIS A 394 -33.43 41.08 -9.90
C HIS A 394 -32.32 40.43 -9.10
N PHE A 395 -31.09 40.50 -9.60
CA PHE A 395 -29.97 39.82 -8.97
C PHE A 395 -28.70 40.63 -9.16
N SER A 396 -27.87 40.63 -8.11
CA SER A 396 -26.53 41.20 -8.15
C SER A 396 -25.61 40.21 -7.45
N TYR A 397 -24.47 39.92 -8.05
CA TYR A 397 -23.52 39.02 -7.41
C TYR A 397 -23.04 39.64 -6.10
N PRO A 398 -22.61 38.81 -5.14
CA PRO A 398 -22.22 39.36 -3.83
C PRO A 398 -20.93 40.15 -3.83
N SER A 399 -20.16 40.13 -4.92
CA SER A 399 -18.95 40.94 -4.97
C SER A 399 -19.26 42.42 -5.13
N ARG A 400 -20.32 42.76 -5.87
CA ARG A 400 -20.73 44.15 -6.10
C ARG A 400 -22.25 44.27 -6.09
N LYS A 401 -22.82 44.61 -4.92
CA LYS A 401 -24.27 44.77 -4.86
C LYS A 401 -24.70 45.99 -5.67
N GLU A 402 -23.85 47.01 -5.73
CA GLU A 402 -24.24 48.29 -6.33
C GLU A 402 -24.59 48.12 -7.80
N VAL A 403 -23.78 47.39 -8.55
CA VAL A 403 -24.11 47.09 -9.94
C VAL A 403 -25.12 45.96 -9.93
N GLN A 404 -26.14 46.08 -10.76
CA GLN A 404 -27.12 45.02 -10.98
C GLN A 404 -26.85 44.33 -12.31
N ILE A 405 -26.89 43.00 -12.30
CA ILE A 405 -26.74 42.21 -13.51
C ILE A 405 -28.09 41.91 -14.14
N LEU A 406 -29.03 41.43 -13.33
CA LEU A 406 -30.39 41.12 -13.76
C LEU A 406 -31.35 42.15 -13.17
N LYS A 407 -32.29 42.62 -14.00
CA LYS A 407 -33.28 43.61 -13.57
C LYS A 407 -34.61 43.25 -14.21
N GLY A 408 -35.54 42.74 -13.42
CA GLY A 408 -36.88 42.45 -13.89
C GLY A 408 -36.92 41.44 -15.01
N LEU A 409 -36.24 40.31 -14.82
CA LEU A 409 -36.14 39.27 -15.84
C LEU A 409 -37.30 38.30 -15.68
N ASN A 410 -38.08 38.13 -16.74
CA ASN A 410 -39.16 37.15 -16.80
C ASN A 410 -38.92 36.22 -17.99
N LEU A 411 -39.10 34.92 -17.75
CA LEU A 411 -38.85 33.92 -18.78
C LEU A 411 -39.50 32.61 -18.36
N LYS A 412 -40.20 31.97 -19.30
CA LYS A 412 -40.76 30.64 -19.10
C LYS A 412 -40.14 29.67 -20.10
N VAL A 413 -40.05 28.41 -19.71
CA VAL A 413 -39.53 27.34 -20.56
C VAL A 413 -40.48 26.15 -20.43
N LYS A 414 -41.11 25.76 -21.54
CA LYS A 414 -42.09 24.68 -21.49
C LYS A 414 -41.40 23.32 -21.48
N SER A 415 -42.13 22.32 -20.98
CA SER A 415 -41.54 21.01 -20.69
C SER A 415 -41.03 20.35 -21.96
N GLY A 416 -39.81 19.81 -21.87
CA GLY A 416 -39.18 19.18 -23.01
C GLY A 416 -38.61 20.12 -24.04
N GLN A 417 -38.92 21.40 -23.97
CA GLN A 417 -38.47 22.37 -24.95
C GLN A 417 -37.03 22.78 -24.66
N THR A 418 -36.39 23.36 -25.68
CA THR A 418 -35.06 23.93 -25.56
C THR A 418 -35.14 25.42 -25.81
N VAL A 419 -34.57 26.20 -24.89
CA VAL A 419 -34.43 27.65 -25.03
C VAL A 419 -32.96 27.98 -25.06
N ALA A 420 -32.58 28.92 -25.93
CA ALA A 420 -31.22 29.39 -26.06
C ALA A 420 -31.17 30.87 -25.70
N LEU A 421 -30.27 31.22 -24.78
CA LEU A 421 -30.08 32.59 -24.33
C LEU A 421 -28.87 33.19 -25.03
N VAL A 422 -29.02 34.44 -25.50
CA VAL A 422 -27.99 35.12 -26.27
C VAL A 422 -27.94 36.58 -25.85
N GLY A 423 -26.81 37.21 -26.12
CA GLY A 423 -26.63 38.60 -25.76
C GLY A 423 -25.17 38.99 -25.88
N ASN A 424 -24.89 40.21 -25.42
CA ASN A 424 -23.54 40.77 -25.47
C ASN A 424 -22.76 40.41 -24.21
N SER A 425 -21.98 41.33 -23.65
CA SER A 425 -21.30 41.13 -22.38
C SER A 425 -22.04 41.88 -21.28
N GLY A 426 -21.89 41.40 -20.05
CA GLY A 426 -22.62 41.97 -18.93
C GLY A 426 -24.12 41.83 -19.05
N CYS A 427 -24.59 40.85 -19.83
CA CYS A 427 -26.01 40.69 -20.08
C CYS A 427 -26.71 39.99 -18.91
N GLY A 428 -26.14 38.88 -18.43
CA GLY A 428 -26.69 38.14 -17.32
C GLY A 428 -27.13 36.74 -17.69
N LYS A 429 -26.47 36.15 -18.67
CA LYS A 429 -26.86 34.81 -19.15
C LYS A 429 -26.36 33.73 -18.20
N SER A 430 -25.06 33.71 -17.92
CA SER A 430 -24.48 32.71 -17.03
C SER A 430 -25.10 32.76 -15.64
N THR A 431 -25.68 33.90 -15.25
CA THR A 431 -26.43 33.98 -14.00
C THR A 431 -27.62 33.02 -14.02
N THR A 432 -28.22 32.80 -15.19
CA THR A 432 -29.38 31.93 -15.28
C THR A 432 -29.04 30.51 -14.81
N VAL A 433 -27.94 29.96 -15.32
CA VAL A 433 -27.49 28.63 -14.90
C VAL A 433 -27.25 28.61 -13.40
N GLN A 434 -26.66 29.70 -12.87
CA GLN A 434 -26.26 29.72 -11.47
C GLN A 434 -27.44 29.97 -10.53
N LEU A 435 -28.52 30.58 -11.01
CA LEU A 435 -29.73 30.70 -10.20
C LEU A 435 -30.60 29.45 -10.27
N MET A 436 -30.55 28.70 -11.36
CA MET A 436 -31.39 27.52 -11.49
C MET A 436 -30.85 26.35 -10.68
N GLN A 437 -29.52 26.21 -10.59
CA GLN A 437 -28.96 25.31 -9.58
C GLN A 437 -29.12 25.86 -8.18
N ARG A 438 -29.49 27.15 -8.05
CA ARG A 438 -29.65 27.83 -6.77
C ARG A 438 -28.31 27.94 -6.04
N LEU A 439 -27.26 28.25 -6.79
CA LEU A 439 -25.98 28.60 -6.17
C LEU A 439 -26.08 29.95 -5.49
N TYR A 440 -26.97 30.82 -5.97
CA TYR A 440 -27.30 32.07 -5.32
C TYR A 440 -28.83 32.18 -5.24
N ASP A 441 -29.31 32.99 -4.28
CA ASP A 441 -30.72 33.31 -4.17
C ASP A 441 -30.98 34.65 -4.85
N PRO A 442 -32.00 34.80 -5.71
CA PRO A 442 -32.28 36.14 -6.25
C PRO A 442 -32.80 37.05 -5.17
N LEU A 443 -32.46 38.33 -5.28
CA LEU A 443 -32.93 39.30 -4.31
C LEU A 443 -34.43 39.48 -4.42
N ASP A 444 -34.90 39.95 -5.58
CA ASP A 444 -36.31 40.10 -5.88
C ASP A 444 -36.72 39.00 -6.86
N GLY A 445 -38.01 38.75 -6.93
CA GLY A 445 -38.54 37.78 -7.87
C GLY A 445 -38.57 36.37 -7.33
N MET A 446 -38.85 35.44 -8.24
CA MET A 446 -39.11 34.04 -7.88
C MET A 446 -38.77 33.16 -9.07
N VAL A 447 -37.95 32.15 -8.83
CA VAL A 447 -37.66 31.10 -9.81
C VAL A 447 -38.48 29.88 -9.43
N SER A 448 -39.23 29.34 -10.40
CA SER A 448 -40.17 28.26 -10.15
C SER A 448 -39.91 27.08 -11.08
N ILE A 449 -40.13 25.88 -10.55
CA ILE A 449 -40.14 24.64 -11.33
C ILE A 449 -41.51 24.02 -11.15
N ASP A 450 -42.24 23.84 -12.24
CA ASP A 450 -43.57 23.22 -12.22
C ASP A 450 -44.52 23.98 -11.30
N GLY A 451 -44.46 25.31 -11.36
CA GLY A 451 -45.32 26.15 -10.55
C GLY A 451 -44.92 26.28 -9.10
N GLN A 452 -43.90 25.55 -8.66
CA GLN A 452 -43.45 25.54 -7.27
C GLN A 452 -42.15 26.33 -7.16
N ASP A 453 -42.07 27.20 -6.15
CA ASP A 453 -40.89 28.02 -5.96
C ASP A 453 -39.66 27.14 -5.72
N ILE A 454 -38.55 27.51 -6.34
CA ILE A 454 -37.32 26.74 -6.21
C ILE A 454 -36.83 26.74 -4.77
N ARG A 455 -37.07 27.83 -4.04
CA ARG A 455 -36.60 27.94 -2.66
C ARG A 455 -37.39 27.08 -1.69
N THR A 456 -38.43 26.37 -2.15
CA THR A 456 -39.26 25.53 -1.29
C THR A 456 -39.03 24.04 -1.50
N ILE A 457 -38.13 23.65 -2.40
CA ILE A 457 -37.79 22.25 -2.64
C ILE A 457 -36.39 21.98 -2.11
N ASN A 458 -36.14 20.71 -1.78
CA ASN A 458 -34.86 20.33 -1.19
C ASN A 458 -33.73 20.56 -2.18
N VAL A 459 -32.59 21.04 -1.66
CA VAL A 459 -31.49 21.45 -2.52
C VAL A 459 -30.84 20.25 -3.18
N ARG A 460 -30.61 19.17 -2.44
CA ARG A 460 -29.95 18.00 -3.03
C ARG A 460 -30.83 17.39 -4.12
N TYR A 461 -32.13 17.22 -3.83
CA TYR A 461 -33.03 16.68 -4.84
C TYR A 461 -33.12 17.61 -6.05
N LEU A 462 -33.09 18.92 -5.80
CA LEU A 462 -33.09 19.89 -6.89
C LEU A 462 -31.90 19.69 -7.81
N ARG A 463 -30.70 19.69 -7.25
CA ARG A 463 -29.49 19.54 -8.06
C ARG A 463 -29.30 18.11 -8.55
N GLU A 464 -30.00 17.14 -7.95
CA GLU A 464 -29.98 15.78 -8.48
C GLU A 464 -30.84 15.66 -9.73
N ILE A 465 -31.96 16.40 -9.80
CA ILE A 465 -32.78 16.42 -11.02
C ILE A 465 -32.23 17.36 -12.06
N ILE A 466 -31.08 18.00 -11.82
CA ILE A 466 -30.44 18.89 -12.77
C ILE A 466 -29.06 18.32 -13.07
N GLY A 467 -28.69 18.37 -14.35
CA GLY A 467 -27.32 18.13 -14.77
C GLY A 467 -26.75 19.36 -15.41
N VAL A 468 -25.53 19.74 -15.02
CA VAL A 468 -24.85 20.92 -15.56
C VAL A 468 -23.79 20.45 -16.55
N VAL A 469 -23.48 21.31 -17.52
CA VAL A 469 -22.35 21.11 -18.41
C VAL A 469 -21.63 22.45 -18.52
N SER A 470 -20.66 22.67 -17.64
CA SER A 470 -20.01 23.97 -17.54
C SER A 470 -19.21 24.27 -18.79
N GLN A 471 -18.67 25.50 -18.83
CA GLN A 471 -17.91 25.97 -19.98
C GLN A 471 -16.67 25.12 -20.18
N GLU A 472 -15.84 25.03 -19.15
CA GLU A 472 -14.59 24.29 -19.17
C GLU A 472 -14.81 22.98 -18.42
N PRO A 473 -14.52 21.82 -19.00
CA PRO A 473 -14.86 20.57 -18.31
C PRO A 473 -13.82 20.21 -17.28
N VAL A 474 -14.31 19.70 -16.16
CA VAL A 474 -13.49 19.32 -15.02
C VAL A 474 -13.42 17.81 -14.95
N LEU A 475 -12.24 17.28 -14.63
CA LEU A 475 -12.06 15.87 -14.33
C LEU A 475 -11.29 15.73 -13.04
N PHE A 476 -11.66 14.73 -12.25
CA PHE A 476 -11.05 14.49 -10.95
C PHE A 476 -9.95 13.43 -11.10
N ALA A 477 -8.89 13.58 -10.31
CA ALA A 477 -7.74 12.67 -10.38
C ALA A 477 -8.11 11.28 -9.89
N THR A 478 -8.89 10.56 -10.70
CA THR A 478 -9.28 9.18 -10.40
C THR A 478 -9.44 8.46 -11.73
N THR A 479 -9.93 7.22 -11.67
CA THR A 479 -10.23 6.50 -12.90
C THR A 479 -11.39 7.16 -13.61
N ILE A 480 -11.65 6.70 -14.84
CA ILE A 480 -12.84 7.16 -15.55
C ILE A 480 -14.09 6.68 -14.82
N ALA A 481 -14.06 5.47 -14.28
CA ALA A 481 -15.22 4.92 -13.59
C ALA A 481 -15.62 5.77 -12.40
N GLU A 482 -14.64 6.17 -11.58
CA GLU A 482 -14.94 7.02 -10.43
C GLU A 482 -15.37 8.42 -10.87
N ASN A 483 -14.82 8.90 -11.98
CA ASN A 483 -15.25 10.20 -12.51
C ASN A 483 -16.74 10.16 -12.86
N ILE A 484 -17.20 9.05 -13.43
CA ILE A 484 -18.62 8.90 -13.70
C ILE A 484 -19.39 8.64 -12.41
N ARG A 485 -18.81 7.86 -11.50
CA ARG A 485 -19.50 7.54 -10.26
C ARG A 485 -19.69 8.76 -9.37
N TYR A 486 -18.97 9.85 -9.63
CA TYR A 486 -19.28 11.10 -8.94
C TYR A 486 -20.61 11.69 -9.42
N GLY A 487 -21.10 11.26 -10.58
CA GLY A 487 -22.47 11.59 -10.95
C GLY A 487 -23.48 10.87 -10.09
N ARG A 488 -23.15 9.64 -9.67
CA ARG A 488 -24.02 8.85 -8.80
C ARG A 488 -23.23 7.65 -8.29
N GLU A 489 -23.09 7.50 -6.98
CA GLU A 489 -22.14 6.55 -6.44
C GLU A 489 -22.56 5.10 -6.66
N ASP A 490 -23.87 4.85 -6.76
CA ASP A 490 -24.40 3.48 -6.83
C ASP A 490 -24.58 2.97 -8.26
N VAL A 491 -23.87 3.54 -9.23
CA VAL A 491 -24.02 3.13 -10.63
C VAL A 491 -23.26 1.85 -10.88
N THR A 492 -23.86 0.98 -11.71
CA THR A 492 -23.25 -0.27 -12.14
C THR A 492 -22.39 -0.04 -13.38
N MET A 493 -21.47 -0.99 -13.63
CA MET A 493 -20.60 -0.87 -14.80
C MET A 493 -21.37 -0.99 -16.10
N ASP A 494 -22.48 -1.73 -16.10
CA ASP A 494 -23.33 -1.78 -17.30
C ASP A 494 -23.92 -0.42 -17.60
N GLU A 495 -24.34 0.31 -16.56
CA GLU A 495 -24.91 1.64 -16.78
C GLU A 495 -23.85 2.65 -17.19
N ILE A 496 -22.61 2.47 -16.75
CA ILE A 496 -21.53 3.34 -17.20
C ILE A 496 -21.31 3.16 -18.70
N GLU A 497 -21.28 1.90 -19.17
CA GLU A 497 -21.08 1.65 -20.59
C GLU A 497 -22.18 2.29 -21.42
N LYS A 498 -23.43 2.18 -20.97
CA LYS A 498 -24.55 2.77 -21.70
C LYS A 498 -24.44 4.29 -21.74
N ALA A 499 -24.18 4.92 -20.59
CA ALA A 499 -24.11 6.37 -20.53
C ALA A 499 -22.93 6.91 -21.34
N VAL A 500 -21.81 6.18 -21.35
CA VAL A 500 -20.66 6.57 -22.17
C VAL A 500 -21.01 6.48 -23.65
N LYS A 501 -21.71 5.41 -24.04
CA LYS A 501 -22.13 5.25 -25.43
C LYS A 501 -23.02 6.41 -25.86
N GLU A 502 -23.93 6.84 -24.99
CA GLU A 502 -24.81 7.96 -25.31
C GLU A 502 -24.03 9.26 -25.48
N ALA A 503 -22.90 9.40 -24.78
CA ALA A 503 -22.10 10.61 -24.82
C ALA A 503 -21.07 10.61 -25.97
N ASN A 504 -21.10 9.62 -26.85
CA ASN A 504 -20.16 9.54 -27.97
C ASN A 504 -18.71 9.50 -27.50
N ALA A 505 -18.47 8.86 -26.35
CA ALA A 505 -17.15 8.74 -25.75
C ALA A 505 -16.66 7.32 -25.66
N TYR A 506 -17.42 6.34 -26.17
CA TYR A 506 -17.06 4.94 -25.98
C TYR A 506 -15.88 4.54 -26.85
N ASP A 507 -15.96 4.84 -28.14
CA ASP A 507 -14.99 4.30 -29.10
C ASP A 507 -13.56 4.78 -28.81
N PHE A 508 -13.41 6.02 -28.34
CA PHE A 508 -12.08 6.51 -28.01
C PHE A 508 -11.58 5.97 -26.67
N ILE A 509 -12.48 5.64 -25.76
CA ILE A 509 -12.08 5.05 -24.49
C ILE A 509 -11.53 3.65 -24.72
N MET A 510 -12.16 2.87 -25.58
CA MET A 510 -11.66 1.53 -25.88
C MET A 510 -10.27 1.59 -26.52
N LYS A 511 -9.92 2.70 -27.16
CA LYS A 511 -8.59 2.90 -27.70
C LYS A 511 -7.55 3.27 -26.64
N LEU A 512 -7.98 3.64 -25.44
CA LEU A 512 -7.03 4.01 -24.40
C LEU A 512 -6.33 2.76 -23.87
N PRO A 513 -5.19 2.93 -23.17
CA PRO A 513 -4.41 1.75 -22.77
C PRO A 513 -5.11 0.84 -21.77
N HIS A 514 -5.70 1.42 -20.72
CA HIS A 514 -6.35 0.66 -19.66
C HIS A 514 -7.86 0.82 -19.65
N GLN A 515 -8.45 0.91 -20.86
CA GLN A 515 -9.89 1.08 -21.09
C GLN A 515 -10.59 2.01 -20.09
N PHE A 516 -11.39 1.46 -19.17
CA PHE A 516 -12.14 2.27 -18.23
C PHE A 516 -11.38 2.56 -16.94
N ASP A 517 -10.40 1.72 -16.58
CA ASP A 517 -9.55 1.99 -15.42
C ASP A 517 -8.41 2.95 -15.72
N THR A 518 -8.41 3.58 -16.91
CA THR A 518 -7.36 4.53 -17.24
C THR A 518 -7.41 5.70 -16.27
N LEU A 519 -6.25 6.03 -15.70
CA LEU A 519 -6.17 7.11 -14.72
C LEU A 519 -6.16 8.44 -15.45
N VAL A 520 -7.07 9.33 -15.06
CA VAL A 520 -7.22 10.65 -15.67
C VAL A 520 -6.94 11.71 -14.60
N GLY A 521 -7.04 12.98 -14.98
CA GLY A 521 -6.85 14.08 -14.07
C GLY A 521 -5.49 14.72 -14.20
N GLU A 522 -5.10 15.44 -13.15
CA GLU A 522 -3.78 16.04 -13.12
C GLU A 522 -2.70 14.98 -13.13
N ARG A 523 -2.98 13.80 -12.58
CA ARG A 523 -1.97 12.78 -12.35
C ARG A 523 -1.74 11.90 -13.58
N GLY A 524 -2.81 11.55 -14.29
CA GLY A 524 -2.74 10.59 -15.36
C GLY A 524 -2.56 11.21 -16.73
N ALA A 525 -2.88 10.43 -17.75
CA ALA A 525 -2.69 10.85 -19.13
C ALA A 525 -3.62 12.01 -19.47
N GLN A 526 -3.10 12.95 -20.24
CA GLN A 526 -3.87 14.12 -20.64
C GLN A 526 -4.80 13.77 -21.79
N LEU A 527 -6.09 14.04 -21.61
CA LEU A 527 -7.09 13.89 -22.67
C LEU A 527 -7.33 15.23 -23.33
N SER A 528 -7.77 15.19 -24.59
CA SER A 528 -8.08 16.40 -25.32
C SER A 528 -9.30 17.09 -24.69
N GLY A 529 -9.52 18.35 -25.10
CA GLY A 529 -10.65 19.10 -24.57
C GLY A 529 -11.98 18.48 -24.94
N GLY A 530 -12.14 18.05 -26.19
CA GLY A 530 -13.39 17.44 -26.61
C GLY A 530 -13.68 16.13 -25.91
N GLN A 531 -12.62 15.41 -25.52
CA GLN A 531 -12.81 14.13 -24.84
C GLN A 531 -13.26 14.35 -23.39
N LYS A 532 -12.72 15.38 -22.72
CA LYS A 532 -13.11 15.64 -21.34
C LYS A 532 -14.58 16.03 -21.25
N GLN A 533 -15.02 16.93 -22.13
CA GLN A 533 -16.39 17.42 -22.07
C GLN A 533 -17.40 16.30 -22.30
N ARG A 534 -17.06 15.33 -23.14
CA ARG A 534 -17.94 14.18 -23.35
C ARG A 534 -18.05 13.32 -22.11
N ILE A 535 -16.98 13.23 -21.31
CA ILE A 535 -17.07 12.55 -20.03
C ILE A 535 -17.99 13.31 -19.08
N ALA A 536 -17.85 14.64 -19.04
CA ALA A 536 -18.71 15.46 -18.19
C ALA A 536 -20.18 15.26 -18.54
N ILE A 537 -20.48 15.04 -19.81
CA ILE A 537 -21.84 14.69 -20.21
C ILE A 537 -22.27 13.39 -19.56
N ALA A 538 -21.41 12.38 -19.62
CA ALA A 538 -21.76 11.06 -19.08
C ALA A 538 -22.03 11.11 -17.58
N ARG A 539 -21.36 12.01 -16.85
CA ARG A 539 -21.70 12.21 -15.45
C ARG A 539 -23.12 12.69 -15.29
N ALA A 540 -23.51 13.71 -16.06
CA ALA A 540 -24.87 14.22 -15.98
C ALA A 540 -25.87 13.17 -16.44
N LEU A 541 -25.54 12.43 -17.51
CA LEU A 541 -26.48 11.45 -18.05
C LEU A 541 -26.75 10.32 -17.06
N VAL A 542 -25.76 9.96 -16.24
CA VAL A 542 -25.99 8.92 -15.24
C VAL A 542 -27.02 9.39 -14.22
N ARG A 543 -27.02 10.69 -13.90
CA ARG A 543 -27.99 11.24 -12.96
C ARG A 543 -29.41 11.12 -13.50
N ASN A 544 -29.59 11.03 -14.81
CA ASN A 544 -30.89 11.02 -15.45
C ASN A 544 -31.70 12.24 -14.99
N PRO A 545 -31.26 13.45 -15.30
CA PRO A 545 -31.97 14.63 -14.84
C PRO A 545 -33.16 14.95 -15.73
N LYS A 546 -34.11 15.64 -15.14
CA LYS A 546 -35.27 16.15 -15.87
C LYS A 546 -35.01 17.53 -16.46
N ILE A 547 -33.91 18.19 -16.05
CA ILE A 547 -33.54 19.50 -16.56
C ILE A 547 -32.05 19.45 -16.89
N LEU A 548 -31.64 20.16 -17.93
CA LEU A 548 -30.27 20.15 -18.41
C LEU A 548 -29.79 21.58 -18.62
N LEU A 549 -28.66 21.91 -18.02
CA LEU A 549 -28.06 23.25 -18.09
C LEU A 549 -26.70 23.17 -18.75
N LEU A 550 -26.48 24.02 -19.77
CA LEU A 550 -25.25 24.03 -20.56
C LEU A 550 -24.70 25.44 -20.56
N ASP A 551 -23.67 25.69 -19.75
CA ASP A 551 -23.09 27.02 -19.58
C ASP A 551 -21.90 27.15 -20.53
N GLN A 552 -22.17 27.65 -21.74
CA GLN A 552 -21.14 27.84 -22.76
C GLN A 552 -20.39 26.52 -23.04
N ALA A 553 -21.17 25.45 -23.24
CA ALA A 553 -20.64 24.09 -23.25
C ALA A 553 -19.54 23.87 -24.30
N THR A 554 -19.48 24.70 -25.35
CA THR A 554 -18.56 24.48 -26.46
C THR A 554 -17.72 25.72 -26.78
N SER A 555 -17.52 26.61 -25.80
CA SER A 555 -16.79 27.84 -26.07
C SER A 555 -15.33 27.58 -26.38
N ALA A 556 -14.64 26.80 -25.53
CA ALA A 556 -13.21 26.59 -25.67
C ALA A 556 -12.83 25.58 -26.74
N LEU A 557 -13.77 24.84 -27.31
CA LEU A 557 -13.46 23.80 -28.27
C LEU A 557 -13.39 24.33 -29.70
N ASP A 558 -12.59 23.64 -30.51
CA ASP A 558 -12.39 24.00 -31.90
C ASP A 558 -13.55 23.48 -32.74
N THR A 559 -13.47 23.75 -34.05
CA THR A 559 -14.58 23.43 -34.95
C THR A 559 -14.74 21.93 -35.16
N GLU A 560 -13.67 21.15 -35.07
CA GLU A 560 -13.78 19.71 -35.27
C GLU A 560 -14.34 19.02 -34.03
N SER A 561 -13.79 19.34 -32.85
CA SER A 561 -14.27 18.72 -31.61
C SER A 561 -15.69 19.15 -31.25
N GLU A 562 -16.10 20.36 -31.64
CA GLU A 562 -17.45 20.81 -31.29
C GLU A 562 -18.53 19.97 -31.97
N ALA A 563 -18.27 19.49 -33.20
CA ALA A 563 -19.30 18.81 -33.97
C ALA A 563 -19.74 17.51 -33.29
N VAL A 564 -18.79 16.73 -32.78
CA VAL A 564 -19.15 15.48 -32.14
C VAL A 564 -19.91 15.73 -30.84
N VAL A 565 -19.49 16.76 -30.09
CA VAL A 565 -20.15 17.06 -28.82
C VAL A 565 -21.60 17.48 -29.07
N GLN A 566 -21.83 18.32 -30.08
CA GLN A 566 -23.18 18.78 -30.36
C GLN A 566 -24.11 17.62 -30.68
N ALA A 567 -23.58 16.59 -31.35
CA ALA A 567 -24.35 15.36 -31.55
C ALA A 567 -24.63 14.68 -30.21
N ALA A 568 -23.67 14.73 -29.29
CA ALA A 568 -23.87 14.14 -27.97
C ALA A 568 -24.84 14.98 -27.14
N LEU A 569 -24.74 16.31 -27.23
CA LEU A 569 -25.67 17.17 -26.51
C LEU A 569 -27.08 17.03 -27.07
N ASP A 570 -27.22 17.06 -28.41
CA ASP A 570 -28.54 16.88 -29.01
C ASP A 570 -29.16 15.56 -28.61
N LYS A 571 -28.34 14.52 -28.46
CA LYS A 571 -28.84 13.25 -27.93
C LYS A 571 -29.23 13.41 -26.46
N ALA A 572 -28.42 14.14 -25.69
CA ALA A 572 -28.70 14.34 -24.27
C ALA A 572 -29.92 15.22 -24.03
N ARG A 573 -30.30 16.07 -24.98
CA ARG A 573 -31.45 16.94 -24.79
C ARG A 573 -32.78 16.23 -24.99
N GLU A 574 -32.77 15.04 -25.60
CA GLU A 574 -34.01 14.43 -26.09
C GLU A 574 -34.90 14.08 -24.91
N GLY A 575 -36.03 14.78 -24.80
CA GLY A 575 -36.97 14.53 -23.73
C GLY A 575 -36.66 15.22 -22.42
N ARG A 576 -35.83 16.26 -22.43
CA ARG A 576 -35.50 17.02 -21.23
C ARG A 576 -35.66 18.49 -21.54
N THR A 577 -36.22 19.23 -20.59
CA THR A 577 -36.20 20.69 -20.67
C THR A 577 -34.76 21.17 -20.53
N THR A 578 -34.37 22.10 -21.39
CA THR A 578 -32.98 22.54 -21.47
C THR A 578 -32.91 24.05 -21.58
N ILE A 579 -31.97 24.63 -20.85
CA ILE A 579 -31.55 26.01 -21.01
C ILE A 579 -30.05 25.99 -21.28
N VAL A 580 -29.62 26.69 -22.33
CA VAL A 580 -28.23 26.73 -22.74
C VAL A 580 -27.77 28.18 -22.80
N ILE A 581 -26.64 28.47 -22.15
CA ILE A 581 -25.93 29.72 -22.35
C ILE A 581 -25.06 29.48 -23.58
N ALA A 582 -25.52 29.97 -24.74
CA ALA A 582 -24.90 29.63 -26.01
C ALA A 582 -24.08 30.79 -26.54
N HIS A 583 -22.78 30.56 -26.70
CA HIS A 583 -21.97 31.28 -27.66
C HIS A 583 -21.80 30.34 -28.85
N ARG A 584 -21.20 30.86 -29.93
CA ARG A 584 -21.14 30.10 -31.17
C ARG A 584 -22.58 29.78 -31.59
N LEU A 585 -23.20 30.72 -32.30
CA LEU A 585 -24.64 30.72 -32.53
C LEU A 585 -25.09 29.65 -33.51
N SER A 586 -24.19 29.13 -34.35
CA SER A 586 -24.60 28.16 -35.37
C SER A 586 -25.15 26.88 -34.76
N THR A 587 -24.69 26.52 -33.55
CA THR A 587 -25.20 25.35 -32.86
C THR A 587 -26.66 25.52 -32.42
N VAL A 588 -27.15 26.76 -32.36
CA VAL A 588 -28.45 27.08 -31.77
C VAL A 588 -29.59 27.09 -32.78
N ARG A 589 -29.30 27.11 -34.09
CA ARG A 589 -30.31 27.38 -35.11
C ARG A 589 -31.50 26.42 -35.02
N ASN A 590 -31.24 25.15 -34.72
CA ASN A 590 -32.32 24.17 -34.59
C ASN A 590 -33.08 24.26 -33.28
N ALA A 591 -32.76 25.23 -32.41
CA ALA A 591 -33.45 25.35 -31.12
C ALA A 591 -34.89 25.80 -31.32
N ASP A 592 -35.70 25.56 -30.29
CA ASP A 592 -37.13 25.87 -30.36
C ASP A 592 -37.41 27.35 -30.16
N VAL A 593 -36.61 28.04 -29.35
CA VAL A 593 -36.89 29.43 -29.02
C VAL A 593 -35.58 30.09 -28.57
N ILE A 594 -35.44 31.37 -28.91
CA ILE A 594 -34.26 32.16 -28.60
C ILE A 594 -34.68 33.30 -27.69
N ALA A 595 -33.77 33.72 -26.82
CA ALA A 595 -33.97 34.89 -25.97
C ALA A 595 -32.73 35.77 -26.04
N GLY A 596 -32.94 37.04 -26.39
CA GLY A 596 -31.85 37.99 -26.52
C GLY A 596 -31.82 38.93 -25.32
N PHE A 597 -30.65 39.02 -24.69
CA PHE A 597 -30.49 39.74 -23.44
C PHE A 597 -29.82 41.09 -23.69
N ASP A 598 -30.31 42.12 -23.01
CA ASP A 598 -29.68 43.45 -23.02
C ASP A 598 -29.88 44.05 -21.64
N GLY A 599 -28.81 44.12 -20.86
CA GLY A 599 -28.88 44.68 -19.52
C GLY A 599 -29.82 43.92 -18.61
N GLY A 600 -29.66 42.60 -18.57
CA GLY A 600 -30.45 41.77 -17.68
C GLY A 600 -31.90 41.59 -18.06
N VAL A 601 -32.33 42.13 -19.20
CA VAL A 601 -33.71 42.04 -19.67
C VAL A 601 -33.74 41.29 -20.98
N ILE A 602 -34.80 40.52 -21.18
CA ILE A 602 -35.07 39.90 -22.48
C ILE A 602 -35.81 40.92 -23.33
N VAL A 603 -35.19 41.32 -24.44
CA VAL A 603 -35.77 42.33 -25.33
C VAL A 603 -36.59 41.69 -26.45
N GLU A 604 -36.28 40.47 -26.83
CA GLU A 604 -36.83 39.87 -28.04
C GLU A 604 -36.79 38.36 -27.87
N GLN A 605 -37.81 37.68 -28.41
CA GLN A 605 -37.96 36.24 -28.20
C GLN A 605 -38.73 35.63 -29.35
N GLY A 606 -38.23 34.51 -29.86
CA GLY A 606 -38.88 33.80 -30.95
C GLY A 606 -37.93 32.82 -31.61
N ASN A 607 -38.40 32.26 -32.71
CA ASN A 607 -37.63 31.30 -33.50
C ASN A 607 -36.47 32.01 -34.20
N HIS A 608 -35.54 31.21 -34.71
CA HIS A 608 -34.40 31.73 -35.47
C HIS A 608 -34.86 32.67 -36.58
N ASP A 609 -35.83 32.24 -37.38
CA ASP A 609 -36.30 33.06 -38.48
C ASP A 609 -36.93 34.35 -37.98
N GLU A 610 -37.56 34.32 -36.80
CA GLU A 610 -38.22 35.52 -36.29
C GLU A 610 -37.21 36.58 -35.90
N LEU A 611 -36.19 36.21 -35.14
CA LEU A 611 -35.22 37.20 -34.68
C LEU A 611 -34.36 37.71 -35.83
N MET A 612 -34.06 36.86 -36.81
CA MET A 612 -33.34 37.32 -37.98
C MET A 612 -34.17 38.34 -38.75
N ARG A 613 -35.48 38.11 -38.81
CA ARG A 613 -36.39 39.06 -39.41
C ARG A 613 -36.49 40.33 -38.57
N GLU A 614 -36.51 40.18 -37.25
CA GLU A 614 -36.65 41.33 -36.36
C GLU A 614 -35.50 42.31 -36.54
N LYS A 615 -34.34 41.83 -36.98
CA LYS A 615 -33.15 42.67 -37.18
C LYS A 615 -32.75 43.37 -35.88
N GLY A 616 -32.90 42.68 -34.77
CA GLY A 616 -32.56 43.18 -33.45
C GLY A 616 -31.18 42.76 -33.02
N ILE A 617 -31.06 42.38 -31.75
CA ILE A 617 -29.76 42.03 -31.18
C ILE A 617 -29.25 40.73 -31.81
N TYR A 618 -30.10 39.70 -31.83
CA TYR A 618 -29.66 38.39 -32.28
C TYR A 618 -29.23 38.41 -33.74
N PHE A 619 -29.92 39.19 -34.57
CA PHE A 619 -29.57 39.28 -35.98
C PHE A 619 -28.19 39.89 -36.19
N LYS A 620 -27.79 40.82 -35.32
CA LYS A 620 -26.46 41.41 -35.43
C LYS A 620 -25.37 40.39 -35.17
N LEU A 621 -25.59 39.50 -34.19
CA LEU A 621 -24.59 38.49 -33.87
C LEU A 621 -24.44 37.48 -35.00
N VAL A 622 -25.56 37.02 -35.56
CA VAL A 622 -25.53 35.96 -36.56
C VAL A 622 -24.81 36.42 -37.83
N MET A 623 -25.06 37.66 -38.25
CA MET A 623 -24.52 38.12 -39.54
C MET A 623 -23.02 38.40 -39.46
N THR A 624 -22.52 38.83 -38.31
CA THR A 624 -21.08 39.03 -38.16
C THR A 624 -20.35 37.70 -38.31
N GLN A 625 -20.92 36.63 -37.77
CA GLN A 625 -20.33 35.30 -37.96
C GLN A 625 -20.52 34.84 -39.39
N THR A 626 -21.77 34.64 -39.80
CA THR A 626 -22.12 34.31 -41.18
C THR A 626 -23.60 34.63 -41.35
N ASP A 653 18.40 18.13 -4.07
CA ASP A 653 19.33 19.16 -3.65
C ASP A 653 20.25 18.63 -2.55
N VAL A 654 21.37 18.03 -2.96
CA VAL A 654 22.30 17.40 -2.02
C VAL A 654 23.73 17.57 -2.49
N PRO A 655 24.31 18.78 -2.45
CA PRO A 655 25.73 18.94 -2.81
C PRO A 655 26.61 18.88 -1.57
N PRO A 656 27.91 18.47 -1.71
CA PRO A 656 28.77 18.38 -0.52
C PRO A 656 29.88 19.44 -0.50
N ALA A 657 29.64 20.54 0.20
CA ALA A 657 30.67 21.57 0.39
C ALA A 657 31.45 21.30 1.66
N SER A 658 32.74 21.61 1.62
CA SER A 658 33.63 21.36 2.73
C SER A 658 33.71 22.60 3.64
N PHE A 659 34.14 22.37 4.88
CA PHE A 659 34.27 23.45 5.83
C PHE A 659 35.42 24.38 5.45
N TRP A 660 36.50 23.83 4.90
CA TRP A 660 37.64 24.65 4.52
C TRP A 660 37.35 25.49 3.29
N ARG A 661 36.55 24.98 2.35
CA ARG A 661 36.18 25.77 1.18
C ARG A 661 35.36 26.99 1.58
N ILE A 662 34.38 26.79 2.46
CA ILE A 662 33.51 27.89 2.88
C ILE A 662 34.33 28.94 3.63
N LEU A 663 35.21 28.50 4.52
CA LEU A 663 36.01 29.44 5.32
C LEU A 663 36.87 30.32 4.43
N LYS A 664 37.31 29.81 3.28
CA LYS A 664 38.13 30.59 2.37
C LYS A 664 37.37 31.79 1.81
N LEU A 665 36.04 31.74 1.78
CA LEU A 665 35.26 32.85 1.24
C LEU A 665 35.41 34.10 2.08
N ASN A 666 35.67 33.94 3.39
CA ASN A 666 35.86 35.06 4.30
C ASN A 666 37.34 35.38 4.53
N SER A 667 38.22 34.88 3.67
CA SER A 667 39.66 35.04 3.88
C SER A 667 40.12 36.48 3.71
N THR A 668 39.43 37.26 2.88
CA THR A 668 39.83 38.65 2.65
C THR A 668 39.66 39.53 3.88
N GLU A 669 39.01 39.04 4.93
CA GLU A 669 38.91 39.75 6.20
C GLU A 669 39.53 38.90 7.31
N TRP A 670 40.74 38.41 7.08
CA TRP A 670 41.41 37.63 8.12
C TRP A 670 41.68 38.37 9.42
N PRO A 671 41.96 39.69 9.45
CA PRO A 671 42.21 40.33 10.75
C PRO A 671 41.00 40.28 11.68
N TYR A 672 39.79 40.41 11.12
CA TYR A 672 38.58 40.26 11.93
C TYR A 672 38.51 38.87 12.55
N PHE A 673 39.06 37.86 11.89
CA PHE A 673 39.02 36.49 12.40
C PHE A 673 40.01 36.26 13.52
N VAL A 674 41.16 36.94 13.50
CA VAL A 674 42.17 36.73 14.54
C VAL A 674 41.63 37.19 15.88
N VAL A 675 41.04 38.39 15.91
CA VAL A 675 40.52 38.94 17.17
C VAL A 675 39.41 38.05 17.71
N GLY A 676 38.47 37.68 16.83
CA GLY A 676 37.36 36.85 17.25
C GLY A 676 37.79 35.51 17.83
N ILE A 677 38.92 34.98 17.36
CA ILE A 677 39.45 33.75 17.93
C ILE A 677 39.93 33.98 19.36
N PHE A 678 40.83 34.95 19.55
CA PHE A 678 41.28 35.31 20.89
C PHE A 678 40.11 35.68 21.78
N CYS A 679 39.19 36.49 21.25
CA CYS A 679 38.03 36.91 22.03
C CYS A 679 37.14 35.71 22.35
N ALA A 680 36.99 34.78 21.41
CA ALA A 680 36.19 33.58 21.67
C ALA A 680 36.83 32.69 22.72
N ILE A 681 38.17 32.71 22.80
CA ILE A 681 38.85 31.89 23.81
C ILE A 681 38.60 32.47 25.20
N ILE A 682 38.66 33.80 25.33
CA ILE A 682 38.47 34.43 26.64
C ILE A 682 37.09 34.11 27.18
N ASN A 683 36.04 34.37 26.38
CA ASN A 683 34.69 34.05 26.81
C ASN A 683 34.54 32.56 27.07
N GLY A 684 35.27 31.72 26.33
CA GLY A 684 35.32 30.31 26.64
C GLY A 684 36.05 30.00 27.92
N GLY A 685 36.96 30.88 28.35
CA GLY A 685 37.66 30.69 29.60
C GLY A 685 36.92 31.17 30.82
N LEU A 686 35.90 32.03 30.64
CA LEU A 686 35.17 32.54 31.78
C LEU A 686 34.31 31.48 32.44
N GLN A 687 33.86 30.49 31.67
CA GLN A 687 33.03 29.43 32.25
C GLN A 687 33.82 28.59 33.26
N PRO A 688 34.98 28.03 32.93
CA PRO A 688 35.74 27.32 33.98
C PRO A 688 36.26 28.23 35.07
N ALA A 689 36.49 29.51 34.75
CA ALA A 689 36.85 30.46 35.79
C ALA A 689 35.75 30.57 36.84
N PHE A 690 34.50 30.63 36.41
CA PHE A 690 33.38 30.69 37.36
C PHE A 690 33.35 29.44 38.24
N SER A 691 33.66 28.28 37.67
CA SER A 691 33.65 27.04 38.45
C SER A 691 34.67 27.11 39.59
N VAL A 692 35.81 27.76 39.36
CA VAL A 692 36.77 27.97 40.45
C VAL A 692 36.20 28.92 41.48
N ILE A 693 35.83 30.13 41.03
CA ILE A 693 35.43 31.19 41.98
C ILE A 693 34.21 30.78 42.77
N PHE A 694 33.27 30.09 42.13
CA PHE A 694 32.13 29.53 42.86
C PHE A 694 32.59 28.47 43.85
N SER A 695 33.50 27.59 43.43
CA SER A 695 33.99 26.55 44.31
C SER A 695 34.87 27.11 45.42
N LYS A 696 35.74 28.06 45.08
CA LYS A 696 36.61 28.66 46.07
C LYS A 696 35.81 29.38 47.15
N VAL A 697 34.67 29.98 46.79
CA VAL A 697 33.77 30.53 47.80
C VAL A 697 33.33 29.44 48.74
N VAL A 698 32.62 28.45 48.19
CA VAL A 698 32.04 27.39 49.02
C VAL A 698 33.15 26.57 49.67
N GLY A 699 34.33 26.51 49.04
CA GLY A 699 35.46 25.84 49.66
C GLY A 699 35.83 26.43 51.01
N VAL A 700 35.70 27.75 51.14
CA VAL A 700 35.97 28.42 52.42
C VAL A 700 35.12 27.80 53.52
N PHE A 701 33.80 27.78 53.31
CA PHE A 701 32.85 27.39 54.34
C PHE A 701 32.51 25.90 54.32
N THR A 702 33.23 25.08 53.52
CA THR A 702 32.98 23.65 53.46
C THR A 702 34.23 22.79 53.53
N ASN A 703 35.42 23.38 53.55
CA ASN A 703 36.67 22.64 53.75
C ASN A 703 37.38 22.97 55.04
N GLY A 704 37.29 24.21 55.51
CA GLY A 704 37.93 24.63 56.74
C GLY A 704 38.77 25.88 56.55
N GLY A 705 38.78 26.74 57.56
CA GLY A 705 39.61 27.92 57.54
C GLY A 705 39.34 28.79 58.75
N PRO A 706 40.23 29.74 59.03
CA PRO A 706 40.02 30.62 60.18
C PRO A 706 39.05 31.73 59.83
N PRO A 707 38.16 32.15 60.74
CA PRO A 707 37.25 33.26 60.42
C PRO A 707 37.96 34.58 60.17
N GLU A 708 39.27 34.68 60.42
CA GLU A 708 40.02 35.88 60.10
C GLU A 708 40.11 36.08 58.59
N THR A 709 40.19 34.99 57.83
CA THR A 709 40.35 35.02 56.38
C THR A 709 39.07 34.78 55.60
N GLN A 710 37.98 34.36 56.25
CA GLN A 710 36.75 34.08 55.54
C GLN A 710 36.11 35.32 54.93
N ARG A 711 36.47 36.51 55.39
CA ARG A 711 35.90 37.73 54.81
C ARG A 711 36.60 38.11 53.50
N GLN A 712 37.93 38.27 53.54
CA GLN A 712 38.64 38.76 52.37
C GLN A 712 38.63 37.76 51.23
N ASN A 713 38.70 36.47 51.55
CA ASN A 713 38.58 35.44 50.52
C ASN A 713 37.23 35.53 49.82
N SER A 714 36.15 35.53 50.60
CA SER A 714 34.82 35.55 50.00
C SER A 714 34.57 36.83 49.22
N ASN A 715 34.85 37.99 49.83
CA ASN A 715 34.65 39.26 49.13
C ASN A 715 35.50 39.35 47.88
N LEU A 716 36.72 38.81 47.93
CA LEU A 716 37.52 38.72 46.72
C LEU A 716 36.81 37.89 45.66
N PHE A 717 36.55 36.62 45.98
CA PHE A 717 35.86 35.74 45.05
C PHE A 717 34.49 36.28 44.67
N SER A 718 33.82 36.99 45.59
CA SER A 718 32.51 37.53 45.27
C SER A 718 32.62 38.64 44.22
N LEU A 719 33.57 39.54 44.36
CA LEU A 719 33.75 40.58 43.36
C LEU A 719 34.48 40.09 42.12
N LEU A 720 35.11 38.91 42.17
CA LEU A 720 35.65 38.32 40.96
C LEU A 720 34.57 37.88 39.99
N PHE A 721 33.33 37.70 40.47
CA PHE A 721 32.24 37.47 39.53
C PHE A 721 32.01 38.68 38.64
N LEU A 722 32.04 39.88 39.22
CA LEU A 722 31.92 41.08 38.38
C LEU A 722 33.09 41.23 37.43
N ILE A 723 34.28 40.80 37.84
CA ILE A 723 35.39 40.74 36.90
C ILE A 723 35.02 39.85 35.73
N LEU A 724 34.51 38.66 36.02
CA LEU A 724 33.95 37.80 34.97
C LEU A 724 32.79 38.50 34.27
N GLY A 725 31.97 39.23 35.03
CA GLY A 725 30.83 39.91 34.44
C GLY A 725 31.25 41.01 33.49
N ILE A 726 32.25 41.80 33.86
CA ILE A 726 32.78 42.81 32.96
C ILE A 726 33.30 42.13 31.70
N ILE A 727 34.25 41.20 31.87
CA ILE A 727 34.91 40.56 30.73
C ILE A 727 33.89 39.87 29.83
N SER A 728 32.79 39.40 30.40
CA SER A 728 31.69 38.91 29.57
C SER A 728 31.15 40.01 28.68
N PHE A 729 30.93 41.21 29.25
CA PHE A 729 30.39 42.30 28.47
C PHE A 729 31.37 42.76 27.40
N ILE A 730 32.67 42.74 27.71
CA ILE A 730 33.66 43.13 26.71
C ILE A 730 33.73 42.10 25.60
N THR A 731 33.86 40.83 25.96
CA THR A 731 34.02 39.78 24.95
C THR A 731 32.79 39.67 24.05
N PHE A 732 31.60 39.97 24.57
CA PHE A 732 30.44 40.03 23.70
C PHE A 732 30.45 41.29 22.84
N PHE A 733 30.87 42.42 23.42
CA PHE A 733 30.96 43.65 22.65
C PHE A 733 32.00 43.54 21.54
N LEU A 734 33.01 42.69 21.73
CA LEU A 734 34.05 42.49 20.72
C LEU A 734 33.78 41.30 19.81
N GLN A 735 33.11 40.26 20.29
CA GLN A 735 32.77 39.12 19.44
C GLN A 735 31.90 39.57 18.28
N GLY A 736 30.88 40.37 18.57
CA GLY A 736 30.00 40.89 17.56
C GLY A 736 30.48 42.13 16.83
N PHE A 737 31.69 42.60 17.12
CA PHE A 737 32.30 43.70 16.40
C PHE A 737 33.28 43.23 15.33
N THR A 738 33.85 42.04 15.49
CA THR A 738 34.83 41.48 14.56
C THR A 738 34.22 40.36 13.72
N PHE A 739 33.74 39.28 14.35
CA PHE A 739 32.99 38.28 13.60
C PHE A 739 31.67 38.83 13.09
N GLY A 740 31.13 39.86 13.71
CA GLY A 740 29.91 40.50 13.23
C GLY A 740 30.11 41.15 11.88
N LYS A 741 31.06 42.08 11.78
CA LYS A 741 31.38 42.70 10.50
C LYS A 741 31.87 41.66 9.49
N ALA A 742 32.55 40.62 9.97
CA ALA A 742 33.06 39.59 9.07
C ALA A 742 31.93 38.87 8.34
N GLY A 743 30.77 38.75 8.99
CA GLY A 743 29.63 38.11 8.37
C GLY A 743 28.84 39.03 7.47
N GLU A 744 28.71 40.30 7.86
CA GLU A 744 27.94 41.25 7.06
C GLU A 744 28.71 41.71 5.83
N ILE A 745 30.05 41.71 5.88
CA ILE A 745 30.82 41.87 4.64
C ILE A 745 30.60 40.68 3.74
N LEU A 746 30.72 39.47 4.30
CA LEU A 746 30.64 38.25 3.49
C LEU A 746 29.31 38.15 2.76
N THR A 747 28.23 38.61 3.40
CA THR A 747 26.92 38.62 2.74
C THR A 747 26.95 39.53 1.51
N LYS A 748 27.41 40.77 1.69
CA LYS A 748 27.39 41.73 0.59
C LYS A 748 28.28 41.27 -0.56
N ARG A 749 29.47 40.74 -0.24
CA ARG A 749 30.39 40.34 -1.29
C ARG A 749 29.89 39.09 -2.02
N LEU A 750 29.20 38.19 -1.32
CA LEU A 750 28.71 36.98 -1.98
C LEU A 750 27.45 37.25 -2.80
N ARG A 751 26.56 38.12 -2.32
CA ARG A 751 25.41 38.52 -3.12
C ARG A 751 25.85 39.19 -4.42
N TYR A 752 27.00 39.88 -4.39
CA TYR A 752 27.53 40.47 -5.61
C TYR A 752 28.16 39.39 -6.49
N MET A 753 28.98 38.52 -5.91
CA MET A 753 29.63 37.46 -6.68
C MET A 753 28.59 36.52 -7.28
N VAL A 754 27.55 36.19 -6.51
CA VAL A 754 26.50 35.31 -7.02
C VAL A 754 25.78 35.96 -8.20
N PHE A 755 25.19 37.14 -7.96
CA PHE A 755 24.42 37.80 -9.00
C PHE A 755 25.26 38.16 -10.21
N LYS A 756 26.58 38.35 -10.00
CA LYS A 756 27.47 38.43 -11.14
C LYS A 756 27.55 37.09 -11.86
N SER A 757 27.80 36.01 -11.11
CA SER A 757 27.94 34.70 -11.73
C SER A 757 26.63 34.22 -12.34
N MET A 758 25.49 34.62 -11.78
CA MET A 758 24.20 34.21 -12.33
C MET A 758 24.03 34.72 -13.76
N LEU A 759 24.29 36.02 -13.97
CA LEU A 759 24.14 36.57 -15.31
C LEU A 759 25.20 36.06 -16.27
N ARG A 760 26.30 35.52 -15.76
CA ARG A 760 27.28 34.89 -16.63
C ARG A 760 26.73 33.62 -17.27
N GLN A 761 25.83 32.92 -16.57
CA GLN A 761 25.33 31.64 -17.05
C GLN A 761 24.60 31.79 -18.37
N ASP A 762 24.59 30.71 -19.15
CA ASP A 762 23.90 30.68 -20.42
C ASP A 762 22.46 30.22 -20.22
N VAL A 763 21.69 30.28 -21.31
CA VAL A 763 20.24 30.18 -21.21
C VAL A 763 19.79 28.79 -20.77
N SER A 764 20.57 27.75 -21.07
CA SER A 764 20.19 26.40 -20.64
C SER A 764 20.12 26.27 -19.12
N TRP A 765 20.83 27.13 -18.38
CA TRP A 765 20.74 27.14 -16.93
C TRP A 765 19.41 27.73 -16.47
N PHE A 766 19.02 28.88 -17.04
CA PHE A 766 17.74 29.48 -16.71
C PHE A 766 16.55 28.67 -17.25
N ASP A 767 16.80 27.75 -18.19
CA ASP A 767 15.76 26.86 -18.68
C ASP A 767 15.45 25.73 -17.70
N ASP A 768 16.27 25.52 -16.68
CA ASP A 768 16.09 24.39 -15.79
C ASP A 768 14.84 24.59 -14.93
N PRO A 769 14.18 23.51 -14.50
CA PRO A 769 13.07 23.69 -13.56
C PRO A 769 13.54 24.11 -12.17
N LYS A 770 14.77 23.79 -11.79
CA LYS A 770 15.28 24.14 -10.47
C LYS A 770 15.62 25.62 -10.36
N ASN A 771 16.07 26.23 -11.44
CA ASN A 771 16.59 27.60 -11.41
C ASN A 771 15.50 28.59 -11.84
N THR A 772 14.37 28.55 -11.14
CA THR A 772 13.29 29.48 -11.40
C THR A 772 13.60 30.83 -10.78
N THR A 773 13.00 31.88 -11.36
CA THR A 773 13.34 33.25 -10.99
C THR A 773 13.08 33.52 -9.50
N GLY A 774 12.13 32.82 -8.89
CA GLY A 774 11.86 32.98 -7.48
C GLY A 774 12.85 32.23 -6.62
N ALA A 775 13.11 30.96 -6.99
CA ALA A 775 14.08 30.15 -6.25
C ALA A 775 15.49 30.69 -6.37
N LEU A 776 15.78 31.51 -7.39
CA LEU A 776 17.07 32.17 -7.49
C LEU A 776 17.12 33.42 -6.63
N THR A 777 16.03 34.19 -6.59
CA THR A 777 15.97 35.34 -5.70
C THR A 777 16.05 34.90 -4.24
N THR A 778 15.34 33.81 -3.91
CA THR A 778 15.51 33.20 -2.59
C THR A 778 16.97 32.82 -2.37
N ARG A 779 17.57 32.12 -3.33
CA ARG A 779 18.95 31.71 -3.22
C ARG A 779 19.89 32.90 -3.12
N LEU A 780 19.51 34.03 -3.73
CA LEU A 780 20.31 35.24 -3.67
C LEU A 780 20.00 36.09 -2.45
N ALA A 781 18.84 35.89 -1.82
CA ALA A 781 18.40 36.76 -0.73
C ALA A 781 18.88 36.23 0.63
N ASN A 782 18.29 35.13 1.10
CA ASN A 782 18.58 34.62 2.42
C ASN A 782 19.73 33.60 2.45
N ASP A 783 19.82 32.73 1.45
CA ASP A 783 20.90 31.75 1.42
C ASP A 783 22.27 32.42 1.32
N ALA A 784 22.35 33.56 0.62
CA ALA A 784 23.63 34.26 0.51
C ALA A 784 24.12 34.78 1.85
N ALA A 785 23.20 35.09 2.77
CA ALA A 785 23.58 35.63 4.07
C ALA A 785 23.81 34.56 5.12
N GLN A 786 23.11 33.43 5.03
CA GLN A 786 23.21 32.36 6.03
C GLN A 786 24.57 31.67 6.06
N VAL A 787 25.44 31.94 5.08
CA VAL A 787 26.77 31.34 5.06
C VAL A 787 27.57 31.70 6.30
N LYS A 788 27.37 32.91 6.84
CA LYS A 788 28.21 33.41 7.92
C LYS A 788 28.11 32.55 9.18
N GLY A 789 27.06 31.76 9.31
CA GLY A 789 26.96 30.80 10.40
C GLY A 789 27.86 29.58 10.25
N ALA A 790 28.65 29.49 9.16
CA ALA A 790 29.56 28.38 8.93
C ALA A 790 30.99 28.87 8.68
N THR A 791 31.31 30.11 9.02
CA THR A 791 32.65 30.68 8.83
C THR A 791 33.21 31.12 10.17
N GLY A 792 32.92 32.36 10.58
CA GLY A 792 33.45 32.87 11.83
C GLY A 792 32.65 32.45 13.04
N SER A 793 31.33 32.30 12.88
CA SER A 793 30.52 31.79 13.98
C SER A 793 30.96 30.40 14.38
N ARG A 794 31.37 29.58 13.41
CA ARG A 794 31.78 28.22 13.74
C ARG A 794 33.12 28.20 14.45
N LEU A 795 33.97 29.20 14.20
CA LEU A 795 35.22 29.30 14.96
C LEU A 795 34.96 29.85 16.35
N ALA A 796 34.04 30.80 16.47
CA ALA A 796 33.64 31.29 17.79
C ALA A 796 33.10 30.17 18.66
N VAL A 797 32.31 29.27 18.05
CA VAL A 797 31.83 28.10 18.77
C VAL A 797 33.00 27.24 19.21
N ILE A 798 33.80 26.79 18.25
CA ILE A 798 34.81 25.76 18.50
C ILE A 798 35.86 26.28 19.48
N PHE A 799 36.30 27.52 19.29
CA PHE A 799 37.28 28.08 20.21
C PHE A 799 36.67 28.33 21.59
N GLN A 800 35.38 28.70 21.65
CA GLN A 800 34.72 28.81 22.93
C GLN A 800 34.53 27.44 23.58
N ASN A 801 34.07 26.47 22.79
CA ASN A 801 33.85 25.12 23.34
C ASN A 801 35.16 24.49 23.78
N ILE A 802 36.22 24.67 22.99
CA ILE A 802 37.53 24.14 23.38
C ILE A 802 38.01 24.83 24.66
N ALA A 803 38.04 26.17 24.63
CA ALA A 803 38.56 26.92 25.77
C ALA A 803 37.78 26.66 27.05
N ASN A 804 36.51 26.27 26.94
CA ASN A 804 35.70 25.94 28.12
C ASN A 804 35.88 24.48 28.52
N LEU A 805 35.33 23.56 27.72
CA LEU A 805 35.40 22.15 28.06
C LEU A 805 36.82 21.60 28.03
N GLY A 806 37.72 22.21 27.27
CA GLY A 806 39.10 21.76 27.25
C GLY A 806 39.80 22.08 28.55
N THR A 807 39.83 23.36 28.90
CA THR A 807 40.44 23.77 30.17
C THR A 807 39.63 23.29 31.36
N GLY A 808 38.32 23.08 31.18
CA GLY A 808 37.51 22.52 32.26
C GLY A 808 37.83 21.06 32.52
N ILE A 809 38.06 20.28 31.45
CA ILE A 809 38.50 18.90 31.59
C ILE A 809 39.82 18.84 32.36
N ILE A 810 40.77 19.69 31.97
CA ILE A 810 42.10 19.68 32.56
C ILE A 810 42.02 19.89 34.07
N ILE A 811 41.36 20.97 34.50
CA ILE A 811 41.30 21.33 35.90
C ILE A 811 40.68 20.20 36.71
N SER A 812 39.53 19.70 36.26
CA SER A 812 38.82 18.67 37.00
C SER A 812 39.63 17.41 37.14
N LEU A 813 40.46 17.09 36.13
CA LEU A 813 41.27 15.88 36.19
C LEU A 813 42.28 15.94 37.33
N ILE A 814 42.94 17.09 37.50
CA ILE A 814 43.98 17.20 38.51
C ILE A 814 43.39 17.37 39.91
N TYR A 815 42.29 18.13 40.01
CA TYR A 815 41.64 18.32 41.31
C TYR A 815 40.88 17.09 41.76
N GLY A 816 40.54 16.19 40.84
CA GLY A 816 39.88 14.94 41.17
C GLY A 816 39.83 14.02 39.96
N TRP A 817 40.81 13.14 39.82
CA TRP A 817 40.94 12.36 38.59
C TRP A 817 39.88 11.27 38.50
N GLN A 818 39.38 10.78 39.63
CA GLN A 818 38.43 9.66 39.62
C GLN A 818 37.02 10.09 39.24
N LEU A 819 36.56 11.24 39.77
CA LEU A 819 35.18 11.65 39.53
C LEU A 819 34.94 12.07 38.09
N THR A 820 35.96 12.59 37.41
CA THR A 820 35.75 13.10 36.05
C THR A 820 35.49 11.97 35.07
N LEU A 821 36.19 10.84 35.24
CA LEU A 821 35.97 9.72 34.35
C LEU A 821 34.53 9.21 34.43
N LEU A 822 33.85 9.44 35.55
CA LEU A 822 32.41 9.21 35.62
C LEU A 822 31.66 10.28 34.82
N LEU A 823 31.93 11.56 35.11
CA LEU A 823 31.14 12.63 34.51
C LEU A 823 31.43 12.79 33.02
N LEU A 824 32.71 12.78 32.63
CA LEU A 824 33.04 12.85 31.21
C LEU A 824 32.67 11.57 30.47
N ALA A 825 32.27 10.50 31.18
CA ALA A 825 31.64 9.35 30.56
C ALA A 825 30.13 9.49 30.48
N ILE A 826 29.53 10.29 31.36
CA ILE A 826 28.09 10.49 31.35
C ILE A 826 27.69 11.65 30.45
N VAL A 827 28.50 12.71 30.41
CA VAL A 827 28.21 13.84 29.52
C VAL A 827 27.99 13.39 28.09
N PRO A 828 28.84 12.55 27.49
CA PRO A 828 28.50 11.96 26.18
C PRO A 828 27.13 11.30 26.13
N ILE A 829 26.71 10.65 27.22
CA ILE A 829 25.44 9.94 27.21
C ILE A 829 24.28 10.93 27.22
N ILE A 830 24.35 11.98 28.04
CA ILE A 830 23.23 12.90 28.15
C ILE A 830 23.18 13.84 26.94
N ALA A 831 24.34 14.17 26.37
CA ALA A 831 24.35 14.99 25.16
C ALA A 831 23.72 14.26 23.99
N ILE A 832 23.99 12.95 23.89
CA ILE A 832 23.40 12.13 22.83
C ILE A 832 21.88 12.10 22.94
N ALA A 833 21.37 11.98 24.16
CA ALA A 833 19.93 11.87 24.36
C ALA A 833 19.22 13.13 23.88
N GLY A 834 19.85 14.30 24.08
CA GLY A 834 19.29 15.53 23.54
C GLY A 834 19.28 15.54 22.03
N VAL A 835 20.20 14.81 21.41
CA VAL A 835 20.27 14.75 19.95
C VAL A 835 19.20 13.81 19.41
N VAL A 836 19.08 12.62 20.00
CA VAL A 836 18.12 11.63 19.51
C VAL A 836 16.69 12.17 19.62
N GLU A 837 16.42 12.99 20.63
CA GLU A 837 15.12 13.64 20.70
C GLU A 837 14.97 14.64 19.56
N MET A 838 16.03 15.38 19.23
CA MET A 838 15.99 16.25 18.06
C MET A 838 15.78 15.45 16.79
N LYS A 839 16.33 14.24 16.74
CA LYS A 839 16.12 13.39 15.57
C LYS A 839 14.67 12.92 15.52
N MET A 840 14.23 12.18 16.55
CA MET A 840 12.90 11.60 16.54
C MET A 840 11.81 12.66 16.58
N LEU A 841 12.11 13.88 16.99
CA LEU A 841 11.13 14.96 16.87
C LEU A 841 11.02 15.43 15.42
N SER A 842 12.12 15.43 14.68
CA SER A 842 12.12 15.83 13.28
C SER A 842 11.83 14.67 12.34
N GLY A 843 12.39 13.49 12.61
CA GLY A 843 12.07 12.32 11.83
C GLY A 843 10.60 11.94 11.93
N GLN A 844 9.98 12.22 13.07
CA GLN A 844 8.54 12.04 13.20
C GLN A 844 7.77 13.20 12.57
N ALA A 845 8.37 14.39 12.55
CA ALA A 845 7.71 15.52 11.90
C ALA A 845 7.54 15.26 10.41
N LEU A 846 8.52 14.61 9.79
CA LEU A 846 8.37 14.23 8.39
C LEU A 846 7.28 13.17 8.21
N LYS A 847 7.27 12.15 9.08
CA LYS A 847 6.36 11.03 8.88
C LYS A 847 4.90 11.46 8.98
N ASP A 848 4.53 12.17 10.05
CA ASP A 848 3.14 12.57 10.21
C ASP A 848 2.72 13.58 9.14
N LYS A 849 3.60 14.53 8.81
CA LYS A 849 3.26 15.55 7.83
C LYS A 849 3.26 15.02 6.40
N LYS A 850 3.90 13.87 6.15
CA LYS A 850 3.82 13.23 4.84
C LYS A 850 2.59 12.35 4.70
N GLU A 851 2.15 11.70 5.78
CA GLU A 851 0.91 10.94 5.75
C GLU A 851 -0.32 11.83 5.58
N LEU A 852 -0.18 13.14 5.83
CA LEU A 852 -1.31 14.05 5.76
C LEU A 852 -1.52 14.64 4.38
N GLU A 853 -0.53 14.57 3.48
CA GLU A 853 -0.72 15.15 2.15
C GLU A 853 -1.81 14.42 1.37
N GLY A 854 -1.92 13.11 1.56
CA GLY A 854 -2.99 12.36 0.92
C GLY A 854 -4.36 12.86 1.36
N SER A 855 -4.50 13.16 2.65
CA SER A 855 -5.72 13.79 3.13
C SER A 855 -5.85 15.18 2.53
N GLY A 856 -4.73 15.88 2.36
CA GLY A 856 -4.76 17.23 1.81
C GLY A 856 -5.02 17.24 0.31
N LYS A 857 -4.55 16.21 -0.40
CA LYS A 857 -4.85 16.12 -1.83
C LYS A 857 -6.35 16.02 -2.06
N ILE A 858 -7.04 15.25 -1.22
CA ILE A 858 -8.50 15.14 -1.32
C ILE A 858 -9.13 16.50 -1.13
N ALA A 859 -8.75 17.21 -0.07
CA ALA A 859 -9.32 18.52 0.20
C ALA A 859 -9.02 19.49 -0.94
N THR A 860 -7.74 19.54 -1.36
CA THR A 860 -7.34 20.43 -2.44
C THR A 860 -8.16 20.15 -3.70
N GLU A 861 -8.44 18.88 -3.98
CA GLU A 861 -9.28 18.55 -5.13
C GLU A 861 -10.70 19.07 -4.97
N ALA A 862 -11.18 19.16 -3.73
CA ALA A 862 -12.56 19.59 -3.48
C ALA A 862 -12.70 21.11 -3.40
N ILE A 863 -11.72 21.80 -2.81
CA ILE A 863 -11.81 23.25 -2.71
C ILE A 863 -11.55 23.89 -4.07
N GLU A 864 -10.52 23.43 -4.77
CA GLU A 864 -10.17 24.02 -6.06
C GLU A 864 -11.26 23.83 -7.10
N ASN A 865 -12.11 22.80 -6.93
CA ASN A 865 -13.24 22.56 -7.83
C ASN A 865 -14.53 22.53 -7.03
N PHE A 866 -14.76 23.53 -6.18
CA PHE A 866 -15.92 23.47 -5.29
C PHE A 866 -17.21 23.69 -6.07
N ARG A 867 -17.20 24.59 -7.06
CA ARG A 867 -18.41 24.85 -7.84
C ARG A 867 -18.88 23.60 -8.56
N THR A 868 -17.96 22.69 -8.86
CA THR A 868 -18.32 21.42 -9.49
C THR A 868 -19.04 20.51 -8.52
N VAL A 869 -18.36 20.15 -7.43
CA VAL A 869 -18.85 19.13 -6.51
C VAL A 869 -20.23 19.50 -5.96
N VAL A 870 -20.49 20.79 -5.78
CA VAL A 870 -21.82 21.20 -5.36
C VAL A 870 -22.84 20.90 -6.46
N SER A 871 -22.44 21.01 -7.72
CA SER A 871 -23.35 20.69 -8.81
C SER A 871 -23.62 19.19 -8.87
N LEU A 872 -22.59 18.38 -8.64
CA LEU A 872 -22.77 16.93 -8.52
C LEU A 872 -23.30 16.53 -7.15
N THR A 873 -23.38 17.45 -6.20
CA THR A 873 -23.89 17.17 -4.85
C THR A 873 -23.05 16.12 -4.12
N ARG A 874 -21.78 15.99 -4.49
CA ARG A 874 -20.87 15.03 -3.87
C ARG A 874 -20.03 15.67 -2.78
N GLU A 875 -20.60 16.60 -2.02
CA GLU A 875 -19.89 17.12 -0.85
C GLU A 875 -19.68 16.02 0.18
N GLN A 876 -20.68 15.17 0.38
CA GLN A 876 -20.56 14.10 1.36
C GLN A 876 -19.49 13.09 0.95
N LYS A 877 -19.36 12.83 -0.35
CA LYS A 877 -18.36 11.89 -0.83
C LYS A 877 -16.96 12.33 -0.43
N PHE A 878 -16.59 13.56 -0.77
CA PHE A 878 -15.27 14.06 -0.39
C PHE A 878 -15.11 14.15 1.11
N GLU A 879 -16.20 14.38 1.84
CA GLU A 879 -16.15 14.33 3.30
C GLU A 879 -15.74 12.95 3.78
N THR A 880 -16.40 11.90 3.28
CA THR A 880 -16.04 10.54 3.65
C THR A 880 -14.62 10.22 3.19
N MET A 881 -14.28 10.58 1.95
CA MET A 881 -12.93 10.35 1.45
C MET A 881 -11.90 11.07 2.32
N TYR A 882 -12.24 12.28 2.78
CA TYR A 882 -11.34 13.01 3.68
C TYR A 882 -11.20 12.27 5.01
N ALA A 883 -12.32 11.83 5.60
CA ALA A 883 -12.26 11.14 6.87
C ALA A 883 -11.53 9.81 6.74
N GLN A 884 -11.80 9.06 5.68
CA GLN A 884 -11.13 7.77 5.47
C GLN A 884 -9.63 7.93 5.36
N SER A 885 -9.16 9.06 4.81
CA SER A 885 -7.72 9.29 4.70
C SER A 885 -7.10 9.63 6.05
N LEU A 886 -7.87 10.27 6.93
CA LEU A 886 -7.38 10.66 8.24
C LEU A 886 -7.34 9.51 9.24
N GLN A 887 -7.92 8.36 8.92
CA GLN A 887 -7.90 7.22 9.83
C GLN A 887 -6.50 6.69 10.08
N ILE A 888 -5.56 6.94 9.18
CA ILE A 888 -4.20 6.42 9.32
C ILE A 888 -3.40 7.33 10.25
N PRO A 889 -3.25 8.63 9.98
CA PRO A 889 -2.48 9.49 10.90
C PRO A 889 -3.06 9.56 12.30
N TYR A 890 -4.37 9.32 12.45
CA TYR A 890 -4.96 9.31 13.78
C TYR A 890 -4.42 8.15 14.61
N ARG A 891 -4.62 6.92 14.13
CA ARG A 891 -4.17 5.75 14.87
C ARG A 891 -2.65 5.70 15.02
N ASN A 892 -1.90 6.38 14.15
CA ASN A 892 -0.46 6.52 14.35
C ASN A 892 -0.14 7.53 15.45
N ALA A 893 -0.85 8.65 15.49
CA ALA A 893 -0.58 9.69 16.48
C ALA A 893 -0.94 9.27 17.89
N MET A 894 -1.84 8.29 18.06
CA MET A 894 -2.15 7.82 19.40
C MET A 894 -1.04 6.98 19.99
N LYS A 895 -0.13 6.44 19.18
CA LYS A 895 1.10 5.85 19.67
C LYS A 895 2.25 6.84 19.69
N LYS A 896 2.15 7.93 18.94
CA LYS A 896 3.18 8.98 19.00
C LYS A 896 3.29 9.53 20.41
N ALA A 897 2.15 9.79 21.07
CA ALA A 897 2.18 10.27 22.45
C ALA A 897 2.82 9.25 23.37
N HIS A 898 2.61 7.96 23.10
CA HIS A 898 3.29 6.92 23.87
C HIS A 898 4.79 6.99 23.68
N VAL A 899 5.25 7.28 22.46
CA VAL A 899 6.68 7.37 22.20
C VAL A 899 7.26 8.59 22.91
N PHE A 900 6.80 9.78 22.53
CA PHE A 900 7.34 11.01 23.08
C PHE A 900 7.09 11.13 24.59
N GLY A 901 6.14 10.36 25.12
CA GLY A 901 6.08 10.21 26.57
C GLY A 901 7.31 9.52 27.12
N ILE A 902 7.81 8.51 26.40
CA ILE A 902 8.96 7.75 26.88
C ILE A 902 10.25 8.55 26.64
N THR A 903 10.42 9.10 25.43
CA THR A 903 11.65 9.81 25.13
C THR A 903 11.78 11.05 25.99
N PHE A 904 10.66 11.63 26.41
CA PHE A 904 10.73 12.73 27.36
C PHE A 904 11.08 12.23 28.75
N SER A 905 10.53 11.08 29.15
CA SER A 905 10.84 10.54 30.48
C SER A 905 12.27 10.06 30.57
N PHE A 906 12.73 9.30 29.56
CA PHE A 906 14.06 8.71 29.61
C PHE A 906 15.17 9.74 29.45
N THR A 907 14.86 10.98 29.06
CA THR A 907 15.85 12.05 29.08
C THR A 907 15.91 12.69 30.46
N GLN A 908 14.75 13.04 31.03
CA GLN A 908 14.71 13.67 32.33
C GLN A 908 15.20 12.72 33.41
N ALA A 909 14.85 11.44 33.30
CA ALA A 909 15.24 10.46 34.31
C ALA A 909 16.74 10.16 34.27
N MET A 910 17.31 10.03 33.08
CA MET A 910 18.75 9.84 32.97
C MET A 910 19.54 11.03 33.50
N MET A 911 18.91 12.21 33.56
CA MET A 911 19.56 13.37 34.15
C MET A 911 19.51 13.30 35.68
N TYR A 912 18.33 13.03 36.24
CA TYR A 912 18.20 12.99 37.69
C TYR A 912 18.90 11.78 38.29
N PHE A 913 18.88 10.64 37.59
CA PHE A 913 19.65 9.49 38.07
C PHE A 913 21.14 9.77 38.00
N SER A 914 21.60 10.40 36.93
CA SER A 914 23.00 10.76 36.83
C SER A 914 23.36 11.85 37.84
N TYR A 915 22.40 12.70 38.18
CA TYR A 915 22.59 13.64 39.28
C TYR A 915 22.83 12.89 40.59
N ALA A 916 22.20 11.72 40.74
CA ALA A 916 22.42 10.88 41.91
C ALA A 916 23.66 10.01 41.76
N ALA A 917 23.97 9.55 40.54
CA ALA A 917 25.17 8.75 40.35
C ALA A 917 26.43 9.57 40.62
N CYS A 918 26.37 10.88 40.44
CA CYS A 918 27.52 11.73 40.73
C CYS A 918 27.62 12.02 42.23
N PHE A 919 26.56 12.59 42.81
CA PHE A 919 26.58 12.92 44.23
C PHE A 919 26.49 11.70 45.15
N ARG A 920 26.37 10.50 44.59
CA ARG A 920 26.60 9.27 45.33
C ARG A 920 28.08 8.89 45.27
N PHE A 921 28.63 8.78 44.07
CA PHE A 921 30.04 8.44 43.92
C PHE A 921 30.93 9.54 44.47
N GLY A 922 30.57 10.81 44.23
CA GLY A 922 31.35 11.91 44.75
C GLY A 922 31.36 11.97 46.26
N ALA A 923 30.28 11.52 46.90
CA ALA A 923 30.25 11.46 48.36
C ALA A 923 31.19 10.37 48.86
N TYR A 924 31.27 9.25 48.14
CA TYR A 924 32.17 8.17 48.53
C TYR A 924 33.63 8.61 48.47
N LEU A 925 33.95 9.59 47.63
CA LEU A 925 35.33 10.08 47.53
C LEU A 925 35.70 10.99 48.70
N VAL A 926 34.73 11.60 49.37
CA VAL A 926 35.02 12.45 50.53
C VAL A 926 35.13 11.62 51.80
N THR A 927 34.32 10.57 51.93
CA THR A 927 34.40 9.69 53.09
C THR A 927 35.79 9.06 53.22
N GLN A 928 36.35 8.60 52.11
CA GLN A 928 37.67 7.98 52.10
C GLN A 928 38.82 8.98 52.10
N GLN A 929 38.55 10.28 52.30
CA GLN A 929 39.59 11.30 52.38
C GLN A 929 40.35 11.44 51.07
N LEU A 930 39.77 11.03 49.95
CA LEU A 930 40.46 11.07 48.67
C LEU A 930 40.29 12.39 47.95
N MET A 931 39.24 13.15 48.23
CA MET A 931 39.09 14.48 47.69
C MET A 931 38.19 15.28 48.61
N THR A 932 38.28 16.60 48.49
CA THR A 932 37.54 17.53 49.32
C THR A 932 36.21 17.85 48.66
N PHE A 933 35.24 18.29 49.48
CA PHE A 933 33.96 18.68 48.92
C PHE A 933 34.10 19.88 47.99
N GLU A 934 35.08 20.75 48.26
CA GLU A 934 35.35 21.84 47.33
C GLU A 934 35.70 21.30 45.95
N ASN A 935 36.50 20.23 45.91
CA ASN A 935 36.91 19.68 44.62
C ASN A 935 35.74 19.01 43.92
N VAL A 936 34.77 18.49 44.67
CA VAL A 936 33.54 17.98 44.06
C VAL A 936 32.87 19.07 43.24
N LEU A 937 32.53 20.19 43.90
CA LEU A 937 31.91 21.29 43.19
C LEU A 937 32.82 21.85 42.11
N LEU A 938 34.13 21.83 42.33
CA LEU A 938 35.06 22.27 41.32
C LEU A 938 35.11 21.30 40.14
N VAL A 939 34.78 20.03 40.36
CA VAL A 939 34.63 19.09 39.24
C VAL A 939 33.24 19.26 38.61
N PHE A 940 32.19 19.13 39.44
CA PHE A 940 30.82 19.10 38.94
C PHE A 940 30.48 20.36 38.16
N SER A 941 30.69 21.53 38.77
CA SER A 941 30.37 22.79 38.12
C SER A 941 31.40 23.21 37.08
N ALA A 942 32.43 22.39 36.82
CA ALA A 942 33.37 22.63 35.73
C ALA A 942 33.05 21.79 34.49
N ILE A 943 32.61 20.56 34.69
CA ILE A 943 32.21 19.69 33.59
C ILE A 943 30.76 19.95 33.24
N VAL A 944 29.88 19.82 34.23
CA VAL A 944 28.44 19.87 33.98
C VAL A 944 28.03 21.26 33.52
N PHE A 945 28.26 22.27 34.37
CA PHE A 945 27.94 23.64 33.99
C PHE A 945 28.76 24.09 32.77
N GLY A 946 29.91 23.46 32.54
CA GLY A 946 30.66 23.72 31.31
C GLY A 946 30.15 22.95 30.11
N ALA A 947 29.66 21.73 30.33
CA ALA A 947 29.04 20.99 29.23
C ALA A 947 27.70 21.58 28.85
N MET A 948 26.98 22.15 29.82
CA MET A 948 25.80 22.93 29.51
C MET A 948 26.14 24.20 28.74
N ALA A 949 27.38 24.69 28.85
CA ALA A 949 27.73 25.95 28.22
C ALA A 949 27.88 25.80 26.71
N VAL A 950 28.41 24.66 26.25
CA VAL A 950 28.55 24.47 24.81
C VAL A 950 27.18 24.40 24.14
N GLY A 951 26.20 23.83 24.85
CA GLY A 951 24.85 23.80 24.32
C GLY A 951 24.22 25.18 24.25
N GLN A 952 24.40 25.99 25.30
CA GLN A 952 23.90 27.35 25.27
C GLN A 952 24.59 28.17 24.20
N VAL A 953 25.84 27.83 23.87
CA VAL A 953 26.54 28.49 22.76
C VAL A 953 26.02 27.95 21.43
N SER A 954 26.12 26.64 21.23
CA SER A 954 25.74 26.03 19.95
C SER A 954 24.26 26.25 19.63
N SER A 955 23.42 26.41 20.65
CA SER A 955 22.01 26.69 20.44
C SER A 955 21.75 28.17 20.16
N PHE A 956 22.69 29.05 20.46
CA PHE A 956 22.54 30.46 20.16
C PHE A 956 23.02 30.82 18.76
N ALA A 957 24.12 30.20 18.32
CA ALA A 957 24.66 30.50 17.01
C ALA A 957 23.68 30.06 15.92
N PRO A 958 23.84 30.54 14.68
CA PRO A 958 22.92 30.12 13.62
C PRO A 958 23.04 28.63 13.34
N ASP A 959 22.01 28.10 12.68
CA ASP A 959 21.96 26.67 12.40
C ASP A 959 23.09 26.32 11.45
N TYR A 960 24.08 25.58 11.97
CA TYR A 960 25.28 25.29 11.19
C TYR A 960 24.99 24.35 10.03
N ALA A 961 24.14 23.34 10.25
CA ALA A 961 23.79 22.43 9.17
C ALA A 961 23.07 23.17 8.06
N LYS A 962 22.08 23.98 8.42
CA LYS A 962 21.39 24.81 7.45
C LYS A 962 22.34 25.81 6.80
N ALA A 963 23.40 26.22 7.52
CA ALA A 963 24.34 27.19 6.98
C ALA A 963 25.30 26.57 5.97
N THR A 964 25.74 25.33 6.18
CA THR A 964 26.67 24.71 5.25
C THR A 964 26.01 24.37 3.93
N VAL A 965 24.82 23.76 3.97
CA VAL A 965 24.09 23.46 2.75
C VAL A 965 23.68 24.76 2.06
N SER A 966 23.37 25.79 2.84
CA SER A 966 23.12 27.10 2.27
C SER A 966 24.35 27.65 1.58
N ALA A 967 25.54 27.26 2.04
CA ALA A 967 26.78 27.73 1.43
C ALA A 967 27.17 26.88 0.22
N SER A 968 26.91 25.58 0.27
CA SER A 968 27.24 24.72 -0.86
C SER A 968 26.50 25.15 -2.11
N HIS A 969 25.27 25.61 -1.96
CA HIS A 969 24.52 26.12 -3.10
C HIS A 969 25.14 27.41 -3.64
N ILE A 970 25.72 28.23 -2.77
CA ILE A 970 26.34 29.47 -3.23
C ILE A 970 27.55 29.16 -4.11
N ILE A 971 28.42 28.27 -3.63
CA ILE A 971 29.69 28.02 -4.31
C ILE A 971 29.45 27.47 -5.71
N ARG A 972 28.43 26.63 -5.86
CA ARG A 972 28.11 26.11 -7.19
C ARG A 972 27.71 27.24 -8.12
N ILE A 973 26.86 28.14 -7.64
CA ILE A 973 26.41 29.26 -8.48
C ILE A 973 27.56 30.19 -8.81
N ILE A 974 28.58 30.25 -7.96
CA ILE A 974 29.75 31.10 -8.24
C ILE A 974 30.71 30.37 -9.18
N GLU A 975 31.17 29.18 -8.78
CA GLU A 975 32.18 28.47 -9.54
C GLU A 975 31.69 27.93 -10.88
N LYS A 976 30.40 28.06 -11.19
CA LYS A 976 29.88 27.56 -12.46
C LYS A 976 30.23 28.55 -13.57
N THR A 977 31.02 28.05 -14.58
CA THR A 977 31.35 28.76 -15.80
C THR A 977 30.52 28.21 -16.95
N PRO A 978 29.99 29.04 -17.85
CA PRO A 978 29.04 28.54 -18.85
C PRO A 978 29.73 28.06 -20.12
N GLU A 979 28.96 27.31 -20.91
CA GLU A 979 29.42 26.91 -22.24
C GLU A 979 29.66 28.13 -23.11
N ILE A 980 28.88 29.20 -22.91
CA ILE A 980 28.96 30.43 -23.70
C ILE A 980 29.20 31.55 -22.69
N ASP A 981 30.46 31.95 -22.52
CA ASP A 981 30.81 33.00 -21.58
C ASP A 981 30.49 34.35 -22.20
N SER A 982 29.40 34.97 -21.75
CA SER A 982 29.03 36.29 -22.23
C SER A 982 29.96 37.36 -21.67
N TYR A 983 30.55 37.13 -20.50
CA TYR A 983 31.51 38.06 -19.93
C TYR A 983 32.88 37.99 -20.59
N SER A 984 33.10 37.04 -21.49
CA SER A 984 34.41 36.91 -22.12
C SER A 984 34.71 38.13 -22.99
N THR A 985 35.95 38.22 -23.44
CA THR A 985 36.42 39.33 -24.26
C THR A 985 37.03 38.90 -25.59
N GLN A 986 37.39 37.63 -25.76
CA GLN A 986 38.04 37.19 -26.98
C GLN A 986 37.00 36.88 -28.06
N GLY A 987 37.49 36.80 -29.29
CA GLY A 987 36.66 36.62 -30.47
C GLY A 987 37.22 37.49 -31.58
N LEU A 988 36.83 37.15 -32.82
CA LEU A 988 37.40 37.85 -33.98
C LEU A 988 36.97 39.31 -33.99
N LYS A 989 35.66 39.56 -34.01
CA LYS A 989 35.12 40.91 -33.97
C LYS A 989 35.67 41.74 -35.13
N PRO A 990 35.31 41.42 -36.36
CA PRO A 990 35.88 42.10 -37.52
C PRO A 990 35.22 43.45 -37.79
N ASN A 991 35.75 44.14 -38.80
CA ASN A 991 35.21 45.41 -39.29
C ASN A 991 34.40 45.23 -40.55
N MET A 992 33.75 44.07 -40.71
CA MET A 992 32.95 43.75 -41.88
C MET A 992 31.48 43.92 -41.50
N LEU A 993 30.80 44.86 -42.18
CA LEU A 993 29.45 45.26 -41.84
C LEU A 993 28.43 44.71 -42.83
N GLU A 994 28.74 43.59 -43.48
CA GLU A 994 27.87 43.05 -44.52
C GLU A 994 26.57 42.50 -43.94
N GLY A 995 26.58 41.24 -43.49
CA GLY A 995 25.43 40.63 -42.86
C GLY A 995 24.94 39.37 -43.54
N ASN A 996 25.87 38.57 -44.07
CA ASN A 996 25.53 37.32 -44.74
C ASN A 996 25.35 36.23 -43.68
N VAL A 997 24.11 35.80 -43.48
CA VAL A 997 23.78 34.71 -42.55
C VAL A 997 23.74 33.41 -43.34
N GLN A 998 24.12 32.32 -42.67
CA GLN A 998 24.08 30.99 -43.28
C GLN A 998 23.98 29.96 -42.17
N PHE A 999 22.88 29.21 -42.16
CA PHE A 999 22.76 27.98 -41.37
C PHE A 999 23.08 26.81 -42.28
N SER A 1000 23.87 25.87 -41.76
CA SER A 1000 24.33 24.70 -42.54
C SER A 1000 24.13 23.43 -41.73
N GLY A 1001 23.01 22.77 -41.94
CA GLY A 1001 22.75 21.46 -41.36
C GLY A 1001 22.83 21.43 -39.84
N VAL A 1002 22.23 22.42 -39.18
CA VAL A 1002 22.35 22.49 -37.73
C VAL A 1002 21.51 21.40 -37.11
N VAL A 1003 22.07 20.71 -36.11
CA VAL A 1003 21.37 19.70 -35.33
C VAL A 1003 21.37 20.19 -33.89
N PHE A 1004 20.18 20.24 -33.29
CA PHE A 1004 20.03 20.79 -31.96
C PHE A 1004 18.93 20.06 -31.21
N ASN A 1005 19.16 19.84 -29.92
CA ASN A 1005 18.15 19.40 -28.98
C ASN A 1005 18.24 20.31 -27.77
N TYR A 1006 17.09 20.71 -27.25
CA TYR A 1006 17.09 21.54 -26.05
C TYR A 1006 17.63 20.70 -24.89
N PRO A 1007 18.64 21.18 -24.14
CA PRO A 1007 19.23 20.32 -23.11
C PRO A 1007 18.31 20.05 -21.94
N THR A 1008 17.23 20.82 -21.79
CA THR A 1008 16.22 20.51 -20.79
C THR A 1008 15.49 19.23 -21.12
N ARG A 1009 15.29 18.94 -22.41
CA ARG A 1009 14.60 17.74 -22.88
C ARG A 1009 15.40 17.13 -24.02
N PRO A 1010 16.53 16.48 -23.71
CA PRO A 1010 17.37 15.92 -24.78
C PRO A 1010 16.74 14.75 -25.54
N SER A 1011 15.61 14.22 -25.07
CA SER A 1011 14.98 13.10 -25.76
C SER A 1011 14.25 13.54 -27.02
N ILE A 1012 13.59 14.69 -26.98
CA ILE A 1012 12.85 15.19 -28.13
C ILE A 1012 13.84 15.84 -29.08
N PRO A 1013 13.71 15.69 -30.42
CA PRO A 1013 14.49 16.52 -31.34
C PRO A 1013 13.69 17.74 -31.79
N VAL A 1014 14.39 18.80 -32.20
CA VAL A 1014 13.77 20.00 -32.73
C VAL A 1014 14.25 20.33 -34.14
N LEU A 1015 15.57 20.30 -34.34
CA LEU A 1015 16.18 20.63 -35.63
C LEU A 1015 17.08 19.49 -36.07
N GLN A 1016 16.90 19.04 -37.30
CA GLN A 1016 17.68 17.96 -37.89
C GLN A 1016 18.07 18.42 -39.29
N GLY A 1017 19.35 18.72 -39.47
CA GLY A 1017 19.84 19.13 -40.78
C GLY A 1017 19.15 20.34 -41.37
N LEU A 1018 18.88 21.35 -40.55
CA LEU A 1018 18.27 22.58 -41.04
C LEU A 1018 19.36 23.46 -41.64
N SER A 1019 19.22 23.75 -42.94
CA SER A 1019 20.15 24.61 -43.65
C SER A 1019 19.36 25.74 -44.32
N LEU A 1020 19.90 26.95 -44.26
CA LEU A 1020 19.27 28.09 -44.89
C LEU A 1020 20.22 29.27 -44.89
N GLU A 1021 20.13 30.08 -45.95
CA GLU A 1021 20.95 31.27 -46.13
C GLU A 1021 20.06 32.50 -46.12
N VAL A 1022 20.66 33.64 -45.79
CA VAL A 1022 19.97 34.93 -45.81
C VAL A 1022 20.94 35.94 -46.40
N LYS A 1023 20.63 36.45 -47.58
CA LYS A 1023 21.46 37.44 -48.22
C LYS A 1023 21.23 38.80 -47.55
N LYS A 1024 22.16 39.72 -47.79
CA LYS A 1024 22.11 41.02 -47.13
C LYS A 1024 20.86 41.79 -47.56
N GLY A 1025 20.16 42.36 -46.57
CA GLY A 1025 19.07 43.28 -46.81
C GLY A 1025 17.73 42.63 -47.04
N GLN A 1026 17.70 41.39 -47.53
CA GLN A 1026 16.44 40.74 -47.87
C GLN A 1026 15.78 40.18 -46.61
N THR A 1027 14.59 39.62 -46.81
CA THR A 1027 13.82 38.97 -45.76
C THR A 1027 13.81 37.48 -46.01
N LEU A 1028 13.97 36.71 -44.94
CA LEU A 1028 13.72 35.27 -44.93
C LEU A 1028 12.60 35.02 -43.93
N ALA A 1029 11.64 34.19 -44.32
CA ALA A 1029 10.52 33.81 -43.48
C ALA A 1029 10.59 32.33 -43.16
N LEU A 1030 10.32 31.99 -41.90
CA LEU A 1030 10.28 30.61 -41.44
C LEU A 1030 8.86 30.29 -41.01
N VAL A 1031 8.32 29.17 -41.51
CA VAL A 1031 6.96 28.75 -41.20
C VAL A 1031 6.95 27.24 -41.01
N GLY A 1032 5.84 26.74 -40.48
CA GLY A 1032 5.67 25.32 -40.28
C GLY A 1032 4.56 25.04 -39.28
N SER A 1033 4.39 23.75 -38.98
CA SER A 1033 3.42 23.30 -38.00
C SER A 1033 3.99 23.49 -36.59
N SER A 1034 3.37 22.85 -35.61
CA SER A 1034 3.85 22.93 -34.23
C SER A 1034 5.06 22.04 -34.05
N GLY A 1035 6.02 22.51 -33.27
CA GLY A 1035 7.24 21.76 -33.04
C GLY A 1035 8.14 21.66 -34.25
N CYS A 1036 8.10 22.65 -35.14
CA CYS A 1036 8.91 22.60 -36.36
C CYS A 1036 10.34 23.08 -36.10
N GLY A 1037 10.50 24.08 -35.25
CA GLY A 1037 11.80 24.63 -34.91
C GLY A 1037 12.08 26.03 -35.44
N LYS A 1038 11.05 26.83 -35.71
CA LYS A 1038 11.27 28.15 -36.30
C LYS A 1038 11.84 29.14 -35.28
N SER A 1039 11.33 29.10 -34.05
CA SER A 1039 11.83 30.01 -33.02
C SER A 1039 13.26 29.70 -32.61
N THR A 1040 13.73 28.47 -32.84
CA THR A 1040 15.10 28.10 -32.47
C THR A 1040 16.13 28.89 -33.26
N VAL A 1041 15.80 29.29 -34.49
CA VAL A 1041 16.74 30.03 -35.34
C VAL A 1041 17.15 31.33 -34.67
N VAL A 1042 16.18 32.07 -34.13
CA VAL A 1042 16.49 33.34 -33.46
C VAL A 1042 17.43 33.10 -32.29
N GLN A 1043 17.19 32.03 -31.52
CA GLN A 1043 17.97 31.78 -30.32
C GLN A 1043 19.35 31.23 -30.64
N LEU A 1044 19.52 30.57 -31.79
CA LEU A 1044 20.84 30.07 -32.17
C LEU A 1044 21.70 31.17 -32.79
N LEU A 1045 21.10 32.12 -33.51
CA LEU A 1045 21.90 33.23 -34.03
C LEU A 1045 22.23 34.21 -32.91
N GLU A 1046 21.31 34.40 -31.95
CA GLU A 1046 21.65 35.09 -30.71
C GLU A 1046 22.65 34.29 -29.87
N ARG A 1047 22.83 33.01 -30.18
CA ARG A 1047 23.76 32.13 -29.47
C ARG A 1047 23.37 31.97 -28.00
N PHE A 1048 22.07 31.84 -27.75
CA PHE A 1048 21.62 31.37 -26.45
C PHE A 1048 22.01 29.92 -26.22
N TYR A 1049 22.09 29.13 -27.30
CA TYR A 1049 22.51 27.74 -27.24
C TYR A 1049 23.45 27.47 -28.41
N ASP A 1050 24.29 26.39 -28.26
CA ASP A 1050 25.10 25.87 -29.36
C ASP A 1050 24.40 24.68 -30.01
N PRO A 1051 24.57 24.46 -31.31
CA PRO A 1051 24.02 23.24 -31.91
C PRO A 1051 24.92 22.05 -31.66
N MET A 1052 24.29 20.86 -31.60
CA MET A 1052 25.04 19.64 -31.38
C MET A 1052 25.98 19.37 -32.55
N ALA A 1053 25.46 19.47 -33.77
CA ALA A 1053 26.26 19.33 -34.98
C ALA A 1053 25.84 20.42 -35.95
N GLY A 1054 26.57 20.52 -37.06
CA GLY A 1054 26.36 21.60 -37.99
C GLY A 1054 27.05 22.87 -37.53
N SER A 1055 26.82 23.95 -38.31
CA SER A 1055 27.49 25.21 -38.05
C SER A 1055 26.59 26.36 -38.47
N VAL A 1056 26.76 27.49 -37.77
CA VAL A 1056 26.11 28.75 -38.11
C VAL A 1056 27.20 29.76 -38.41
N PHE A 1057 27.10 30.42 -39.57
CA PHE A 1057 28.10 31.36 -40.05
C PHE A 1057 27.52 32.75 -40.14
N LEU A 1058 28.35 33.75 -39.84
CA LEU A 1058 28.01 35.15 -40.00
C LEU A 1058 29.12 35.81 -40.80
N ASP A 1059 28.79 36.29 -42.00
CA ASP A 1059 29.78 36.83 -42.94
C ASP A 1059 30.86 35.79 -43.24
N GLY A 1060 30.43 34.56 -43.46
CA GLY A 1060 31.35 33.48 -43.76
C GLY A 1060 32.21 33.02 -42.61
N LYS A 1061 31.98 33.52 -41.40
CA LYS A 1061 32.77 33.18 -40.22
C LYS A 1061 31.87 32.47 -39.21
N GLU A 1062 32.37 31.35 -38.68
CA GLU A 1062 31.62 30.60 -37.69
C GLU A 1062 31.43 31.44 -36.43
N ILE A 1063 30.20 31.47 -35.93
CA ILE A 1063 29.88 32.32 -34.77
C ILE A 1063 30.60 31.86 -33.51
N LYS A 1064 31.00 30.58 -33.43
CA LYS A 1064 31.75 30.11 -32.27
C LYS A 1064 33.12 30.75 -32.16
N GLN A 1065 33.63 31.37 -33.23
CA GLN A 1065 34.87 32.12 -33.20
C GLN A 1065 34.66 33.60 -32.93
N LEU A 1066 33.45 34.11 -33.09
CA LEU A 1066 33.17 35.51 -32.84
C LEU A 1066 33.01 35.75 -31.34
N ASN A 1067 33.20 37.01 -30.95
CA ASN A 1067 32.88 37.42 -29.59
C ASN A 1067 31.37 37.41 -29.41
N VAL A 1068 30.91 36.86 -28.27
CA VAL A 1068 29.49 36.66 -28.07
C VAL A 1068 28.78 38.00 -27.95
N GLN A 1069 29.38 38.96 -27.24
CA GLN A 1069 28.75 40.27 -27.10
C GLN A 1069 28.72 41.00 -28.42
N TRP A 1070 29.79 40.90 -29.22
CA TRP A 1070 29.79 41.55 -30.52
C TRP A 1070 28.79 40.89 -31.46
N LEU A 1071 28.65 39.56 -31.38
CA LEU A 1071 27.64 38.88 -32.17
C LEU A 1071 26.26 39.45 -31.87
N ARG A 1072 25.83 39.36 -30.62
CA ARG A 1072 24.52 39.86 -30.22
C ARG A 1072 24.41 41.38 -30.39
N ALA A 1073 25.52 42.09 -30.47
CA ALA A 1073 25.46 43.55 -30.63
C ALA A 1073 24.81 43.92 -31.96
N GLN A 1074 25.26 43.30 -33.05
CA GLN A 1074 24.71 43.55 -34.38
C GLN A 1074 23.50 42.67 -34.71
N LEU A 1075 22.79 42.18 -33.69
CA LEU A 1075 21.53 41.48 -33.87
C LEU A 1075 20.46 42.26 -33.12
N GLY A 1076 19.39 42.60 -33.83
CA GLY A 1076 18.27 43.30 -33.22
C GLY A 1076 17.08 42.39 -32.98
N ILE A 1077 16.92 41.94 -31.74
CA ILE A 1077 15.82 41.03 -31.40
C ILE A 1077 14.55 41.84 -31.22
N VAL A 1078 13.43 41.26 -31.64
CA VAL A 1078 12.09 41.81 -31.38
C VAL A 1078 11.27 40.64 -30.86
N SER A 1079 11.21 40.51 -29.53
CA SER A 1079 10.53 39.38 -28.93
C SER A 1079 9.03 39.45 -29.20
N GLN A 1080 8.36 38.33 -28.94
CA GLN A 1080 6.91 38.24 -29.07
C GLN A 1080 6.26 39.26 -28.13
N GLU A 1081 6.26 38.96 -26.83
CA GLU A 1081 5.76 39.89 -25.82
C GLU A 1081 6.93 40.77 -25.36
N PRO A 1082 7.00 42.04 -25.75
CA PRO A 1082 8.17 42.85 -25.39
C PRO A 1082 8.23 43.12 -23.89
N ILE A 1083 9.38 42.83 -23.30
CA ILE A 1083 9.61 43.14 -21.88
C ILE A 1083 10.02 44.61 -21.78
N LEU A 1084 9.25 45.38 -21.02
CA LEU A 1084 9.61 46.73 -20.63
C LEU A 1084 9.97 46.77 -19.15
N PHE A 1085 11.02 47.50 -18.82
CA PHE A 1085 11.47 47.64 -17.44
C PHE A 1085 10.78 48.82 -16.77
N ASP A 1086 10.67 48.75 -15.44
CA ASP A 1086 10.13 49.85 -14.64
C ASP A 1086 11.08 51.03 -14.70
N CYS A 1087 10.95 51.82 -15.76
CA CYS A 1087 11.82 52.96 -16.00
C CYS A 1087 11.17 53.85 -17.04
N SER A 1088 11.80 54.99 -17.32
CA SER A 1088 11.25 55.91 -18.30
C SER A 1088 11.40 55.33 -19.71
N ILE A 1089 10.74 56.00 -20.67
CA ILE A 1089 10.86 55.59 -22.06
C ILE A 1089 12.31 55.70 -22.53
N ALA A 1090 12.95 56.83 -22.21
CA ALA A 1090 14.29 57.09 -22.73
C ALA A 1090 15.29 56.03 -22.27
N GLU A 1091 15.18 55.60 -21.01
CA GLU A 1091 16.11 54.60 -20.48
C GLU A 1091 15.79 53.20 -21.01
N ASN A 1092 14.51 52.87 -21.13
CA ASN A 1092 14.12 51.56 -21.65
C ASN A 1092 14.61 51.39 -23.09
N ILE A 1093 14.46 52.42 -23.92
CA ILE A 1093 14.93 52.35 -25.29
C ILE A 1093 16.44 52.31 -25.33
N ALA A 1094 17.10 53.16 -24.52
CA ALA A 1094 18.55 53.21 -24.50
C ALA A 1094 19.17 51.91 -23.97
N TYR A 1095 18.39 51.06 -23.31
CA TYR A 1095 18.89 49.77 -22.85
C TYR A 1095 19.33 48.87 -23.99
N GLY A 1096 18.84 49.10 -25.20
CA GLY A 1096 19.22 48.32 -26.37
C GLY A 1096 20.71 48.38 -26.64
N ASP A 1097 21.23 49.59 -26.85
CA ASP A 1097 22.66 49.83 -27.07
C ASP A 1097 23.24 50.32 -25.74
N ASN A 1098 23.90 49.42 -25.02
CA ASN A 1098 24.58 49.75 -23.78
C ASN A 1098 25.98 50.29 -24.06
N SER A 1099 26.49 51.07 -23.10
CA SER A 1099 27.79 51.72 -23.21
C SER A 1099 27.85 52.77 -24.31
N ARG A 1100 26.95 53.76 -24.25
CA ARG A 1100 26.95 54.85 -25.21
C ARG A 1100 26.45 56.10 -24.51
N VAL A 1101 26.90 57.27 -24.99
CA VAL A 1101 26.56 58.53 -24.34
C VAL A 1101 25.06 58.78 -24.39
N VAL A 1102 24.44 58.46 -25.54
CA VAL A 1102 23.02 58.68 -25.83
C VAL A 1102 22.49 60.02 -25.32
N SER A 1103 22.34 60.98 -26.24
CA SER A 1103 21.88 62.32 -25.88
C SER A 1103 20.40 62.48 -26.27
N TYR A 1104 19.89 63.69 -26.05
CA TYR A 1104 18.49 63.99 -26.36
C TYR A 1104 18.19 63.82 -27.85
N GLU A 1105 19.14 64.19 -28.71
CA GLU A 1105 18.91 64.15 -30.15
C GLU A 1105 18.73 62.72 -30.65
N GLU A 1106 19.48 61.77 -30.07
CA GLU A 1106 19.44 60.40 -30.57
C GLU A 1106 18.16 59.68 -30.18
N ILE A 1107 17.52 60.09 -29.08
CA ILE A 1107 16.34 59.38 -28.60
C ILE A 1107 15.15 59.60 -29.53
N VAL A 1108 14.96 60.84 -30.00
CA VAL A 1108 13.72 61.15 -30.71
C VAL A 1108 13.66 60.47 -32.06
N ARG A 1109 14.80 60.33 -32.74
CA ARG A 1109 14.81 59.69 -34.06
C ARG A 1109 14.35 58.25 -33.99
N ALA A 1110 14.74 57.53 -32.94
CA ALA A 1110 14.33 56.13 -32.82
C ALA A 1110 12.83 56.01 -32.60
N ALA A 1111 12.26 56.86 -31.76
CA ALA A 1111 10.83 56.79 -31.48
C ALA A 1111 10.00 57.19 -32.70
N LYS A 1112 10.53 58.08 -33.54
CA LYS A 1112 9.84 58.44 -34.78
C LYS A 1112 9.69 57.23 -35.69
N GLU A 1113 10.81 56.55 -35.98
CA GLU A 1113 10.79 55.41 -36.89
C GLU A 1113 10.01 54.23 -36.32
N ALA A 1114 9.83 54.16 -35.00
CA ALA A 1114 8.97 53.16 -34.39
C ALA A 1114 7.50 53.56 -34.37
N ASN A 1115 7.15 54.74 -34.87
CA ASN A 1115 5.76 55.19 -34.94
C ASN A 1115 5.14 55.31 -33.55
N ILE A 1116 5.93 55.80 -32.60
CA ILE A 1116 5.44 56.20 -31.29
C ILE A 1116 5.68 57.67 -30.99
N HIS A 1117 6.43 58.38 -31.82
CA HIS A 1117 6.70 59.80 -31.58
C HIS A 1117 5.41 60.60 -31.52
N GLN A 1118 4.50 60.36 -32.47
CA GLN A 1118 3.25 61.09 -32.50
C GLN A 1118 2.37 60.77 -31.30
N PHE A 1119 2.28 59.48 -30.93
CA PHE A 1119 1.50 59.11 -29.76
C PHE A 1119 2.15 59.60 -28.47
N ILE A 1120 3.48 59.56 -28.40
CA ILE A 1120 4.18 60.02 -27.20
C ILE A 1120 3.94 61.51 -26.97
N ASP A 1121 4.03 62.31 -28.04
CA ASP A 1121 4.03 63.76 -27.88
C ASP A 1121 2.76 64.29 -27.22
N SER A 1122 1.66 63.53 -27.25
CA SER A 1122 0.44 63.90 -26.56
C SER A 1122 0.36 63.31 -25.15
N LEU A 1123 1.27 62.43 -24.76
CA LEU A 1123 1.22 61.82 -23.45
C LEU A 1123 1.67 62.80 -22.37
N PRO A 1124 1.29 62.58 -21.11
CA PRO A 1124 1.70 63.54 -20.06
C PRO A 1124 3.19 63.44 -19.80
N ASP A 1125 3.87 64.60 -19.88
CA ASP A 1125 5.33 64.65 -19.79
C ASP A 1125 5.91 63.70 -20.83
N LYS A 1126 5.98 64.15 -22.08
CA LYS A 1126 6.17 63.36 -23.30
C LYS A 1126 7.07 62.13 -23.15
N TYR A 1127 8.39 62.33 -23.23
CA TYR A 1127 9.33 61.21 -23.19
C TYR A 1127 9.83 60.87 -21.79
N ASN A 1128 9.58 61.73 -20.80
CA ASN A 1128 10.00 61.48 -19.44
C ASN A 1128 8.97 60.67 -18.65
N THR A 1129 7.93 60.18 -19.31
CA THR A 1129 6.87 59.46 -18.63
C THR A 1129 7.40 58.15 -18.07
N ARG A 1130 7.30 58.00 -16.74
CA ARG A 1130 7.68 56.75 -16.09
C ARG A 1130 6.74 55.64 -16.54
N VAL A 1131 7.32 54.53 -16.99
CA VAL A 1131 6.56 53.35 -17.41
C VAL A 1131 6.79 52.29 -16.35
N GLY A 1132 5.75 51.51 -16.08
CA GLY A 1132 5.79 50.46 -15.09
C GLY A 1132 4.43 50.28 -14.46
N ASP A 1133 4.43 49.72 -13.25
CA ASP A 1133 3.19 49.53 -12.52
C ASP A 1133 2.66 50.83 -11.94
N LYS A 1134 3.53 51.81 -11.70
CA LYS A 1134 3.09 53.08 -11.13
C LYS A 1134 2.59 54.04 -12.21
N GLY A 1135 3.24 54.06 -13.38
CA GLY A 1135 2.93 55.01 -14.42
C GLY A 1135 1.85 54.56 -15.37
N THR A 1136 1.80 55.22 -16.52
CA THR A 1136 0.79 54.94 -17.53
C THR A 1136 0.97 53.54 -18.11
N GLN A 1137 -0.15 52.85 -18.29
CA GLN A 1137 -0.17 51.51 -18.88
C GLN A 1137 -0.35 51.66 -20.38
N LEU A 1138 0.63 51.18 -21.15
CA LEU A 1138 0.57 51.23 -22.60
C LEU A 1138 -0.02 49.95 -23.16
N SER A 1139 -0.74 50.09 -24.28
CA SER A 1139 -1.35 48.94 -24.93
C SER A 1139 -0.29 47.98 -25.45
N GLY A 1140 -0.72 46.74 -25.73
CA GLY A 1140 0.21 45.72 -26.16
C GLY A 1140 0.92 46.07 -27.46
N GLY A 1141 0.21 46.72 -28.39
CA GLY A 1141 0.85 47.12 -29.63
C GLY A 1141 1.88 48.21 -29.42
N GLN A 1142 1.61 49.16 -28.53
CA GLN A 1142 2.54 50.26 -28.29
C GLN A 1142 3.80 49.77 -27.59
N LYS A 1143 3.69 48.73 -26.76
CA LYS A 1143 4.88 48.17 -26.13
C LYS A 1143 5.83 47.59 -27.18
N GLN A 1144 5.28 46.96 -28.22
CA GLN A 1144 6.12 46.35 -29.24
C GLN A 1144 6.90 47.41 -30.01
N ARG A 1145 6.28 48.56 -30.27
CA ARG A 1145 6.97 49.63 -30.98
C ARG A 1145 8.13 50.18 -30.16
N ILE A 1146 8.05 50.11 -28.83
CA ILE A 1146 9.20 50.47 -28.00
C ILE A 1146 10.34 49.47 -28.20
N ALA A 1147 10.01 48.17 -28.14
CA ALA A 1147 11.02 47.15 -28.36
C ALA A 1147 11.64 47.27 -29.75
N ILE A 1148 10.85 47.70 -30.73
CA ILE A 1148 11.40 48.00 -32.05
C ILE A 1148 12.33 49.20 -31.94
N ALA A 1149 11.85 50.29 -31.31
CA ALA A 1149 12.70 51.46 -31.12
C ALA A 1149 13.98 51.11 -30.39
N ARG A 1150 13.88 50.23 -29.38
CA ARG A 1150 15.07 49.77 -28.67
C ARG A 1150 16.07 49.11 -29.62
N ALA A 1151 15.58 48.31 -30.56
CA ALA A 1151 16.46 47.64 -31.51
C ALA A 1151 17.02 48.63 -32.54
N LEU A 1152 16.30 49.71 -32.81
CA LEU A 1152 16.72 50.63 -33.87
C LEU A 1152 17.92 51.47 -33.44
N VAL A 1153 18.06 51.77 -32.14
CA VAL A 1153 19.17 52.62 -31.69
C VAL A 1153 20.49 51.88 -31.86
N ARG A 1154 20.49 50.56 -31.70
CA ARG A 1154 21.71 49.78 -31.88
C ARG A 1154 22.24 49.92 -33.30
N GLN A 1155 21.36 50.18 -34.27
CA GLN A 1155 21.70 50.19 -35.67
C GLN A 1155 22.38 48.89 -36.11
N PRO A 1156 21.69 47.75 -36.00
CA PRO A 1156 22.30 46.48 -36.39
C PRO A 1156 22.08 46.21 -37.87
N HIS A 1157 22.98 45.40 -38.42
CA HIS A 1157 22.89 44.97 -39.81
C HIS A 1157 22.09 43.68 -39.96
N ILE A 1158 21.57 43.15 -38.87
CA ILE A 1158 20.65 42.01 -38.89
C ILE A 1158 19.48 42.38 -37.98
N LEU A 1159 18.29 41.92 -38.35
CA LEU A 1159 17.09 42.14 -37.55
C LEU A 1159 16.32 40.84 -37.48
N LEU A 1160 16.08 40.35 -36.26
CA LEU A 1160 15.31 39.13 -36.03
C LEU A 1160 13.96 39.51 -35.45
N LEU A 1161 12.89 39.12 -36.14
CA LEU A 1161 11.52 39.40 -35.73
C LEU A 1161 10.87 38.07 -35.40
N ASP A 1162 10.64 37.82 -34.10
CA ASP A 1162 10.18 36.53 -33.61
C ASP A 1162 8.76 36.67 -33.09
N GLN A 1163 7.79 36.32 -33.94
CA GLN A 1163 6.37 36.23 -33.55
C GLN A 1163 5.87 37.53 -32.94
N ALA A 1164 6.31 38.65 -33.49
CA ALA A 1164 5.82 39.94 -33.03
C ALA A 1164 4.32 40.06 -33.31
N THR A 1165 3.72 41.10 -32.73
CA THR A 1165 2.31 41.41 -32.96
C THR A 1165 1.38 40.34 -32.39
N SER A 1166 1.79 39.66 -31.32
CA SER A 1166 0.95 38.66 -30.66
C SER A 1166 -0.07 39.38 -29.77
N ALA A 1167 -1.06 39.98 -30.44
CA ALA A 1167 -2.13 40.70 -29.74
C ALA A 1167 -3.22 40.98 -30.77
N LEU A 1168 -4.36 41.46 -30.26
CA LEU A 1168 -5.54 41.75 -31.07
C LEU A 1168 -5.87 43.25 -31.12
N ASP A 1169 -4.89 44.11 -30.88
CA ASP A 1169 -5.13 45.56 -30.88
C ASP A 1169 -5.25 46.00 -32.33
N THR A 1170 -6.49 46.06 -32.83
CA THR A 1170 -6.73 46.22 -34.26
C THR A 1170 -6.16 47.54 -34.78
N GLU A 1171 -6.35 48.63 -34.04
CA GLU A 1171 -5.80 49.91 -34.48
C GLU A 1171 -4.28 49.93 -34.32
N SER A 1172 -3.78 49.54 -33.14
CA SER A 1172 -2.35 49.55 -32.91
C SER A 1172 -1.62 48.52 -33.76
N GLU A 1173 -2.31 47.44 -34.15
CA GLU A 1173 -1.68 46.41 -34.99
C GLU A 1173 -1.09 46.99 -36.27
N LYS A 1174 -1.90 47.72 -37.04
CA LYS A 1174 -1.42 48.29 -38.29
C LYS A 1174 -0.29 49.29 -38.05
N VAL A 1175 -0.30 49.98 -36.91
CA VAL A 1175 0.79 50.90 -36.59
C VAL A 1175 2.09 50.14 -36.42
N VAL A 1176 2.05 48.99 -35.74
CA VAL A 1176 3.26 48.19 -35.54
C VAL A 1176 3.83 47.75 -36.89
N GLN A 1177 2.96 47.27 -37.78
CA GLN A 1177 3.44 46.77 -39.07
C GLN A 1177 4.07 47.86 -39.90
N GLU A 1178 3.62 49.11 -39.74
CA GLU A 1178 4.28 50.23 -40.39
C GLU A 1178 5.71 50.38 -39.87
N ALA A 1179 5.87 50.31 -38.54
CA ALA A 1179 7.21 50.41 -37.96
C ALA A 1179 8.07 49.19 -38.30
N LEU A 1180 7.46 48.01 -38.38
CA LEU A 1180 8.21 46.80 -38.70
C LEU A 1180 8.71 46.82 -40.14
N ASP A 1181 7.83 47.20 -41.07
CA ASP A 1181 8.24 47.31 -42.47
C ASP A 1181 9.33 48.37 -42.64
N LYS A 1182 9.29 49.42 -41.83
CA LYS A 1182 10.29 50.48 -41.91
C LYS A 1182 11.66 49.99 -41.46
N ALA A 1183 11.69 49.13 -40.43
CA ALA A 1183 12.96 48.65 -39.90
C ALA A 1183 13.66 47.67 -40.84
N ARG A 1184 12.90 46.89 -41.61
CA ARG A 1184 13.46 45.84 -42.44
C ARG A 1184 13.98 46.33 -43.79
N GLU A 1185 13.80 47.61 -44.12
CA GLU A 1185 13.99 48.05 -45.51
C GLU A 1185 15.43 47.86 -45.98
N GLY A 1186 16.41 48.13 -45.11
CA GLY A 1186 17.81 48.05 -45.49
C GLY A 1186 18.65 47.27 -44.51
N ARG A 1187 18.06 46.22 -43.92
CA ARG A 1187 18.75 45.36 -42.96
C ARG A 1187 18.45 43.91 -43.30
N THR A 1188 19.42 43.04 -43.04
CA THR A 1188 19.20 41.60 -43.16
C THR A 1188 18.14 41.20 -42.16
N CYS A 1189 17.12 40.47 -42.62
CA CYS A 1189 15.94 40.18 -41.83
C CYS A 1189 15.62 38.69 -41.85
N ILE A 1190 15.46 38.11 -40.67
CA ILE A 1190 14.87 36.80 -40.48
C ILE A 1190 13.59 37.00 -39.68
N VAL A 1191 12.50 36.42 -40.17
CA VAL A 1191 11.17 36.63 -39.60
C VAL A 1191 10.58 35.27 -39.24
N ILE A 1192 10.04 35.17 -38.03
CA ILE A 1192 9.28 34.00 -37.61
C ILE A 1192 7.82 34.33 -37.88
N ALA A 1193 7.31 33.82 -39.01
CA ALA A 1193 6.03 34.25 -39.54
C ALA A 1193 4.91 33.35 -39.07
N HIS A 1194 3.84 33.97 -38.57
CA HIS A 1194 2.55 33.32 -38.40
C HIS A 1194 1.41 34.05 -39.09
N ARG A 1195 1.56 35.36 -39.35
CA ARG A 1195 0.56 36.11 -40.09
C ARG A 1195 0.84 35.98 -41.58
N LEU A 1196 -0.18 35.60 -42.34
CA LEU A 1196 -0.03 35.32 -43.75
C LEU A 1196 0.14 36.57 -44.60
N SER A 1197 -0.25 37.74 -44.07
CA SER A 1197 -0.10 38.98 -44.84
C SER A 1197 1.34 39.47 -44.87
N THR A 1198 2.09 39.25 -43.79
CA THR A 1198 3.48 39.69 -43.75
C THR A 1198 4.36 38.88 -44.69
N ILE A 1199 4.06 37.59 -44.85
CA ILE A 1199 4.96 36.69 -45.56
C ILE A 1199 4.89 36.84 -47.08
N GLN A 1200 3.76 37.31 -47.61
CA GLN A 1200 3.57 37.33 -49.06
C GLN A 1200 4.59 38.21 -49.77
N ASN A 1201 5.01 39.31 -49.15
CA ASN A 1201 5.96 40.25 -49.74
C ASN A 1201 7.41 39.96 -49.37
N ALA A 1202 7.67 38.84 -48.70
CA ALA A 1202 9.04 38.51 -48.32
C ALA A 1202 9.83 38.02 -49.54
N ASP A 1203 11.15 38.21 -49.48
CA ASP A 1203 11.99 37.81 -50.60
C ASP A 1203 12.14 36.30 -50.69
N LEU A 1204 12.10 35.62 -49.54
CA LEU A 1204 12.20 34.16 -49.54
C LEU A 1204 11.46 33.62 -48.32
N ILE A 1205 10.93 32.41 -48.48
CA ILE A 1205 10.15 31.72 -47.46
C ILE A 1205 10.78 30.36 -47.26
N VAL A 1206 10.74 29.88 -46.02
CA VAL A 1206 11.19 28.54 -45.67
C VAL A 1206 10.06 27.86 -44.91
N VAL A 1207 9.60 26.72 -45.41
CA VAL A 1207 8.62 25.88 -44.73
C VAL A 1207 9.38 24.77 -44.04
N ILE A 1208 9.27 24.71 -42.71
CA ILE A 1208 9.98 23.72 -41.89
C ILE A 1208 8.97 22.71 -41.35
N GLN A 1209 9.38 21.45 -41.34
CA GLN A 1209 8.63 20.41 -40.63
C GLN A 1209 9.63 19.37 -40.12
N ASN A 1210 9.56 19.06 -38.83
CA ASN A 1210 10.46 18.08 -38.21
C ASN A 1210 11.92 18.46 -38.41
N GLY A 1211 12.22 19.74 -38.30
CA GLY A 1211 13.57 20.23 -38.44
C GLY A 1211 14.10 20.25 -39.85
N LYS A 1212 13.29 19.91 -40.85
CA LYS A 1212 13.71 19.81 -42.24
C LYS A 1212 12.95 20.86 -43.06
N VAL A 1213 13.65 21.45 -44.02
CA VAL A 1213 13.03 22.35 -44.98
C VAL A 1213 12.30 21.49 -46.01
N LYS A 1214 10.97 21.57 -46.03
CA LYS A 1214 10.20 20.85 -47.04
C LYS A 1214 10.17 21.60 -48.36
N GLU A 1215 10.08 22.92 -48.32
CA GLU A 1215 10.01 23.71 -49.55
C GLU A 1215 10.43 25.14 -49.24
N HIS A 1216 10.89 25.85 -50.27
CA HIS A 1216 11.26 27.25 -50.10
C HIS A 1216 11.14 27.95 -51.44
N GLY A 1217 10.94 29.25 -51.38
CA GLY A 1217 10.78 30.07 -52.56
C GLY A 1217 9.94 31.30 -52.24
N THR A 1218 9.77 32.14 -53.25
CA THR A 1218 8.97 33.34 -53.09
C THR A 1218 7.51 32.98 -52.85
N HIS A 1219 6.70 34.01 -52.57
CA HIS A 1219 5.28 33.79 -52.34
C HIS A 1219 4.60 33.18 -53.56
N GLN A 1220 4.84 33.77 -54.74
CA GLN A 1220 4.19 33.28 -55.95
C GLN A 1220 4.65 31.87 -56.31
N GLN A 1221 5.93 31.55 -56.04
CA GLN A 1221 6.43 30.22 -56.38
C GLN A 1221 5.81 29.16 -55.48
N LEU A 1222 5.85 29.37 -54.17
CA LEU A 1222 5.28 28.38 -53.26
C LEU A 1222 3.77 28.31 -53.36
N LEU A 1223 3.13 29.38 -53.82
CA LEU A 1223 1.71 29.30 -54.14
C LEU A 1223 1.48 28.38 -55.33
N ALA A 1224 2.27 28.58 -56.40
CA ALA A 1224 2.17 27.71 -57.56
C ALA A 1224 2.73 26.32 -57.28
N GLN A 1225 3.55 26.16 -56.23
CA GLN A 1225 4.00 24.83 -55.84
C GLN A 1225 2.82 23.96 -55.43
N LYS A 1226 1.76 24.57 -54.88
CA LYS A 1226 0.57 23.85 -54.46
C LYS A 1226 0.88 22.80 -53.39
N GLY A 1227 1.83 23.12 -52.52
CA GLY A 1227 2.27 22.23 -51.46
C GLY A 1227 1.83 22.65 -50.08
N ILE A 1228 2.76 22.63 -49.12
CA ILE A 1228 2.41 22.94 -47.74
C ILE A 1228 2.04 24.41 -47.61
N TYR A 1229 2.88 25.30 -48.15
CA TYR A 1229 2.63 26.73 -48.02
C TYR A 1229 1.32 27.13 -48.70
N PHE A 1230 0.95 26.44 -49.79
CA PHE A 1230 -0.34 26.70 -50.43
C PHE A 1230 -1.50 26.27 -49.55
N SER A 1231 -1.30 25.27 -48.70
CA SER A 1231 -2.37 24.84 -47.81
C SER A 1231 -2.64 25.88 -46.73
N MET A 1232 -1.59 26.56 -46.27
CA MET A 1232 -1.74 27.53 -45.21
C MET A 1232 -2.52 28.75 -45.67
N VAL A 1233 -2.28 29.21 -46.90
CA VAL A 1233 -2.99 30.38 -47.41
C VAL A 1233 -4.46 30.06 -47.71
N SER A 1234 -4.77 28.80 -48.02
CA SER A 1234 -6.14 28.44 -48.36
C SER A 1234 -7.08 28.50 -47.16
N VAL A 1235 -6.54 28.38 -45.94
CA VAL A 1235 -7.38 28.35 -44.75
C VAL A 1235 -8.05 29.70 -44.51
N GLN A 1236 -7.34 30.80 -44.73
CA GLN A 1236 -7.91 32.11 -44.44
C GLN A 1236 -9.07 32.49 -45.35
N ALA A 1237 -9.28 31.78 -46.46
CA ALA A 1237 -10.36 32.10 -47.38
C ALA A 1237 -11.74 31.88 -46.78
N GLY A 1238 -11.84 31.17 -45.66
CA GLY A 1238 -13.14 30.93 -45.03
C GLY A 1238 -13.59 32.10 -44.18
N GLU B 28 -14.18 -39.13 -15.10
CA GLU B 28 -15.25 -38.15 -14.96
C GLU B 28 -15.15 -37.12 -16.09
N LYS B 29 -16.00 -37.26 -17.09
CA LYS B 29 -15.99 -36.38 -18.26
C LYS B 29 -16.87 -35.18 -17.96
N LYS B 30 -16.26 -34.14 -17.41
CA LYS B 30 -16.99 -32.93 -17.06
C LYS B 30 -17.31 -32.14 -18.32
N PRO B 31 -18.40 -31.37 -18.32
CA PRO B 31 -18.76 -30.62 -19.52
C PRO B 31 -17.82 -29.44 -19.72
N ALA B 32 -17.98 -28.78 -20.86
CA ALA B 32 -17.12 -27.67 -21.22
C ALA B 32 -17.90 -26.71 -22.11
N VAL B 33 -17.27 -25.60 -22.45
CA VAL B 33 -17.87 -24.54 -23.25
C VAL B 33 -17.37 -24.69 -24.68
N SER B 34 -18.20 -24.30 -25.64
CA SER B 34 -17.75 -24.21 -27.02
C SER B 34 -16.67 -23.14 -27.14
N VAL B 35 -15.75 -23.38 -28.09
CA VAL B 35 -14.64 -22.44 -28.31
C VAL B 35 -15.16 -21.04 -28.60
N LEU B 36 -16.15 -20.92 -29.48
CA LEU B 36 -16.56 -19.60 -29.94
C LEU B 36 -17.27 -18.82 -28.84
N THR B 37 -18.00 -19.51 -27.96
CA THR B 37 -18.60 -18.84 -26.81
C THR B 37 -17.51 -18.27 -25.90
N MET B 38 -16.52 -19.10 -25.54
CA MET B 38 -15.60 -18.79 -24.46
C MET B 38 -14.87 -17.48 -24.69
N PHE B 39 -14.63 -17.09 -25.94
CA PHE B 39 -13.94 -15.85 -26.25
C PHE B 39 -14.90 -14.67 -26.40
N ARG B 40 -16.12 -14.77 -25.87
CA ARG B 40 -16.88 -13.55 -25.65
C ARG B 40 -16.21 -12.73 -24.55
N TYR B 41 -16.68 -11.49 -24.38
CA TYR B 41 -16.01 -10.46 -23.60
C TYR B 41 -14.70 -10.01 -24.22
N ALA B 42 -14.43 -10.39 -25.48
CA ALA B 42 -13.23 -10.01 -26.21
C ALA B 42 -13.63 -8.95 -27.22
N GLY B 43 -13.40 -7.69 -26.88
CA GLY B 43 -13.75 -6.60 -27.77
C GLY B 43 -13.00 -6.68 -29.08
N TRP B 44 -13.35 -5.76 -29.98
CA TRP B 44 -12.73 -5.72 -31.30
C TRP B 44 -11.22 -5.51 -31.24
N LEU B 45 -10.71 -4.91 -30.17
CA LEU B 45 -9.27 -4.80 -29.98
C LEU B 45 -8.67 -6.12 -29.53
N ASP B 46 -9.37 -6.85 -28.66
CA ASP B 46 -8.87 -8.16 -28.22
C ASP B 46 -8.81 -9.14 -29.38
N ARG B 47 -9.81 -9.13 -30.26
CA ARG B 47 -9.77 -9.98 -31.43
C ARG B 47 -8.62 -9.61 -32.37
N LEU B 48 -8.13 -8.37 -32.30
CA LEU B 48 -6.99 -7.97 -33.12
C LEU B 48 -5.68 -8.48 -32.54
N TYR B 49 -5.49 -8.36 -31.22
CA TYR B 49 -4.24 -8.77 -30.60
C TYR B 49 -3.97 -10.26 -30.82
N MET B 50 -5.01 -11.09 -30.78
CA MET B 50 -4.82 -12.53 -30.96
C MET B 50 -4.38 -12.84 -32.38
N LEU B 51 -4.91 -12.13 -33.37
CA LEU B 51 -4.51 -12.35 -34.76
C LEU B 51 -3.04 -11.96 -34.97
N VAL B 52 -2.66 -10.77 -34.50
CA VAL B 52 -1.27 -10.35 -34.61
C VAL B 52 -0.39 -11.26 -33.78
N GLY B 53 -0.86 -11.66 -32.60
CA GLY B 53 -0.11 -12.61 -31.79
C GLY B 53 0.06 -13.94 -32.48
N THR B 54 -0.95 -14.36 -33.25
CA THR B 54 -0.84 -15.58 -34.04
C THR B 54 0.18 -15.40 -35.16
N LEU B 55 0.01 -14.36 -35.98
CA LEU B 55 0.90 -14.14 -37.12
C LEU B 55 2.36 -14.06 -36.70
N ALA B 56 2.63 -13.54 -35.51
CA ALA B 56 3.93 -13.71 -34.91
C ALA B 56 4.21 -15.19 -34.66
N ALA B 57 3.28 -15.87 -33.99
CA ALA B 57 3.46 -17.28 -33.64
C ALA B 57 3.70 -18.14 -34.89
N ILE B 58 3.00 -17.82 -35.98
CA ILE B 58 3.22 -18.57 -37.22
C ILE B 58 4.65 -18.42 -37.69
N ILE B 59 5.16 -17.19 -37.68
CA ILE B 59 6.52 -16.94 -38.12
C ILE B 59 7.51 -17.66 -37.20
N HIS B 60 7.27 -17.60 -35.89
CA HIS B 60 8.17 -18.24 -34.94
C HIS B 60 8.22 -19.74 -35.18
N GLY B 61 7.09 -20.34 -35.56
CA GLY B 61 7.07 -21.77 -35.81
C GLY B 61 7.93 -22.15 -37.01
N VAL B 62 7.81 -21.40 -38.10
CA VAL B 62 8.59 -21.71 -39.30
C VAL B 62 10.05 -21.29 -39.18
N ALA B 63 10.40 -20.52 -38.15
CA ALA B 63 11.75 -19.97 -38.06
C ALA B 63 12.80 -21.06 -37.93
N LEU B 64 12.47 -22.17 -37.26
CA LEU B 64 13.44 -23.24 -37.05
C LEU B 64 13.57 -24.16 -38.26
N PRO B 65 12.49 -24.50 -38.96
CA PRO B 65 12.65 -25.16 -40.26
C PRO B 65 13.62 -24.47 -41.21
N LEU B 66 13.63 -23.14 -41.26
CA LEU B 66 14.58 -22.45 -42.11
C LEU B 66 16.01 -22.61 -41.59
N MET B 67 16.19 -22.68 -40.28
CA MET B 67 17.51 -22.95 -39.73
C MET B 67 17.99 -24.34 -40.13
N MET B 68 17.07 -25.29 -40.29
CA MET B 68 17.44 -26.62 -40.77
C MET B 68 17.65 -26.64 -42.26
N LEU B 69 16.87 -25.86 -43.01
CA LEU B 69 17.08 -25.77 -44.46
C LEU B 69 18.45 -25.18 -44.77
N ILE B 70 18.84 -24.13 -44.04
CA ILE B 70 20.16 -23.54 -44.20
C ILE B 70 21.23 -24.52 -43.72
N PHE B 71 20.96 -25.24 -42.63
CA PHE B 71 21.93 -26.18 -42.09
C PHE B 71 22.27 -27.28 -43.10
N GLY B 72 21.29 -27.70 -43.91
CA GLY B 72 21.60 -28.64 -44.97
C GLY B 72 22.43 -28.01 -46.07
N ASP B 73 21.98 -26.86 -46.59
CA ASP B 73 22.75 -26.14 -47.60
C ASP B 73 24.15 -25.77 -47.11
N MET B 74 24.32 -25.64 -45.79
CA MET B 74 25.64 -25.42 -45.22
C MET B 74 26.50 -26.66 -45.35
N THR B 75 25.95 -27.83 -45.02
CA THR B 75 26.72 -29.06 -45.03
C THR B 75 27.15 -29.44 -46.45
N ASP B 76 26.34 -29.08 -47.45
CA ASP B 76 26.76 -29.29 -48.84
C ASP B 76 28.01 -28.48 -49.17
N SER B 77 28.10 -27.25 -48.66
CA SER B 77 29.29 -26.44 -48.89
C SER B 77 30.52 -27.07 -48.27
N PHE B 78 30.36 -27.69 -47.09
CA PHE B 78 31.48 -28.41 -46.50
C PHE B 78 31.76 -29.70 -47.26
N ALA B 79 30.70 -30.39 -47.71
CA ALA B 79 30.89 -31.62 -48.46
C ALA B 79 31.46 -31.36 -49.85
N SER B 80 31.09 -30.24 -50.48
CA SER B 80 31.56 -29.95 -51.82
C SER B 80 33.07 -29.79 -51.88
N VAL B 81 33.68 -29.34 -50.77
CA VAL B 81 35.13 -29.22 -50.68
C VAL B 81 35.74 -30.22 -49.71
N GLY B 82 34.94 -30.82 -48.82
CA GLY B 82 35.49 -31.72 -47.82
C GLY B 82 36.25 -32.87 -48.43
N ASN B 83 35.82 -33.33 -49.60
CA ASN B 83 36.45 -34.42 -50.33
C ASN B 83 37.45 -33.91 -51.38
N VAL B 84 37.46 -32.61 -51.67
CA VAL B 84 38.38 -32.07 -52.67
C VAL B 84 39.82 -32.14 -52.17
N SER B 85 40.10 -31.51 -51.03
CA SER B 85 41.47 -31.36 -50.54
C SER B 85 42.13 -32.71 -50.25
N LYS B 86 41.36 -33.79 -50.15
CA LYS B 86 41.86 -35.12 -49.86
C LYS B 86 41.99 -35.95 -51.12
N ASN B 87 40.90 -36.04 -51.90
CA ASN B 87 40.88 -36.88 -53.09
C ASN B 87 41.85 -36.36 -54.15
N SER B 88 41.69 -35.10 -54.54
CA SER B 88 42.48 -34.48 -55.59
C SER B 88 43.42 -33.44 -55.01
N THR B 89 44.70 -33.53 -55.38
CA THR B 89 45.71 -32.55 -54.96
C THR B 89 46.00 -31.65 -56.16
N ASN B 90 45.17 -30.62 -56.33
CA ASN B 90 45.36 -29.69 -57.43
C ASN B 90 46.61 -28.84 -57.23
N MET B 91 46.70 -28.12 -56.12
CA MET B 91 47.87 -27.32 -55.79
C MET B 91 48.13 -27.44 -54.30
N SER B 92 49.37 -27.13 -53.89
CA SER B 92 49.77 -27.31 -52.50
C SER B 92 49.39 -26.12 -51.63
N GLU B 93 49.58 -24.90 -52.14
CA GLU B 93 49.27 -23.68 -51.38
C GLU B 93 48.47 -22.65 -52.16
N ALA B 94 48.46 -22.71 -53.49
CA ALA B 94 47.56 -21.87 -54.28
C ALA B 94 46.15 -22.44 -54.39
N ASP B 95 45.92 -23.67 -53.89
CA ASP B 95 44.58 -24.20 -53.72
C ASP B 95 44.05 -24.00 -52.30
N LYS B 96 44.96 -23.97 -51.31
CA LYS B 96 44.57 -23.62 -49.96
C LYS B 96 43.97 -22.21 -49.93
N ARG B 97 44.70 -21.23 -50.46
CA ARG B 97 44.18 -19.86 -50.51
C ARG B 97 42.90 -19.81 -51.33
N ALA B 98 42.83 -20.62 -52.39
CA ALA B 98 41.65 -20.60 -53.25
C ALA B 98 40.41 -21.08 -52.50
N MET B 99 40.50 -22.24 -51.84
CA MET B 99 39.35 -22.81 -51.16
C MET B 99 39.12 -22.19 -49.78
N PHE B 100 40.20 -21.86 -49.05
CA PHE B 100 40.02 -21.36 -47.70
C PHE B 100 39.52 -19.92 -47.69
N ALA B 101 39.96 -19.11 -48.67
CA ALA B 101 39.39 -17.77 -48.81
C ALA B 101 37.98 -17.81 -49.39
N LYS B 102 37.60 -18.93 -50.03
CA LYS B 102 36.24 -19.07 -50.52
C LYS B 102 35.26 -19.33 -49.38
N LEU B 103 35.63 -20.23 -48.46
CA LEU B 103 34.72 -20.57 -47.36
C LEU B 103 34.46 -19.37 -46.45
N GLU B 104 35.49 -18.55 -46.20
CA GLU B 104 35.30 -17.38 -45.35
C GLU B 104 34.25 -16.44 -45.92
N GLU B 105 34.08 -16.43 -47.25
CA GLU B 105 33.05 -15.63 -47.89
C GLU B 105 31.72 -16.36 -47.98
N GLU B 106 31.73 -17.69 -48.08
CA GLU B 106 30.47 -18.44 -48.12
C GLU B 106 29.83 -18.51 -46.74
N MET B 107 30.64 -18.67 -45.69
CA MET B 107 30.11 -18.83 -44.35
C MET B 107 29.63 -17.52 -43.75
N THR B 108 30.07 -16.38 -44.29
CA THR B 108 29.52 -15.10 -43.86
C THR B 108 28.03 -15.03 -44.15
N THR B 109 27.61 -15.46 -45.35
CA THR B 109 26.20 -15.36 -45.72
C THR B 109 25.34 -16.30 -44.87
N TYR B 110 25.80 -17.54 -44.65
CA TYR B 110 25.08 -18.45 -43.78
C TYR B 110 25.02 -17.92 -42.36
N ALA B 111 26.02 -17.13 -41.95
CA ALA B 111 25.99 -16.49 -40.64
C ALA B 111 25.08 -15.27 -40.66
N TYR B 112 25.14 -14.47 -41.73
CA TYR B 112 24.17 -13.40 -41.90
C TYR B 112 22.76 -13.94 -41.98
N TYR B 113 22.59 -15.13 -42.58
CA TYR B 113 21.26 -15.76 -42.62
C TYR B 113 20.82 -16.22 -41.24
N TYR B 114 21.71 -16.90 -40.51
CA TYR B 114 21.35 -17.37 -39.16
C TYR B 114 21.01 -16.21 -38.26
N THR B 115 21.77 -15.12 -38.34
CA THR B 115 21.44 -13.92 -37.57
C THR B 115 20.13 -13.32 -38.04
N GLY B 116 19.80 -13.43 -39.33
CA GLY B 116 18.54 -12.90 -39.82
C GLY B 116 17.34 -13.57 -39.17
N ILE B 117 17.47 -14.86 -38.87
CA ILE B 117 16.40 -15.58 -38.17
C ILE B 117 16.34 -15.12 -36.72
N GLY B 118 17.49 -15.11 -36.04
CA GLY B 118 17.54 -14.67 -34.65
C GLY B 118 17.06 -13.24 -34.48
N ALA B 119 17.31 -12.39 -35.47
CA ALA B 119 16.77 -11.04 -35.44
C ALA B 119 15.24 -11.06 -35.57
N GLY B 120 14.73 -11.86 -36.51
CA GLY B 120 13.29 -11.98 -36.66
C GLY B 120 12.64 -12.63 -35.45
N VAL B 121 13.34 -13.58 -34.83
CA VAL B 121 12.85 -14.20 -33.60
C VAL B 121 12.64 -13.15 -32.51
N LEU B 122 13.65 -12.29 -32.33
CA LEU B 122 13.61 -11.28 -31.28
C LEU B 122 12.38 -10.40 -31.39
N ILE B 123 12.09 -9.92 -32.61
CA ILE B 123 10.86 -9.16 -32.84
C ILE B 123 9.64 -10.05 -32.60
N VAL B 124 9.59 -11.19 -33.29
CA VAL B 124 8.37 -12.00 -33.35
C VAL B 124 8.00 -12.52 -31.97
N ALA B 125 8.99 -13.07 -31.25
CA ALA B 125 8.70 -13.69 -29.96
C ALA B 125 8.12 -12.69 -28.97
N TYR B 126 8.48 -11.41 -29.08
CA TYR B 126 7.84 -10.39 -28.26
C TYR B 126 6.37 -10.24 -28.63
N ILE B 127 6.08 -10.12 -29.93
CA ILE B 127 4.71 -9.90 -30.39
C ILE B 127 3.83 -11.08 -29.98
N GLN B 128 4.38 -12.29 -30.04
CA GLN B 128 3.60 -13.49 -29.75
C GLN B 128 3.05 -13.46 -28.33
N VAL B 129 3.93 -13.33 -27.35
CA VAL B 129 3.53 -13.47 -25.96
C VAL B 129 2.87 -12.19 -25.45
N SER B 130 3.41 -11.03 -25.84
CA SER B 130 2.88 -9.77 -25.33
C SER B 130 1.43 -9.59 -25.73
N PHE B 131 1.12 -9.73 -27.03
CA PHE B 131 -0.22 -9.45 -27.49
C PHE B 131 -1.22 -10.49 -26.99
N TRP B 132 -0.78 -11.72 -26.75
CA TRP B 132 -1.67 -12.75 -26.24
C TRP B 132 -1.95 -12.56 -24.75
N CYS B 133 -0.92 -12.26 -23.96
CA CYS B 133 -1.14 -11.96 -22.55
C CYS B 133 -1.96 -10.71 -22.37
N LEU B 134 -1.89 -9.77 -23.32
CA LEU B 134 -2.69 -8.56 -23.24
C LEU B 134 -4.16 -8.84 -23.48
N ALA B 135 -4.46 -9.57 -24.56
CA ALA B 135 -5.85 -9.92 -24.87
C ALA B 135 -6.49 -10.74 -23.77
N ALA B 136 -5.70 -11.61 -23.11
CA ALA B 136 -6.23 -12.37 -21.99
C ALA B 136 -6.53 -11.48 -20.80
N GLY B 137 -5.61 -10.56 -20.48
CA GLY B 137 -5.79 -9.70 -19.32
C GLY B 137 -7.04 -8.85 -19.42
N ARG B 138 -7.29 -8.27 -20.60
CA ARG B 138 -8.49 -7.47 -20.79
C ARG B 138 -9.76 -8.31 -20.63
N GLN B 139 -9.70 -9.60 -20.98
CA GLN B 139 -10.87 -10.46 -20.86
C GLN B 139 -11.09 -10.92 -19.43
N ILE B 140 -10.01 -11.28 -18.72
CA ILE B 140 -10.15 -11.70 -17.33
C ILE B 140 -10.75 -10.58 -16.50
N HIS B 141 -10.25 -9.35 -16.69
CA HIS B 141 -10.73 -8.21 -15.90
C HIS B 141 -12.23 -8.01 -16.10
N LYS B 142 -12.73 -8.22 -17.31
CA LYS B 142 -14.16 -8.18 -17.52
C LYS B 142 -14.85 -9.37 -16.87
N ILE B 143 -14.18 -10.52 -16.82
CA ILE B 143 -14.79 -11.72 -16.22
C ILE B 143 -14.91 -11.58 -14.71
N ARG B 144 -13.86 -11.05 -14.06
CA ARG B 144 -13.86 -10.93 -12.60
C ARG B 144 -15.08 -10.14 -12.13
N GLN B 145 -15.34 -9.01 -12.79
CA GLN B 145 -16.46 -8.16 -12.40
C GLN B 145 -17.79 -8.82 -12.76
N LYS B 146 -17.88 -9.42 -13.95
CA LYS B 146 -19.13 -10.07 -14.35
C LYS B 146 -19.42 -11.29 -13.49
N PHE B 147 -18.38 -11.98 -13.00
CA PHE B 147 -18.59 -13.18 -12.21
C PHE B 147 -18.91 -12.83 -10.76
N PHE B 148 -18.22 -11.85 -10.19
CA PHE B 148 -18.53 -11.44 -8.83
C PHE B 148 -19.92 -10.83 -8.74
N HIS B 149 -20.28 -9.97 -9.69
CA HIS B 149 -21.63 -9.41 -9.72
C HIS B 149 -22.67 -10.51 -9.85
N ALA B 150 -22.36 -11.56 -10.62
CA ALA B 150 -23.30 -12.67 -10.77
C ALA B 150 -23.58 -13.33 -9.42
N ILE B 151 -22.53 -13.54 -8.63
CA ILE B 151 -22.72 -14.18 -7.33
C ILE B 151 -23.49 -13.27 -6.40
N MET B 152 -23.19 -11.97 -6.41
CA MET B 152 -23.92 -11.03 -5.57
C MET B 152 -25.38 -10.88 -6.00
N ASN B 153 -25.71 -11.33 -7.21
CA ASN B 153 -27.06 -11.24 -7.73
C ASN B 153 -27.91 -12.47 -7.42
N GLN B 154 -27.31 -13.56 -6.98
CA GLN B 154 -28.07 -14.80 -6.81
C GLN B 154 -29.08 -14.68 -5.67
N GLU B 155 -30.06 -15.59 -5.70
CA GLU B 155 -31.05 -15.67 -4.64
C GLU B 155 -30.42 -16.30 -3.40
N ILE B 156 -31.23 -16.37 -2.34
CA ILE B 156 -30.78 -16.95 -1.08
C ILE B 156 -31.03 -18.45 -1.04
N GLY B 157 -32.07 -18.93 -1.73
CA GLY B 157 -32.18 -20.35 -1.98
C GLY B 157 -31.05 -20.87 -2.84
N TRP B 158 -30.47 -19.99 -3.67
CA TRP B 158 -29.30 -20.39 -4.46
C TRP B 158 -28.11 -20.62 -3.56
N PHE B 159 -27.88 -19.74 -2.58
CA PHE B 159 -26.79 -19.93 -1.64
C PHE B 159 -27.04 -21.10 -0.70
N ASP B 160 -28.30 -21.44 -0.47
CA ASP B 160 -28.61 -22.57 0.42
C ASP B 160 -28.09 -23.87 -0.16
N VAL B 161 -28.18 -24.03 -1.47
CA VAL B 161 -27.79 -25.29 -2.11
C VAL B 161 -26.28 -25.37 -2.27
N HIS B 162 -25.66 -24.27 -2.68
CA HIS B 162 -24.26 -24.29 -3.11
C HIS B 162 -23.31 -24.14 -1.93
N ASP B 163 -22.18 -24.85 -2.02
CA ASP B 163 -21.12 -24.72 -1.03
C ASP B 163 -20.39 -23.41 -1.27
N VAL B 164 -20.40 -22.53 -0.27
CA VAL B 164 -19.80 -21.20 -0.46
C VAL B 164 -18.28 -21.31 -0.53
N GLY B 165 -17.70 -22.28 0.18
CA GLY B 165 -16.26 -22.46 0.14
C GLY B 165 -15.76 -22.77 -1.27
N GLU B 166 -16.45 -23.70 -1.94
CA GLU B 166 -16.13 -23.97 -3.34
C GLU B 166 -16.37 -22.73 -4.18
N LEU B 167 -17.45 -22.00 -3.89
CA LEU B 167 -17.81 -20.82 -4.67
C LEU B 167 -16.76 -19.72 -4.53
N ASN B 168 -16.26 -19.50 -3.31
CA ASN B 168 -15.27 -18.45 -3.10
C ASN B 168 -13.96 -18.78 -3.80
N THR B 169 -13.52 -20.05 -3.72
CA THR B 169 -12.35 -20.47 -4.47
C THR B 169 -12.62 -20.42 -5.98
N ARG B 170 -13.85 -20.73 -6.39
CA ARG B 170 -14.22 -20.64 -7.80
C ARG B 170 -14.04 -19.23 -8.35
N LEU B 171 -14.08 -18.20 -7.50
CA LEU B 171 -13.88 -16.84 -7.96
C LEU B 171 -12.45 -16.56 -8.36
N THR B 172 -11.47 -17.30 -7.81
CA THR B 172 -10.07 -17.07 -8.08
C THR B 172 -9.34 -18.28 -8.64
N ASP B 173 -9.88 -19.49 -8.50
CA ASP B 173 -9.28 -20.70 -9.07
C ASP B 173 -9.81 -20.97 -10.47
N ASP B 174 -11.12 -20.96 -10.65
CA ASP B 174 -11.67 -21.16 -11.99
C ASP B 174 -11.32 -20.00 -12.91
N VAL B 175 -11.30 -18.78 -12.38
CA VAL B 175 -10.89 -17.63 -13.19
C VAL B 175 -9.42 -17.76 -13.59
N SER B 176 -8.58 -18.23 -12.67
CA SER B 176 -7.18 -18.45 -13.01
C SER B 176 -7.03 -19.52 -14.08
N LYS B 177 -7.92 -20.52 -14.06
CA LYS B 177 -7.88 -21.55 -15.10
C LYS B 177 -8.21 -20.97 -16.47
N ILE B 178 -9.05 -19.93 -16.53
CA ILE B 178 -9.37 -19.34 -17.82
C ILE B 178 -8.15 -18.65 -18.40
N ASN B 179 -7.41 -17.91 -17.56
CA ASN B 179 -6.28 -17.12 -18.03
C ASN B 179 -5.20 -17.99 -18.65
N GLU B 180 -5.07 -19.25 -18.20
CA GLU B 180 -4.10 -20.16 -18.79
C GLU B 180 -4.45 -20.44 -20.25
N GLY B 181 -5.70 -20.79 -20.52
CA GLY B 181 -6.11 -21.24 -21.83
C GLY B 181 -6.62 -20.17 -22.75
N ILE B 182 -6.34 -18.89 -22.46
CA ILE B 182 -6.58 -17.80 -23.40
C ILE B 182 -5.39 -16.88 -23.55
N GLY B 183 -4.31 -17.10 -22.80
CA GLY B 183 -3.13 -16.25 -22.86
C GLY B 183 -2.11 -16.71 -23.88
N ASP B 184 -0.84 -16.69 -23.48
CA ASP B 184 0.24 -17.05 -24.40
C ASP B 184 0.18 -18.51 -24.85
N LYS B 185 -0.49 -19.38 -24.08
CA LYS B 185 -0.50 -20.80 -24.42
C LYS B 185 -1.22 -21.06 -25.74
N ILE B 186 -2.06 -20.14 -26.21
CA ILE B 186 -2.62 -20.27 -27.55
C ILE B 186 -1.60 -19.83 -28.60
N GLY B 187 -0.85 -18.77 -28.30
CA GLY B 187 0.21 -18.36 -29.21
C GLY B 187 1.24 -19.45 -29.40
N MET B 188 1.57 -20.17 -28.33
CA MET B 188 2.50 -21.28 -28.44
C MET B 188 1.91 -22.48 -29.16
N PHE B 189 0.57 -22.60 -29.18
CA PHE B 189 -0.04 -23.68 -29.95
C PHE B 189 0.08 -23.42 -31.45
N PHE B 190 -0.38 -22.24 -31.89
CA PHE B 190 -0.25 -21.90 -33.31
C PHE B 190 1.20 -21.81 -33.74
N GLN B 191 2.13 -21.60 -32.81
CA GLN B 191 3.55 -21.71 -33.13
C GLN B 191 3.91 -23.16 -33.44
N ALA B 192 3.46 -24.09 -32.60
CA ALA B 192 3.78 -25.50 -32.81
C ALA B 192 3.11 -26.02 -34.06
N MET B 193 1.88 -25.57 -34.35
CA MET B 193 1.21 -26.00 -35.57
C MET B 193 1.89 -25.42 -36.80
N ALA B 194 2.49 -24.24 -36.68
CA ALA B 194 3.26 -23.67 -37.78
C ALA B 194 4.61 -24.36 -37.95
N THR B 195 5.07 -25.10 -36.96
CA THR B 195 6.26 -25.94 -37.09
C THR B 195 5.90 -27.32 -37.65
N PHE B 196 4.77 -27.87 -37.22
CA PHE B 196 4.32 -29.16 -37.73
C PHE B 196 4.14 -29.10 -39.24
N PHE B 197 3.45 -28.07 -39.73
CA PHE B 197 3.31 -27.89 -41.17
C PHE B 197 4.56 -27.28 -41.77
N GLY B 198 5.19 -26.33 -41.08
CA GLY B 198 6.41 -25.73 -41.59
C GLY B 198 7.54 -26.72 -41.74
N GLY B 199 7.56 -27.76 -40.90
CA GLY B 199 8.61 -28.77 -40.95
C GLY B 199 8.35 -29.84 -41.99
N PHE B 200 7.14 -30.40 -41.98
CA PHE B 200 6.79 -31.40 -42.99
C PHE B 200 6.66 -30.81 -44.37
N ILE B 201 6.55 -29.48 -44.50
CA ILE B 201 6.57 -28.86 -45.82
C ILE B 201 7.96 -28.99 -46.44
N ILE B 202 8.98 -28.44 -45.77
CA ILE B 202 10.31 -28.42 -46.33
C ILE B 202 10.88 -29.82 -46.46
N GLY B 203 10.42 -30.75 -45.61
CA GLY B 203 10.86 -32.13 -45.75
C GLY B 203 10.45 -32.73 -47.08
N PHE B 204 9.20 -32.53 -47.47
CA PHE B 204 8.73 -33.09 -48.74
C PHE B 204 9.34 -32.35 -49.93
N THR B 205 9.43 -31.02 -49.85
CA THR B 205 9.88 -30.24 -51.01
C THR B 205 11.37 -30.40 -51.26
N ARG B 206 12.16 -30.76 -50.25
CA ARG B 206 13.58 -31.05 -50.43
C ARG B 206 13.87 -32.53 -50.65
N GLY B 207 12.91 -33.41 -50.35
CA GLY B 207 13.09 -34.82 -50.60
C GLY B 207 11.96 -35.65 -50.02
N TRP B 208 11.04 -36.10 -50.88
CA TRP B 208 9.81 -36.72 -50.41
C TRP B 208 9.96 -38.20 -50.12
N LYS B 209 10.92 -38.89 -50.73
CA LYS B 209 11.11 -40.30 -50.47
C LYS B 209 11.50 -40.54 -49.02
N LEU B 210 12.41 -39.72 -48.49
CA LEU B 210 12.94 -39.95 -47.16
C LEU B 210 11.93 -39.61 -46.07
N THR B 211 11.00 -38.69 -46.34
CA THR B 211 9.98 -38.38 -45.35
C THR B 211 8.98 -39.52 -45.21
N LEU B 212 8.46 -40.01 -46.33
CA LEU B 212 7.48 -41.09 -46.30
C LEU B 212 8.08 -42.37 -45.71
N VAL B 213 9.40 -42.53 -45.76
CA VAL B 213 10.04 -43.56 -44.98
C VAL B 213 9.78 -43.34 -43.50
N ILE B 214 10.05 -42.13 -43.01
CA ILE B 214 9.95 -41.86 -41.57
C ILE B 214 8.50 -41.94 -41.12
N LEU B 215 7.59 -41.37 -41.90
CA LEU B 215 6.17 -41.39 -41.55
C LEU B 215 5.55 -42.78 -41.67
N ALA B 216 6.28 -43.76 -42.20
CA ALA B 216 5.86 -45.15 -42.17
C ALA B 216 6.24 -45.83 -40.87
N ILE B 217 7.21 -45.28 -40.13
CA ILE B 217 7.63 -45.84 -38.86
C ILE B 217 6.88 -45.19 -37.69
N SER B 218 6.46 -43.93 -37.85
CA SER B 218 5.77 -43.25 -36.76
C SER B 218 4.48 -43.94 -36.31
N PRO B 219 3.72 -44.65 -37.14
CA PRO B 219 2.64 -45.49 -36.58
C PRO B 219 3.14 -46.55 -35.62
N VAL B 220 4.37 -47.05 -35.82
CA VAL B 220 4.93 -48.04 -34.91
C VAL B 220 5.18 -47.42 -33.55
N LEU B 221 5.69 -46.19 -33.53
CA LEU B 221 5.93 -45.50 -32.26
C LEU B 221 4.62 -45.11 -31.60
N GLY B 222 3.69 -44.54 -32.36
CA GLY B 222 2.37 -44.23 -31.82
C GLY B 222 1.62 -45.47 -31.38
N LEU B 223 1.94 -46.62 -31.98
CA LEU B 223 1.40 -47.89 -31.49
C LEU B 223 2.04 -48.26 -30.15
N SER B 224 3.36 -48.14 -30.06
CA SER B 224 4.06 -48.48 -28.81
C SER B 224 3.59 -47.59 -27.67
N ALA B 225 3.59 -46.27 -27.89
CA ALA B 225 3.17 -45.34 -26.85
C ALA B 225 1.72 -45.58 -26.44
N GLY B 226 0.88 -46.02 -27.37
CA GLY B 226 -0.52 -46.26 -27.05
C GLY B 226 -0.77 -47.57 -26.33
N ILE B 227 0.04 -48.59 -26.62
CA ILE B 227 -0.07 -49.86 -25.90
C ILE B 227 0.23 -49.64 -24.42
N TRP B 228 1.38 -49.04 -24.13
CA TRP B 228 1.85 -48.96 -22.76
C TRP B 228 0.94 -48.11 -21.90
N ALA B 229 0.45 -46.98 -22.43
CA ALA B 229 -0.45 -46.12 -21.68
C ALA B 229 -1.71 -46.86 -21.25
N LYS B 230 -2.15 -47.84 -22.05
CA LYS B 230 -3.24 -48.71 -21.62
C LYS B 230 -2.78 -49.66 -20.53
N ILE B 231 -1.51 -50.06 -20.55
CA ILE B 231 -0.99 -50.97 -19.54
C ILE B 231 -0.63 -50.23 -18.26
N LEU B 232 -0.12 -49.00 -18.38
CA LEU B 232 0.17 -48.22 -17.18
C LEU B 232 -1.12 -47.80 -16.49
N SER B 233 -2.14 -47.44 -17.28
CA SER B 233 -3.45 -47.17 -16.69
C SER B 233 -4.07 -48.42 -16.07
N SER B 234 -3.66 -49.61 -16.52
CA SER B 234 -4.16 -50.84 -15.90
C SER B 234 -3.59 -51.00 -14.50
N PHE B 235 -2.27 -50.89 -14.35
CA PHE B 235 -1.64 -51.11 -13.06
C PHE B 235 -1.89 -49.97 -12.07
N THR B 236 -2.49 -48.86 -12.49
CA THR B 236 -2.76 -47.76 -11.57
C THR B 236 -4.03 -47.99 -10.78
N ASP B 237 -5.16 -48.19 -11.48
CA ASP B 237 -6.43 -48.40 -10.79
C ASP B 237 -6.43 -49.69 -9.98
N LYS B 238 -5.66 -50.69 -10.42
CA LYS B 238 -5.50 -51.89 -9.62
C LYS B 238 -4.70 -51.60 -8.35
N GLU B 239 -3.80 -50.63 -8.40
CA GLU B 239 -3.01 -50.28 -7.22
C GLU B 239 -3.87 -49.56 -6.19
N LEU B 240 -4.63 -48.54 -6.61
CA LEU B 240 -5.44 -47.79 -5.67
C LEU B 240 -6.60 -48.61 -5.12
N HIS B 241 -7.04 -49.64 -5.84
CA HIS B 241 -8.00 -50.58 -5.26
C HIS B 241 -7.34 -51.51 -4.25
N ALA B 242 -6.01 -51.61 -4.25
CA ALA B 242 -5.29 -52.38 -3.25
C ALA B 242 -4.96 -51.57 -2.00
N TYR B 243 -4.70 -50.28 -2.16
CA TYR B 243 -4.48 -49.40 -1.01
C TYR B 243 -5.79 -48.93 -0.39
N ALA B 244 -6.88 -48.92 -1.15
CA ALA B 244 -8.18 -48.53 -0.60
C ALA B 244 -8.58 -49.42 0.56
N LYS B 245 -8.12 -50.67 0.57
CA LYS B 245 -8.34 -51.53 1.73
C LYS B 245 -7.52 -51.07 2.93
N ALA B 246 -6.22 -50.78 2.71
CA ALA B 246 -5.37 -50.31 3.80
C ALA B 246 -5.77 -48.92 4.25
N GLY B 247 -5.91 -47.98 3.31
CA GLY B 247 -6.26 -46.61 3.65
C GLY B 247 -7.62 -46.47 4.30
N ALA B 248 -8.51 -47.44 4.10
CA ALA B 248 -9.81 -47.40 4.77
C ALA B 248 -9.65 -47.70 6.26
N VAL B 249 -8.72 -48.58 6.61
CA VAL B 249 -8.44 -48.85 8.01
C VAL B 249 -7.84 -47.62 8.68
N ALA B 250 -6.99 -46.89 7.96
CA ALA B 250 -6.42 -45.67 8.51
C ALA B 250 -7.50 -44.62 8.78
N GLU B 251 -8.42 -44.44 7.82
CA GLU B 251 -9.51 -43.49 8.01
C GLU B 251 -10.39 -43.90 9.19
N GLU B 252 -10.62 -45.20 9.36
CA GLU B 252 -11.43 -45.67 10.47
C GLU B 252 -10.72 -45.45 11.80
N VAL B 253 -9.42 -45.77 11.86
CA VAL B 253 -8.67 -45.64 13.11
C VAL B 253 -8.61 -44.18 13.54
N LEU B 254 -7.99 -43.34 12.72
CA LEU B 254 -7.65 -41.98 13.14
C LEU B 254 -8.88 -41.15 13.48
N ALA B 255 -10.05 -41.49 12.96
CA ALA B 255 -11.30 -40.92 13.45
C ALA B 255 -11.75 -41.57 14.74
N ALA B 256 -11.36 -42.84 14.97
CA ALA B 256 -11.74 -43.61 16.14
C ALA B 256 -10.61 -43.69 17.17
N ILE B 257 -9.65 -42.77 17.12
CA ILE B 257 -8.42 -42.91 17.91
C ILE B 257 -8.71 -42.92 19.40
N ARG B 258 -9.77 -42.22 19.83
CA ARG B 258 -10.07 -42.14 21.26
C ARG B 258 -10.37 -43.51 21.84
N THR B 259 -11.04 -44.36 21.06
CA THR B 259 -11.26 -45.74 21.49
C THR B 259 -10.02 -46.60 21.31
N VAL B 260 -9.18 -46.27 20.32
CA VAL B 260 -7.96 -47.03 20.10
C VAL B 260 -7.01 -46.83 21.27
N ILE B 261 -6.79 -45.58 21.66
CA ILE B 261 -5.89 -45.29 22.78
C ILE B 261 -6.45 -45.91 24.06
N ALA B 262 -7.76 -45.79 24.28
CA ALA B 262 -8.36 -46.18 25.55
C ALA B 262 -8.16 -47.67 25.82
N PHE B 263 -8.25 -48.49 24.78
CA PHE B 263 -8.05 -49.93 24.90
C PHE B 263 -6.66 -50.38 24.50
N GLY B 264 -5.75 -49.46 24.18
CA GLY B 264 -4.36 -49.82 23.94
C GLY B 264 -4.13 -50.70 22.74
N GLY B 265 -4.95 -50.58 21.70
CA GLY B 265 -4.78 -51.37 20.50
C GLY B 265 -3.93 -50.67 19.46
N GLN B 266 -3.00 -49.82 19.90
CA GLN B 266 -2.17 -49.07 18.98
C GLN B 266 -1.26 -49.97 18.17
N LYS B 267 -0.85 -51.11 18.73
CA LYS B 267 -0.08 -52.10 17.99
C LYS B 267 -0.98 -53.05 17.21
N LYS B 268 -2.21 -53.28 17.70
CA LYS B 268 -3.13 -54.16 17.01
C LYS B 268 -3.69 -53.50 15.75
N GLU B 269 -3.91 -52.18 15.79
CA GLU B 269 -4.28 -51.46 14.59
C GLU B 269 -3.12 -51.31 13.62
N LEU B 270 -1.88 -51.44 14.10
CA LEU B 270 -0.73 -51.34 13.22
C LEU B 270 -0.56 -52.58 12.36
N GLU B 271 -0.94 -53.75 12.88
CA GLU B 271 -0.79 -54.98 12.11
C GLU B 271 -1.89 -55.11 11.05
N ARG B 272 -3.11 -54.68 11.35
CA ARG B 272 -4.15 -54.67 10.34
C ARG B 272 -3.77 -53.76 9.18
N TYR B 273 -3.22 -52.58 9.49
CA TYR B 273 -2.79 -51.66 8.44
C TYR B 273 -1.66 -52.24 7.62
N ASN B 274 -0.85 -53.13 8.20
CA ASN B 274 0.31 -53.68 7.50
C ASN B 274 -0.04 -54.93 6.70
N ASN B 275 -0.94 -55.77 7.20
CA ASN B 275 -1.31 -56.98 6.48
C ASN B 275 -2.08 -56.69 5.19
N ASN B 276 -2.61 -55.47 5.03
CA ASN B 276 -3.21 -55.02 3.79
C ASN B 276 -2.29 -54.12 2.98
N LEU B 277 -1.07 -53.89 3.43
CA LEU B 277 -0.16 -52.93 2.80
C LEU B 277 0.78 -53.57 1.78
N GLU B 278 0.91 -54.89 1.78
CA GLU B 278 1.82 -55.55 0.85
C GLU B 278 1.19 -55.79 -0.52
N GLU B 279 -0.15 -55.75 -0.62
CA GLU B 279 -0.80 -55.86 -1.93
C GLU B 279 -0.42 -54.69 -2.82
N ALA B 280 -0.56 -53.46 -2.32
CA ALA B 280 -0.21 -52.28 -3.10
C ALA B 280 1.27 -52.19 -3.39
N LYS B 281 2.12 -52.85 -2.60
CA LYS B 281 3.55 -52.88 -2.88
C LYS B 281 3.85 -53.77 -4.07
N ARG B 282 3.46 -55.04 -3.98
CA ARG B 282 3.70 -55.99 -5.07
C ARG B 282 3.08 -55.49 -6.38
N LEU B 283 1.92 -54.85 -6.29
CA LEU B 283 1.34 -54.21 -7.46
C LEU B 283 2.14 -52.98 -7.85
N GLY B 284 2.74 -52.29 -6.88
CA GLY B 284 3.60 -51.16 -7.17
C GLY B 284 4.85 -51.53 -7.95
N ILE B 285 5.29 -52.78 -7.86
CA ILE B 285 6.46 -53.23 -8.61
C ILE B 285 6.09 -53.50 -10.06
N LYS B 286 4.94 -54.16 -10.29
CA LYS B 286 4.51 -54.40 -11.66
C LYS B 286 4.23 -53.10 -12.40
N LYS B 287 3.95 -52.01 -11.69
CA LYS B 287 3.88 -50.69 -12.30
C LYS B 287 5.27 -50.06 -12.43
N ALA B 288 6.15 -50.32 -11.46
CA ALA B 288 7.47 -49.69 -11.47
C ALA B 288 8.31 -50.19 -12.63
N ILE B 289 8.36 -51.52 -12.82
CA ILE B 289 9.12 -52.08 -13.94
C ILE B 289 8.55 -51.60 -15.26
N THR B 290 7.27 -51.92 -15.51
CA THR B 290 6.67 -51.69 -16.83
C THR B 290 6.64 -50.21 -17.19
N ALA B 291 6.72 -49.31 -16.20
CA ALA B 291 6.80 -47.89 -16.50
C ALA B 291 8.09 -47.55 -17.24
N ASN B 292 9.22 -48.09 -16.78
CA ASN B 292 10.49 -47.85 -17.46
C ASN B 292 10.65 -48.72 -18.70
N ILE B 293 9.95 -49.84 -18.78
CA ILE B 293 9.82 -50.55 -20.06
C ILE B 293 9.10 -49.66 -21.06
N SER B 294 7.98 -49.06 -20.62
CA SER B 294 7.21 -48.17 -21.48
C SER B 294 8.08 -47.03 -21.99
N MET B 295 8.92 -46.48 -21.13
CA MET B 295 9.89 -45.49 -21.55
C MET B 295 10.88 -46.12 -22.52
N GLY B 296 11.57 -47.17 -22.09
CA GLY B 296 12.64 -47.75 -22.88
C GLY B 296 12.18 -48.38 -24.18
N ALA B 297 10.95 -48.92 -24.20
CA ALA B 297 10.43 -49.50 -25.43
C ALA B 297 10.23 -48.44 -26.50
N ALA B 298 9.58 -47.33 -26.14
CA ALA B 298 9.43 -46.23 -27.08
C ALA B 298 10.76 -45.53 -27.33
N PHE B 299 11.69 -45.58 -26.37
CA PHE B 299 13.03 -45.05 -26.59
C PHE B 299 13.81 -45.88 -27.60
N LEU B 300 13.57 -47.20 -27.61
CA LEU B 300 14.27 -48.07 -28.56
C LEU B 300 13.84 -47.76 -29.99
N LEU B 301 12.52 -47.69 -30.23
CA LEU B 301 12.01 -47.48 -31.58
C LEU B 301 12.46 -46.15 -32.18
N ILE B 302 12.79 -45.17 -31.34
CA ILE B 302 13.37 -43.94 -31.85
C ILE B 302 14.77 -44.20 -32.39
N TYR B 303 15.61 -44.87 -31.60
CA TYR B 303 16.94 -45.24 -32.08
C TYR B 303 16.85 -46.17 -33.29
N ALA B 304 15.78 -46.95 -33.39
CA ALA B 304 15.58 -47.81 -34.55
C ALA B 304 15.22 -46.98 -35.78
N SER B 305 14.17 -46.15 -35.67
CA SER B 305 13.79 -45.29 -36.78
C SER B 305 14.88 -44.29 -37.13
N TYR B 306 15.78 -43.99 -36.19
CA TYR B 306 16.95 -43.18 -36.50
C TYR B 306 17.83 -43.88 -37.53
N ALA B 307 18.10 -45.18 -37.32
CA ALA B 307 18.97 -45.91 -38.23
C ALA B 307 18.27 -46.17 -39.56
N LEU B 308 16.99 -46.52 -39.53
CA LEU B 308 16.27 -46.84 -40.76
C LEU B 308 16.21 -45.63 -41.69
N ALA B 309 16.04 -44.44 -41.12
CA ALA B 309 16.02 -43.23 -41.95
C ALA B 309 17.42 -42.83 -42.41
N PHE B 310 18.44 -43.09 -41.58
CA PHE B 310 19.81 -42.78 -41.98
C PHE B 310 20.40 -43.85 -42.91
N TRP B 311 20.13 -45.13 -42.63
CA TRP B 311 20.54 -46.19 -43.53
C TRP B 311 19.99 -45.96 -44.93
N TYR B 312 18.74 -45.51 -45.02
CA TYR B 312 18.12 -45.21 -46.31
C TYR B 312 18.54 -43.84 -46.82
N GLY B 313 18.70 -42.86 -45.91
CA GLY B 313 19.12 -41.54 -46.33
C GLY B 313 20.54 -41.51 -46.85
N THR B 314 21.40 -42.37 -46.30
CA THR B 314 22.76 -42.50 -46.84
C THR B 314 22.76 -43.27 -48.15
N SER B 315 21.80 -44.17 -48.33
CA SER B 315 21.70 -44.91 -49.58
C SER B 315 21.30 -44.01 -50.75
N LEU B 316 20.66 -42.87 -50.48
CA LEU B 316 20.22 -41.97 -51.55
C LEU B 316 21.28 -40.94 -51.92
N VAL B 317 22.30 -40.73 -51.09
CA VAL B 317 23.39 -39.81 -51.44
C VAL B 317 24.51 -40.54 -52.18
N ILE B 318 24.75 -41.82 -51.86
CA ILE B 318 25.78 -42.58 -52.56
C ILE B 318 25.45 -42.67 -54.05
N SER B 319 24.16 -42.79 -54.38
CA SER B 319 23.70 -42.81 -55.76
C SER B 319 23.52 -41.39 -56.32
N LYS B 320 23.96 -40.35 -55.61
CA LYS B 320 23.87 -38.97 -56.08
C LYS B 320 22.43 -38.54 -56.38
N GLU B 321 21.46 -39.17 -55.73
CA GLU B 321 20.08 -38.69 -55.82
C GLU B 321 19.89 -37.48 -54.89
N TYR B 322 20.18 -37.66 -53.61
CA TYR B 322 20.24 -36.57 -52.64
C TYR B 322 21.68 -36.17 -52.42
N SER B 323 21.87 -35.04 -51.74
CA SER B 323 23.16 -34.66 -51.17
C SER B 323 23.15 -34.97 -49.68
N ILE B 324 24.29 -34.73 -49.03
CA ILE B 324 24.31 -34.87 -47.58
C ILE B 324 23.51 -33.74 -46.94
N GLY B 325 23.43 -32.58 -47.59
CA GLY B 325 22.64 -31.49 -47.06
C GLY B 325 21.15 -31.74 -47.14
N GLN B 326 20.71 -32.45 -48.18
CA GLN B 326 19.28 -32.74 -48.31
C GLN B 326 18.81 -33.69 -47.21
N VAL B 327 19.59 -34.74 -46.93
CA VAL B 327 19.22 -35.68 -45.87
C VAL B 327 19.16 -34.97 -44.52
N LEU B 328 20.16 -34.15 -44.21
CA LEU B 328 20.22 -33.54 -42.88
C LEU B 328 19.12 -32.50 -42.70
N THR B 329 18.67 -31.86 -43.77
CA THR B 329 17.48 -31.04 -43.67
C THR B 329 16.25 -31.91 -43.45
N VAL B 330 16.04 -32.87 -44.35
CA VAL B 330 14.79 -33.65 -44.34
C VAL B 330 14.67 -34.45 -43.04
N PHE B 331 15.78 -35.04 -42.59
CA PHE B 331 15.71 -35.89 -41.41
C PHE B 331 15.33 -35.08 -40.18
N PHE B 332 16.00 -33.93 -39.98
CA PHE B 332 15.65 -33.06 -38.87
C PHE B 332 14.26 -32.47 -39.05
N SER B 333 14.01 -31.87 -40.22
CA SER B 333 12.75 -31.15 -40.46
C SER B 333 11.52 -32.01 -40.24
N VAL B 334 11.66 -33.33 -40.39
CA VAL B 334 10.58 -34.24 -39.98
C VAL B 334 10.53 -34.35 -38.47
N LEU B 335 11.68 -34.62 -37.84
CA LEU B 335 11.69 -34.84 -36.39
C LEU B 335 11.26 -33.60 -35.62
N ILE B 336 11.59 -32.41 -36.11
CA ILE B 336 11.09 -31.19 -35.48
C ILE B 336 9.57 -31.16 -35.57
N GLY B 337 9.02 -31.36 -36.77
CA GLY B 337 7.57 -31.39 -36.92
C GLY B 337 6.94 -32.53 -36.17
N ALA B 338 7.67 -33.64 -35.98
CA ALA B 338 7.14 -34.79 -35.26
C ALA B 338 7.20 -34.57 -33.75
N PHE B 339 8.34 -34.09 -33.25
CA PHE B 339 8.43 -33.73 -31.83
C PHE B 339 7.61 -32.49 -31.49
N SER B 340 7.17 -31.71 -32.49
CA SER B 340 6.33 -30.56 -32.21
C SER B 340 4.97 -30.95 -31.62
N VAL B 341 4.53 -32.20 -31.82
CA VAL B 341 3.28 -32.66 -31.23
C VAL B 341 3.35 -32.59 -29.71
N GLY B 342 4.33 -33.26 -29.11
CA GLY B 342 4.44 -33.33 -27.67
C GLY B 342 4.61 -32.00 -26.99
N GLN B 343 5.10 -30.99 -27.71
CA GLN B 343 5.21 -29.65 -27.17
C GLN B 343 3.90 -28.87 -27.21
N ALA B 344 2.93 -29.33 -28.00
CA ALA B 344 1.61 -28.71 -28.10
C ALA B 344 0.54 -29.45 -27.32
N SER B 345 0.86 -30.57 -26.69
CA SER B 345 -0.11 -31.28 -25.87
C SER B 345 -0.66 -30.42 -24.73
N PRO B 346 0.15 -29.83 -23.86
CA PRO B 346 -0.44 -29.08 -22.72
C PRO B 346 -1.14 -27.80 -23.13
N ASN B 347 -0.70 -27.14 -24.21
CA ASN B 347 -1.39 -25.94 -24.65
C ASN B 347 -2.82 -26.23 -25.07
N ILE B 348 -3.09 -27.42 -25.59
CA ILE B 348 -4.47 -27.84 -25.82
C ILE B 348 -5.15 -28.14 -24.50
N GLU B 349 -4.51 -28.95 -23.67
CA GLU B 349 -5.11 -29.38 -22.41
C GLU B 349 -5.40 -28.18 -21.51
N ALA B 350 -4.49 -27.20 -21.49
CA ALA B 350 -4.76 -25.95 -20.77
C ALA B 350 -5.93 -25.22 -21.39
N PHE B 351 -6.01 -25.20 -22.72
CA PHE B 351 -7.14 -24.60 -23.40
C PHE B 351 -8.43 -25.36 -23.11
N ALA B 352 -8.35 -26.69 -22.96
CA ALA B 352 -9.53 -27.49 -22.68
C ALA B 352 -9.92 -27.41 -21.21
N ASN B 353 -8.94 -27.43 -20.30
CA ASN B 353 -9.23 -27.18 -18.89
C ASN B 353 -9.84 -25.81 -18.70
N ALA B 354 -9.35 -24.82 -19.43
CA ALA B 354 -9.88 -23.47 -19.35
C ALA B 354 -11.30 -23.41 -19.91
N ARG B 355 -11.58 -24.17 -20.97
CA ARG B 355 -12.94 -24.30 -21.45
C ARG B 355 -13.84 -24.93 -20.41
N GLY B 356 -13.34 -25.96 -19.72
CA GLY B 356 -14.14 -26.61 -18.70
C GLY B 356 -14.46 -25.71 -17.53
N ALA B 357 -13.46 -24.97 -17.04
CA ALA B 357 -13.68 -24.07 -15.93
C ALA B 357 -14.61 -22.91 -16.32
N ALA B 358 -14.55 -22.48 -17.58
CA ALA B 358 -15.43 -21.40 -18.03
C ALA B 358 -16.90 -21.81 -17.99
N TYR B 359 -17.19 -23.12 -18.04
CA TYR B 359 -18.58 -23.56 -17.99
C TYR B 359 -19.20 -23.27 -16.62
N GLU B 360 -18.53 -23.70 -15.55
CA GLU B 360 -19.07 -23.47 -14.21
C GLU B 360 -19.17 -21.98 -13.90
N VAL B 361 -18.31 -21.16 -14.52
CA VAL B 361 -18.36 -19.72 -14.30
C VAL B 361 -19.50 -19.09 -15.10
N PHE B 362 -19.48 -19.28 -16.43
CA PHE B 362 -20.44 -18.64 -17.31
C PHE B 362 -21.86 -19.10 -17.01
N LYS B 363 -22.01 -20.30 -16.44
CA LYS B 363 -23.32 -20.77 -16.00
C LYS B 363 -23.90 -19.85 -14.93
N ILE B 364 -23.08 -19.41 -13.98
CA ILE B 364 -23.55 -18.52 -12.91
C ILE B 364 -23.80 -17.12 -13.47
N ILE B 365 -23.00 -16.69 -14.43
CA ILE B 365 -23.17 -15.36 -15.00
C ILE B 365 -24.48 -15.27 -15.76
N ASP B 366 -24.83 -16.33 -16.49
CA ASP B 366 -26.05 -16.35 -17.28
C ASP B 366 -27.28 -16.72 -16.46
N ASN B 367 -27.11 -17.18 -15.21
CA ASN B 367 -28.23 -17.51 -14.36
C ASN B 367 -28.84 -16.22 -13.83
N LYS B 368 -30.14 -16.03 -14.09
CA LYS B 368 -30.86 -14.83 -13.71
C LYS B 368 -31.89 -15.18 -12.63
N PRO B 369 -32.01 -14.42 -11.55
CA PRO B 369 -32.93 -14.80 -10.47
C PRO B 369 -34.31 -14.19 -10.64
N SER B 370 -35.28 -14.80 -9.98
CA SER B 370 -36.63 -14.24 -9.95
C SER B 370 -36.70 -13.04 -9.01
N ILE B 371 -36.04 -13.14 -7.86
CA ILE B 371 -35.96 -12.03 -6.91
C ILE B 371 -34.65 -11.31 -7.22
N ASP B 372 -34.74 -10.30 -8.09
CA ASP B 372 -33.57 -9.56 -8.52
C ASP B 372 -33.34 -8.41 -7.54
N SER B 373 -32.28 -8.51 -6.74
CA SER B 373 -31.92 -7.44 -5.81
C SER B 373 -31.33 -6.22 -6.51
N PHE B 374 -31.06 -6.29 -7.81
CA PHE B 374 -30.49 -5.18 -8.56
C PHE B 374 -31.49 -4.49 -9.49
N SER B 375 -32.60 -5.14 -9.81
CA SER B 375 -33.57 -4.56 -10.73
C SER B 375 -34.25 -3.34 -10.10
N LYS B 376 -35.00 -2.61 -10.93
CA LYS B 376 -35.67 -1.38 -10.56
C LYS B 376 -37.12 -1.42 -10.99
N SER B 377 -37.78 -2.57 -10.80
CA SER B 377 -39.09 -2.82 -11.40
C SER B 377 -40.24 -2.36 -10.52
N GLY B 378 -40.34 -2.91 -9.32
CA GLY B 378 -41.54 -2.73 -8.51
C GLY B 378 -41.71 -1.30 -8.02
N HIS B 379 -42.81 -1.09 -7.30
CA HIS B 379 -43.09 0.21 -6.72
C HIS B 379 -42.11 0.49 -5.58
N LYS B 380 -42.08 1.74 -5.15
CA LYS B 380 -41.24 2.21 -4.04
C LYS B 380 -42.10 3.15 -3.21
N PRO B 381 -43.11 2.62 -2.53
CA PRO B 381 -44.13 3.49 -1.91
C PRO B 381 -43.58 4.28 -0.74
N ASP B 382 -43.91 5.57 -0.73
CA ASP B 382 -43.54 6.46 0.36
C ASP B 382 -44.70 6.55 1.35
N ASN B 383 -44.39 7.05 2.55
CA ASN B 383 -45.38 7.22 3.62
C ASN B 383 -46.05 5.88 3.94
N ILE B 384 -45.23 4.93 4.41
CA ILE B 384 -45.67 3.56 4.64
C ILE B 384 -46.22 3.47 6.05
N GLN B 385 -47.44 2.94 6.19
CA GLN B 385 -48.05 2.79 7.50
C GLN B 385 -47.49 1.59 8.24
N GLY B 386 -47.15 0.53 7.52
CA GLY B 386 -46.63 -0.68 8.13
C GLY B 386 -47.67 -1.72 8.43
N ASN B 387 -48.83 -1.68 7.78
CA ASN B 387 -49.85 -2.71 7.94
C ASN B 387 -49.39 -3.96 7.22
N LEU B 388 -49.04 -4.99 7.99
CA LEU B 388 -48.56 -6.25 7.45
C LEU B 388 -49.68 -7.27 7.49
N GLU B 389 -49.69 -8.16 6.50
CA GLU B 389 -50.66 -9.24 6.47
C GLU B 389 -50.02 -10.47 5.85
N PHE B 390 -50.25 -11.61 6.50
CA PHE B 390 -49.91 -12.92 5.97
C PHE B 390 -51.23 -13.62 5.72
N LYS B 391 -51.38 -14.19 4.52
CA LYS B 391 -52.66 -14.77 4.08
C LYS B 391 -52.37 -16.17 3.55
N ASN B 392 -52.66 -17.18 4.37
CA ASN B 392 -52.59 -18.58 3.94
C ASN B 392 -51.20 -18.94 3.41
N ILE B 393 -50.17 -18.61 4.18
CA ILE B 393 -48.80 -18.82 3.76
C ILE B 393 -48.44 -20.29 3.93
N HIS B 394 -48.02 -20.92 2.83
CA HIS B 394 -47.38 -22.23 2.84
C HIS B 394 -46.00 -22.05 2.24
N PHE B 395 -44.97 -22.56 2.93
CA PHE B 395 -43.60 -22.38 2.49
C PHE B 395 -42.76 -23.60 2.85
N SER B 396 -41.85 -23.94 1.93
CA SER B 396 -40.83 -24.97 2.16
C SER B 396 -39.53 -24.44 1.62
N TYR B 397 -38.46 -24.55 2.41
CA TYR B 397 -37.15 -24.11 1.95
C TYR B 397 -36.72 -24.98 0.77
N PRO B 398 -35.93 -24.44 -0.17
CA PRO B 398 -35.50 -25.29 -1.29
C PRO B 398 -34.41 -26.28 -0.91
N SER B 399 -33.76 -26.06 0.24
CA SER B 399 -32.79 -27.02 0.77
C SER B 399 -33.47 -28.22 1.41
N ARG B 400 -34.70 -28.04 1.90
CA ARG B 400 -35.47 -29.10 2.55
C ARG B 400 -36.83 -29.04 1.86
N LYS B 401 -36.93 -29.69 0.70
CA LYS B 401 -38.18 -29.70 -0.06
C LYS B 401 -39.22 -30.65 0.52
N GLU B 402 -38.80 -31.78 1.08
CA GLU B 402 -39.76 -32.76 1.58
C GLU B 402 -40.54 -32.23 2.77
N VAL B 403 -39.86 -31.59 3.71
CA VAL B 403 -40.49 -31.01 4.88
C VAL B 403 -41.14 -29.69 4.52
N GLN B 404 -42.35 -29.48 5.06
CA GLN B 404 -43.02 -28.19 5.01
C GLN B 404 -42.84 -27.52 6.36
N ILE B 405 -42.47 -26.24 6.35
CA ILE B 405 -42.30 -25.47 7.58
C ILE B 405 -43.56 -24.73 7.94
N LEU B 406 -44.15 -24.02 6.97
CA LEU B 406 -45.37 -23.25 7.16
C LEU B 406 -46.52 -23.92 6.44
N LYS B 407 -47.67 -24.00 7.11
CA LYS B 407 -48.87 -24.64 6.58
C LYS B 407 -50.07 -23.81 6.99
N GLY B 408 -50.67 -23.10 6.04
CA GLY B 408 -51.89 -22.35 6.29
C GLY B 408 -51.75 -21.28 7.35
N LEU B 409 -50.71 -20.46 7.22
CA LEU B 409 -50.43 -19.41 8.19
C LEU B 409 -51.13 -18.13 7.77
N ASN B 410 -51.98 -17.61 8.67
CA ASN B 410 -52.64 -16.32 8.50
C ASN B 410 -52.27 -15.45 9.69
N LEU B 411 -51.89 -14.21 9.42
CA LEU B 411 -51.45 -13.31 10.49
C LEU B 411 -51.48 -11.88 9.98
N LYS B 412 -52.02 -10.98 10.79
CA LYS B 412 -52.02 -9.55 10.52
C LYS B 412 -51.22 -8.86 11.62
N VAL B 413 -50.58 -7.75 11.27
CA VAL B 413 -49.82 -6.94 12.21
C VAL B 413 -50.20 -5.49 11.97
N LYS B 414 -50.79 -4.85 12.97
CA LYS B 414 -51.29 -3.49 12.82
C LYS B 414 -50.15 -2.49 12.97
N SER B 415 -50.37 -1.30 12.39
CA SER B 415 -49.30 -0.31 12.22
C SER B 415 -48.76 0.15 13.56
N GLY B 416 -47.43 0.19 13.66
CA GLY B 416 -46.75 0.62 14.87
C GLY B 416 -46.72 -0.39 15.99
N GLN B 417 -47.47 -1.49 15.87
CA GLN B 417 -47.58 -2.48 16.92
C GLN B 417 -46.35 -3.38 16.93
N THR B 418 -46.17 -4.09 18.03
CA THR B 418 -45.14 -5.12 18.17
C THR B 418 -45.84 -6.45 18.38
N VAL B 419 -45.46 -7.44 17.57
CA VAL B 419 -45.92 -8.80 17.71
C VAL B 419 -44.72 -9.68 18.02
N ALA B 420 -44.89 -10.63 18.94
CA ALA B 420 -43.85 -11.57 19.32
C ALA B 420 -44.30 -12.97 18.97
N LEU B 421 -43.46 -13.68 18.21
CA LEU B 421 -43.73 -15.05 17.79
C LEU B 421 -42.96 -16.02 18.68
N VAL B 422 -43.63 -17.08 19.12
CA VAL B 422 -43.07 -18.06 20.03
C VAL B 422 -43.54 -19.45 19.62
N GLY B 423 -42.74 -20.45 19.96
CA GLY B 423 -43.08 -21.82 19.60
C GLY B 423 -41.95 -22.76 19.98
N ASN B 424 -42.07 -23.99 19.50
CA ASN B 424 -41.13 -25.07 19.80
C ASN B 424 -40.14 -25.20 18.64
N SER B 425 -39.87 -26.40 18.11
CA SER B 425 -38.98 -26.61 16.98
C SER B 425 -39.81 -27.02 15.76
N GLY B 426 -39.29 -26.70 14.58
CA GLY B 426 -40.02 -26.96 13.35
C GLY B 426 -41.35 -26.27 13.29
N CYS B 427 -41.46 -25.09 13.92
CA CYS B 427 -42.72 -24.38 14.07
C CYS B 427 -42.94 -23.32 12.99
N GLY B 428 -41.88 -22.64 12.58
CA GLY B 428 -41.94 -21.67 11.49
C GLY B 428 -41.74 -20.22 11.87
N LYS B 429 -41.18 -19.92 13.05
CA LYS B 429 -40.96 -18.54 13.45
C LYS B 429 -39.94 -17.87 12.53
N SER B 430 -38.73 -18.43 12.47
CA SER B 430 -37.64 -17.80 11.73
C SER B 430 -37.95 -17.68 10.25
N THR B 431 -38.86 -18.49 9.72
CA THR B 431 -39.29 -18.33 8.34
C THR B 431 -40.01 -17.00 8.14
N THR B 432 -40.73 -16.52 9.14
CA THR B 432 -41.45 -15.26 9.02
C THR B 432 -40.49 -14.11 8.69
N VAL B 433 -39.39 -14.02 9.44
CA VAL B 433 -38.39 -12.99 9.17
C VAL B 433 -37.87 -13.11 7.75
N GLN B 434 -37.66 -14.33 7.28
CA GLN B 434 -37.07 -14.54 5.97
C GLN B 434 -38.04 -14.34 4.83
N LEU B 435 -39.35 -14.45 5.08
CA LEU B 435 -40.33 -14.14 4.04
C LEU B 435 -40.63 -12.65 3.98
N MET B 436 -40.49 -11.93 5.09
CA MET B 436 -40.80 -10.50 5.10
C MET B 436 -39.70 -9.68 4.44
N GLN B 437 -38.43 -10.09 4.60
CA GLN B 437 -37.38 -9.50 3.77
C GLN B 437 -37.47 -9.97 2.32
N ARG B 438 -38.27 -11.00 2.03
CA ARG B 438 -38.38 -11.58 0.70
C ARG B 438 -37.07 -12.22 0.25
N LEU B 439 -36.40 -12.89 1.18
CA LEU B 439 -35.27 -13.73 0.81
C LEU B 439 -35.74 -14.98 0.05
N TYR B 440 -36.97 -15.41 0.32
CA TYR B 440 -37.65 -16.42 -0.47
C TYR B 440 -39.03 -15.90 -0.81
N ASP B 441 -39.62 -16.43 -1.90
CA ASP B 441 -41.00 -16.12 -2.24
C ASP B 441 -41.89 -17.23 -1.72
N PRO B 442 -43.02 -16.94 -1.06
CA PRO B 442 -43.89 -18.04 -0.62
C PRO B 442 -44.54 -18.73 -1.81
N LEU B 443 -44.72 -20.05 -1.67
CA LEU B 443 -45.35 -20.83 -2.72
C LEU B 443 -46.83 -20.51 -2.80
N ASP B 444 -47.58 -20.77 -1.73
CA ASP B 444 -48.97 -20.39 -1.60
C ASP B 444 -49.08 -19.20 -0.67
N GLY B 445 -50.22 -18.50 -0.77
CA GLY B 445 -50.48 -17.38 0.08
C GLY B 445 -49.93 -16.07 -0.45
N MET B 446 -49.97 -15.06 0.42
CA MET B 446 -49.66 -13.70 0.02
C MET B 446 -49.16 -12.95 1.25
N VAL B 447 -47.97 -12.36 1.14
CA VAL B 447 -47.44 -11.45 2.14
C VAL B 447 -47.66 -10.04 1.62
N SER B 448 -48.32 -9.20 2.42
CA SER B 448 -48.72 -7.87 1.98
C SER B 448 -48.24 -6.82 2.96
N ILE B 449 -47.91 -5.65 2.43
CA ILE B 449 -47.65 -4.44 3.20
C ILE B 449 -48.66 -3.41 2.74
N ASP B 450 -49.52 -2.97 3.66
CA ASP B 450 -50.56 -1.97 3.37
C ASP B 450 -51.47 -2.44 2.23
N GLY B 451 -51.83 -3.72 2.26
CA GLY B 451 -52.70 -4.29 1.25
C GLY B 451 -52.04 -4.62 -0.07
N GLN B 452 -50.77 -4.28 -0.25
CA GLN B 452 -50.05 -4.51 -1.50
C GLN B 452 -49.11 -5.69 -1.32
N ASP B 453 -49.12 -6.60 -2.29
CA ASP B 453 -48.28 -7.79 -2.23
C ASP B 453 -46.81 -7.39 -2.16
N ILE B 454 -46.05 -8.10 -1.32
CA ILE B 454 -44.63 -7.80 -1.15
C ILE B 454 -43.86 -8.01 -2.45
N ARG B 455 -44.29 -8.97 -3.27
CA ARG B 455 -43.61 -9.29 -4.52
C ARG B 455 -43.83 -8.25 -5.62
N THR B 456 -44.62 -7.22 -5.36
CA THR B 456 -44.93 -6.19 -6.35
C THR B 456 -44.25 -4.86 -6.07
N ILE B 457 -43.46 -4.75 -5.00
CA ILE B 457 -42.69 -3.55 -4.71
C ILE B 457 -41.22 -3.87 -4.95
N ASN B 458 -40.44 -2.82 -5.21
CA ASN B 458 -39.03 -3.01 -5.53
C ASN B 458 -38.30 -3.62 -4.35
N VAL B 459 -37.37 -4.53 -4.65
CA VAL B 459 -36.72 -5.32 -3.60
C VAL B 459 -35.81 -4.42 -2.76
N ARG B 460 -35.04 -3.55 -3.40
CA ARG B 460 -34.13 -2.69 -2.64
C ARG B 460 -34.92 -1.74 -1.74
N TYR B 461 -35.98 -1.12 -2.27
CA TYR B 461 -36.79 -0.24 -1.44
C TYR B 461 -37.46 -1.03 -0.31
N LEU B 462 -37.88 -2.26 -0.61
CA LEU B 462 -38.46 -3.13 0.42
C LEU B 462 -37.46 -3.34 1.55
N ARG B 463 -36.27 -3.84 1.23
CA ARG B 463 -35.28 -4.12 2.26
C ARG B 463 -34.66 -2.85 2.83
N GLU B 464 -34.79 -1.72 2.15
CA GLU B 464 -34.35 -0.45 2.72
C GLU B 464 -35.32 0.05 3.79
N ILE B 465 -36.62 -0.19 3.63
CA ILE B 465 -37.59 0.17 4.66
C ILE B 465 -37.66 -0.86 5.77
N ILE B 466 -36.84 -1.90 5.73
CA ILE B 466 -36.78 -2.94 6.77
C ILE B 466 -35.38 -2.93 7.35
N GLY B 467 -35.31 -3.03 8.67
CA GLY B 467 -34.07 -3.32 9.37
C GLY B 467 -34.19 -4.64 10.10
N VAL B 468 -33.17 -5.49 9.94
CA VAL B 468 -33.14 -6.80 10.59
C VAL B 468 -32.18 -6.73 11.76
N VAL B 469 -32.41 -7.59 12.75
CA VAL B 469 -31.47 -7.80 13.85
C VAL B 469 -31.37 -9.30 14.04
N SER B 470 -30.45 -9.94 13.32
CA SER B 470 -30.32 -11.39 13.34
C SER B 470 -29.86 -11.86 14.72
N GLN B 471 -29.79 -13.19 14.87
CA GLN B 471 -29.42 -13.77 16.16
C GLN B 471 -27.99 -13.36 16.53
N GLU B 472 -27.03 -13.70 15.67
CA GLU B 472 -25.63 -13.40 15.92
C GLU B 472 -25.21 -12.23 15.02
N PRO B 473 -24.71 -11.11 15.54
CA PRO B 473 -24.40 -9.99 14.66
C PRO B 473 -23.00 -10.12 14.06
N VAL B 474 -22.89 -9.71 12.80
CA VAL B 474 -21.63 -9.73 12.08
C VAL B 474 -21.13 -8.30 12.00
N LEU B 475 -19.81 -8.14 12.07
CA LEU B 475 -19.17 -6.84 11.85
C LEU B 475 -18.12 -7.02 10.77
N PHE B 476 -17.98 -5.99 9.93
CA PHE B 476 -17.08 -6.03 8.80
C PHE B 476 -15.74 -5.41 9.18
N ALA B 477 -14.67 -5.95 8.58
CA ALA B 477 -13.31 -5.50 8.90
C ALA B 477 -13.08 -4.07 8.46
N THR B 478 -13.71 -3.12 9.16
CA THR B 478 -13.53 -1.70 8.93
C THR B 478 -13.71 -1.00 10.27
N THR B 479 -13.70 0.33 10.25
CA THR B 479 -13.97 1.09 11.47
C THR B 479 -15.43 0.93 11.87
N ILE B 480 -15.74 1.45 13.06
CA ILE B 480 -17.14 1.48 13.50
C ILE B 480 -17.94 2.40 12.59
N ALA B 481 -17.33 3.51 12.16
CA ALA B 481 -18.04 4.47 11.33
C ALA B 481 -18.47 3.84 10.00
N GLU B 482 -17.57 3.10 9.35
CA GLU B 482 -17.91 2.46 8.09
C GLU B 482 -18.91 1.33 8.29
N ASN B 483 -18.84 0.62 9.42
CA ASN B 483 -19.81 -0.42 9.71
C ASN B 483 -21.22 0.16 9.80
N ILE B 484 -21.36 1.36 10.37
CA ILE B 484 -22.66 2.02 10.41
C ILE B 484 -23.03 2.51 9.01
N ARG B 485 -22.06 3.00 8.24
CA ARG B 485 -22.36 3.49 6.91
C ARG B 485 -22.83 2.39 5.96
N TYR B 486 -22.65 1.12 6.30
CA TYR B 486 -23.25 0.06 5.50
C TYR B 486 -24.76 0.01 5.68
N GLY B 487 -25.31 0.60 6.74
CA GLY B 487 -26.75 0.80 6.80
C GLY B 487 -27.23 1.84 5.81
N ARG B 488 -26.41 2.88 5.60
CA ARG B 488 -26.69 3.93 4.63
C ARG B 488 -25.41 4.74 4.47
N GLU B 489 -24.86 4.76 3.26
CA GLU B 489 -23.50 5.28 3.08
C GLU B 489 -23.43 6.80 3.22
N ASP B 490 -24.53 7.50 2.94
CA ASP B 490 -24.52 8.96 2.91
C ASP B 490 -24.87 9.58 4.25
N VAL B 491 -24.75 8.85 5.34
CA VAL B 491 -25.06 9.40 6.66
C VAL B 491 -23.89 10.25 7.12
N THR B 492 -24.20 11.35 7.78
CA THR B 492 -23.15 12.20 8.32
C THR B 492 -22.72 11.65 9.67
N MET B 493 -21.53 12.07 10.11
CA MET B 493 -21.02 11.62 11.40
C MET B 493 -21.92 12.09 12.54
N ASP B 494 -22.62 13.20 12.34
CA ASP B 494 -23.62 13.63 13.31
C ASP B 494 -24.75 12.62 13.41
N GLU B 495 -25.18 12.05 12.27
CA GLU B 495 -26.24 11.05 12.30
C GLU B 495 -25.77 9.74 12.90
N ILE B 496 -24.50 9.40 12.73
CA ILE B 496 -23.96 8.20 13.37
C ILE B 496 -23.97 8.37 14.88
N GLU B 497 -23.56 9.54 15.37
CA GLU B 497 -23.53 9.79 16.81
C GLU B 497 -24.91 9.62 17.42
N LYS B 498 -25.95 10.12 16.75
CA LYS B 498 -27.31 9.98 17.28
C LYS B 498 -27.71 8.52 17.35
N ALA B 499 -27.54 7.79 16.24
CA ALA B 499 -27.98 6.39 16.19
C ALA B 499 -27.18 5.54 17.16
N VAL B 500 -25.89 5.85 17.32
CA VAL B 500 -25.08 5.16 18.31
C VAL B 500 -25.57 5.49 19.71
N LYS B 501 -25.84 6.78 19.98
CA LYS B 501 -26.40 7.15 21.28
C LYS B 501 -27.76 6.49 21.50
N GLU B 502 -28.60 6.47 20.46
CA GLU B 502 -29.90 5.81 20.57
C GLU B 502 -29.75 4.32 20.80
N ALA B 503 -28.68 3.71 20.28
CA ALA B 503 -28.42 2.29 20.44
C ALA B 503 -27.67 1.96 21.73
N ASN B 504 -27.46 2.95 22.61
CA ASN B 504 -26.75 2.76 23.88
C ASN B 504 -25.32 2.24 23.66
N ALA B 505 -24.68 2.70 22.58
CA ALA B 505 -23.32 2.29 22.24
C ALA B 505 -22.33 3.44 22.25
N TYR B 506 -22.74 4.65 22.66
CA TYR B 506 -21.84 5.80 22.57
C TYR B 506 -20.77 5.74 23.64
N ASP B 507 -21.17 5.55 24.90
CA ASP B 507 -20.23 5.69 26.01
C ASP B 507 -19.11 4.68 25.94
N PHE B 508 -19.37 3.45 25.48
CA PHE B 508 -18.31 2.46 25.37
C PHE B 508 -17.42 2.72 24.15
N ILE B 509 -17.97 3.35 23.11
CA ILE B 509 -17.15 3.69 21.95
C ILE B 509 -16.15 4.78 22.33
N MET B 510 -16.58 5.79 23.07
CA MET B 510 -15.66 6.84 23.50
C MET B 510 -14.57 6.29 24.41
N LYS B 511 -14.83 5.17 25.09
CA LYS B 511 -13.82 4.50 25.89
C LYS B 511 -12.87 3.63 25.06
N LEU B 512 -13.18 3.36 23.80
CA LEU B 512 -12.29 2.57 22.98
C LEU B 512 -11.05 3.39 22.61
N PRO B 513 -9.98 2.74 22.15
CA PRO B 513 -8.73 3.48 21.94
C PRO B 513 -8.82 4.57 20.88
N HIS B 514 -9.41 4.26 19.72
CA HIS B 514 -9.51 5.18 18.59
C HIS B 514 -10.96 5.59 18.35
N GLN B 515 -11.73 5.75 19.43
CA GLN B 515 -13.14 6.14 19.43
C GLN B 515 -13.98 5.53 18.29
N PHE B 516 -14.37 6.33 17.30
CA PHE B 516 -15.20 5.85 16.21
C PHE B 516 -14.40 5.27 15.06
N ASP B 517 -13.14 5.68 14.91
CA ASP B 517 -12.23 5.07 13.94
C ASP B 517 -11.59 3.79 14.46
N THR B 518 -12.07 3.25 15.58
CA THR B 518 -11.54 2.01 16.11
C THR B 518 -11.75 0.88 15.10
N LEU B 519 -10.67 0.18 14.80
CA LEU B 519 -10.73 -0.91 13.83
C LEU B 519 -11.32 -2.14 14.50
N VAL B 520 -12.37 -2.68 13.89
CA VAL B 520 -13.08 -3.85 14.42
C VAL B 520 -12.96 -4.97 13.39
N GLY B 521 -13.59 -6.11 13.66
CA GLY B 521 -13.57 -7.24 12.77
C GLY B 521 -12.64 -8.34 13.24
N GLU B 522 -12.29 -9.21 12.29
CA GLU B 522 -11.35 -10.28 12.59
C GLU B 522 -9.97 -9.73 12.96
N ARG B 523 -9.61 -8.58 12.40
CA ARG B 523 -8.26 -8.04 12.54
C ARG B 523 -8.09 -7.19 13.79
N GLY B 524 -9.10 -6.41 14.17
CA GLY B 524 -8.98 -5.44 15.23
C GLY B 524 -9.38 -5.97 16.59
N ALA B 525 -9.65 -5.05 17.50
CA ALA B 525 -9.97 -5.42 18.87
C ALA B 525 -11.28 -6.18 18.94
N GLN B 526 -11.31 -7.22 19.76
CA GLN B 526 -12.49 -8.04 19.92
C GLN B 526 -13.47 -7.36 20.86
N LEU B 527 -14.69 -7.16 20.40
CA LEU B 527 -15.78 -6.65 21.22
C LEU B 527 -16.63 -7.82 21.72
N SER B 528 -17.28 -7.60 22.85
CA SER B 528 -18.17 -8.61 23.38
C SER B 528 -19.38 -8.79 22.47
N GLY B 529 -20.14 -9.85 22.71
CA GLY B 529 -21.33 -10.09 21.92
C GLY B 529 -22.35 -8.98 22.04
N GLY B 530 -22.58 -8.51 23.27
CA GLY B 530 -23.53 -7.43 23.48
C GLY B 530 -23.12 -6.13 22.84
N GLN B 531 -21.82 -5.88 22.73
CA GLN B 531 -21.36 -4.65 22.09
C GLN B 531 -21.57 -4.69 20.59
N LYS B 532 -21.38 -5.85 19.98
CA LYS B 532 -21.58 -5.99 18.53
C LYS B 532 -23.04 -5.76 18.18
N GLN B 533 -23.95 -6.38 18.93
CA GLN B 533 -25.37 -6.27 18.61
C GLN B 533 -25.86 -4.82 18.71
N ARG B 534 -25.33 -4.04 19.65
CA ARG B 534 -25.73 -2.64 19.73
C ARG B 534 -25.25 -1.85 18.53
N ILE B 535 -24.10 -2.22 17.98
CA ILE B 535 -23.65 -1.59 16.73
C ILE B 535 -24.57 -1.98 15.58
N ALA B 536 -24.92 -3.27 15.50
CA ALA B 536 -25.84 -3.73 14.46
C ALA B 536 -27.17 -2.99 14.56
N ILE B 537 -27.61 -2.69 15.78
CA ILE B 537 -28.81 -1.87 15.96
C ILE B 537 -28.60 -0.49 15.37
N ALA B 538 -27.47 0.15 15.72
CA ALA B 538 -27.21 1.49 15.21
C ALA B 538 -27.06 1.49 13.70
N ARG B 539 -26.56 0.39 13.14
CA ARG B 539 -26.57 0.23 11.69
C ARG B 539 -28.01 0.21 11.18
N ALA B 540 -28.88 -0.56 11.82
CA ALA B 540 -30.29 -0.59 11.45
C ALA B 540 -30.95 0.75 11.73
N LEU B 541 -30.63 1.38 12.86
CA LEU B 541 -31.30 2.63 13.21
C LEU B 541 -30.93 3.76 12.26
N VAL B 542 -29.69 3.79 11.76
CA VAL B 542 -29.31 4.81 10.79
C VAL B 542 -30.11 4.61 9.50
N ARG B 543 -30.43 3.37 9.16
CA ARG B 543 -31.25 3.05 8.00
C ARG B 543 -32.64 3.66 8.10
N ASN B 544 -33.11 3.93 9.32
CA ASN B 544 -34.43 4.49 9.57
C ASN B 544 -35.55 3.68 8.91
N PRO B 545 -35.73 2.42 9.32
CA PRO B 545 -36.76 1.59 8.71
C PRO B 545 -38.13 1.85 9.31
N LYS B 546 -39.16 1.54 8.50
CA LYS B 546 -40.54 1.56 8.95
C LYS B 546 -40.98 0.22 9.52
N ILE B 547 -40.20 -0.84 9.33
CA ILE B 547 -40.48 -2.16 9.86
C ILE B 547 -39.19 -2.69 10.49
N LEU B 548 -39.33 -3.44 11.58
CA LEU B 548 -38.19 -3.93 12.35
C LEU B 548 -38.37 -5.42 12.62
N LEU B 549 -37.36 -6.21 12.27
CA LEU B 549 -37.38 -7.66 12.43
C LEU B 549 -36.26 -8.07 13.37
N LEU B 550 -36.60 -8.85 14.39
CA LEU B 550 -35.66 -9.27 15.43
C LEU B 550 -35.71 -10.79 15.49
N ASP B 551 -34.75 -11.44 14.84
CA ASP B 551 -34.70 -12.90 14.74
C ASP B 551 -33.79 -13.44 15.83
N GLN B 552 -34.37 -13.76 16.98
CA GLN B 552 -33.64 -14.28 18.12
C GLN B 552 -32.53 -13.31 18.53
N ALA B 553 -32.87 -12.02 18.57
CA ALA B 553 -31.87 -10.97 18.70
C ALA B 553 -31.04 -11.09 19.96
N THR B 554 -31.53 -11.79 20.98
CA THR B 554 -30.87 -11.88 22.28
C THR B 554 -30.70 -13.33 22.72
N SER B 555 -30.72 -14.29 21.80
CA SER B 555 -30.59 -15.69 22.17
C SER B 555 -29.19 -16.00 22.68
N ALA B 556 -28.16 -15.62 21.90
CA ALA B 556 -26.80 -15.95 22.24
C ALA B 556 -26.22 -15.06 23.33
N LEU B 557 -26.90 -13.98 23.69
CA LEU B 557 -26.40 -13.05 24.69
C LEU B 557 -26.86 -13.49 26.07
N ASP B 558 -26.07 -13.15 27.08
CA ASP B 558 -26.36 -13.56 28.45
C ASP B 558 -27.43 -12.65 29.05
N THR B 559 -27.80 -12.93 30.30
CA THR B 559 -28.90 -12.21 30.94
C THR B 559 -28.51 -10.77 31.26
N GLU B 560 -27.22 -10.49 31.50
CA GLU B 560 -26.79 -9.13 31.78
C GLU B 560 -26.74 -8.31 30.49
N SER B 561 -26.13 -8.87 29.44
CA SER B 561 -26.13 -8.19 28.15
C SER B 561 -27.53 -8.10 27.58
N GLU B 562 -28.41 -9.03 27.95
CA GLU B 562 -29.78 -9.01 27.46
C GLU B 562 -30.50 -7.75 27.94
N ALA B 563 -30.23 -7.34 29.18
CA ALA B 563 -30.97 -6.21 29.76
C ALA B 563 -30.67 -4.91 29.04
N VAL B 564 -29.39 -4.66 28.74
CA VAL B 564 -29.03 -3.42 28.05
C VAL B 564 -29.55 -3.40 26.63
N VAL B 565 -29.45 -4.54 25.93
CA VAL B 565 -29.93 -4.60 24.55
C VAL B 565 -31.45 -4.43 24.53
N GLN B 566 -32.15 -5.08 25.47
CA GLN B 566 -33.60 -4.98 25.51
C GLN B 566 -34.04 -3.53 25.68
N ALA B 567 -33.28 -2.74 26.44
CA ALA B 567 -33.56 -1.31 26.52
C ALA B 567 -33.31 -0.64 25.18
N ALA B 568 -32.30 -1.08 24.44
CA ALA B 568 -32.04 -0.50 23.12
C ALA B 568 -33.07 -0.95 22.11
N LEU B 569 -33.47 -2.23 22.16
CA LEU B 569 -34.51 -2.72 21.26
C LEU B 569 -35.85 -2.08 21.58
N ASP B 570 -36.20 -2.01 22.88
CA ASP B 570 -37.46 -1.37 23.28
C ASP B 570 -37.51 0.08 22.80
N LYS B 571 -36.37 0.77 22.79
CA LYS B 571 -36.34 2.11 22.21
C LYS B 571 -36.57 2.07 20.71
N ALA B 572 -35.97 1.10 20.02
CA ALA B 572 -36.10 1.02 18.56
C ALA B 572 -37.50 0.61 18.13
N ARG B 573 -38.26 -0.09 18.98
CA ARG B 573 -39.59 -0.53 18.65
C ARG B 573 -40.66 0.55 18.83
N GLU B 574 -40.36 1.62 19.55
CA GLU B 574 -41.40 2.49 20.07
C GLU B 574 -42.21 3.21 19.00
N GLY B 575 -41.70 3.31 17.77
CA GLY B 575 -42.43 3.97 16.69
C GLY B 575 -42.37 3.25 15.36
N ARG B 576 -42.07 1.95 15.40
CA ARG B 576 -41.96 1.13 14.20
C ARG B 576 -42.79 -0.13 14.38
N THR B 577 -43.42 -0.57 13.29
CA THR B 577 -44.02 -1.89 13.29
C THR B 577 -42.93 -2.92 13.46
N THR B 578 -43.15 -3.89 14.34
CA THR B 578 -42.12 -4.82 14.73
C THR B 578 -42.65 -6.24 14.80
N ILE B 579 -41.84 -7.17 14.32
CA ILE B 579 -42.02 -8.60 14.56
C ILE B 579 -40.73 -9.09 15.21
N VAL B 580 -40.87 -9.79 16.35
CA VAL B 580 -39.73 -10.29 17.11
C VAL B 580 -39.90 -11.78 17.29
N ILE B 581 -38.85 -12.54 16.92
CA ILE B 581 -38.75 -13.96 17.22
C ILE B 581 -38.19 -14.09 18.63
N ALA B 582 -39.05 -14.40 19.59
CA ALA B 582 -38.71 -14.38 21.00
C ALA B 582 -38.51 -15.80 21.49
N HIS B 583 -37.34 -16.09 22.04
CA HIS B 583 -37.14 -17.27 22.88
C HIS B 583 -37.07 -16.95 24.36
N ARG B 584 -37.01 -15.68 24.75
CA ARG B 584 -36.81 -15.28 26.13
C ARG B 584 -38.07 -14.64 26.70
N LEU B 585 -38.34 -14.92 27.97
CA LEU B 585 -39.63 -14.52 28.54
C LEU B 585 -39.71 -13.01 28.75
N SER B 586 -38.56 -12.34 28.94
CA SER B 586 -38.58 -10.90 29.16
C SER B 586 -38.95 -10.15 27.89
N THR B 587 -38.57 -10.68 26.72
CA THR B 587 -38.88 -10.03 25.46
C THR B 587 -40.37 -10.03 25.16
N VAL B 588 -41.12 -10.98 25.71
CA VAL B 588 -42.53 -11.14 25.37
C VAL B 588 -43.47 -10.43 26.33
N ARG B 589 -43.03 -10.18 27.57
CA ARG B 589 -43.93 -9.55 28.54
C ARG B 589 -44.29 -8.13 28.11
N ASN B 590 -43.31 -7.38 27.62
CA ASN B 590 -43.54 -6.01 27.17
C ASN B 590 -44.12 -5.95 25.77
N ALA B 591 -44.34 -7.07 25.11
CA ALA B 591 -44.89 -7.06 23.77
C ALA B 591 -46.37 -6.69 23.80
N ASP B 592 -46.85 -6.20 22.65
CA ASP B 592 -48.25 -5.82 22.54
C ASP B 592 -49.15 -7.03 22.31
N VAL B 593 -48.63 -8.07 21.66
CA VAL B 593 -49.41 -9.24 21.31
C VAL B 593 -48.45 -10.40 21.09
N ILE B 594 -48.91 -11.60 21.43
CA ILE B 594 -48.14 -12.83 21.31
C ILE B 594 -48.84 -13.71 20.29
N ALA B 595 -48.05 -14.49 19.55
CA ALA B 595 -48.56 -15.49 18.62
C ALA B 595 -47.80 -16.79 18.85
N GLY B 596 -48.54 -17.87 19.07
CA GLY B 596 -47.95 -19.17 19.32
C GLY B 596 -48.04 -20.07 18.10
N PHE B 597 -46.89 -20.60 17.71
CA PHE B 597 -46.76 -21.41 16.50
C PHE B 597 -46.64 -22.88 16.86
N ASP B 598 -47.34 -23.72 16.10
CA ASP B 598 -47.19 -25.18 16.22
C ASP B 598 -47.38 -25.78 14.84
N GLY B 599 -46.28 -26.25 14.24
CA GLY B 599 -46.33 -26.87 12.93
C GLY B 599 -46.82 -25.93 11.84
N GLY B 600 -46.24 -24.73 11.78
CA GLY B 600 -46.59 -23.78 10.74
C GLY B 600 -47.95 -23.12 10.88
N VAL B 601 -48.68 -23.39 11.96
CA VAL B 601 -50.00 -22.83 12.18
C VAL B 601 -49.95 -21.98 13.44
N ILE B 602 -50.69 -20.88 13.46
CA ILE B 602 -50.93 -20.13 14.67
C ILE B 602 -52.11 -20.77 15.39
N VAL B 603 -51.86 -21.29 16.58
CA VAL B 603 -52.89 -21.96 17.38
C VAL B 603 -53.57 -20.97 18.32
N GLU B 604 -52.88 -19.93 18.75
CA GLU B 604 -53.35 -19.05 19.81
C GLU B 604 -52.67 -17.70 19.66
N GLN B 605 -53.41 -16.64 19.98
CA GLN B 605 -52.93 -15.28 19.77
C GLN B 605 -53.62 -14.35 20.77
N GLY B 606 -52.84 -13.50 21.41
CA GLY B 606 -53.41 -12.57 22.37
C GLY B 606 -52.34 -11.95 23.26
N ASN B 607 -52.83 -11.20 24.25
CA ASN B 607 -51.97 -10.51 25.20
C ASN B 607 -51.29 -11.52 26.14
N HIS B 608 -50.25 -11.03 26.82
CA HIS B 608 -49.51 -11.85 27.79
C HIS B 608 -50.43 -12.52 28.81
N ASP B 609 -51.33 -11.75 29.41
CA ASP B 609 -52.22 -12.30 30.43
C ASP B 609 -53.16 -13.35 29.86
N GLU B 610 -53.56 -13.20 28.60
CA GLU B 610 -54.53 -14.13 28.01
C GLU B 610 -53.91 -15.52 27.82
N LEU B 611 -52.70 -15.58 27.27
CA LEU B 611 -52.09 -16.87 26.96
C LEU B 611 -51.73 -17.65 28.22
N MET B 612 -51.40 -16.96 29.32
CA MET B 612 -51.10 -17.66 30.55
C MET B 612 -52.33 -18.37 31.11
N ARG B 613 -53.52 -17.77 30.98
CA ARG B 613 -54.73 -18.45 31.46
C ARG B 613 -55.05 -19.66 30.60
N GLU B 614 -54.81 -19.55 29.28
CA GLU B 614 -55.16 -20.65 28.37
C GLU B 614 -54.42 -21.93 28.71
N LYS B 615 -53.26 -21.84 29.36
CA LYS B 615 -52.45 -23.02 29.69
C LYS B 615 -52.07 -23.79 28.43
N GLY B 616 -51.80 -23.07 27.36
CA GLY B 616 -51.42 -23.65 26.08
C GLY B 616 -49.92 -23.72 25.91
N ILE B 617 -49.46 -23.38 24.70
CA ILE B 617 -48.04 -23.48 24.38
C ILE B 617 -47.26 -22.45 25.17
N TYR B 618 -47.72 -21.20 25.14
CA TYR B 618 -46.96 -20.10 25.74
C TYR B 618 -46.80 -20.29 27.24
N PHE B 619 -47.82 -20.83 27.91
CA PHE B 619 -47.73 -21.06 29.34
C PHE B 619 -46.64 -22.08 29.67
N LYS B 620 -46.46 -23.09 28.81
CA LYS B 620 -45.40 -24.07 29.03
C LYS B 620 -44.02 -23.43 28.91
N LEU B 621 -43.84 -22.53 27.96
CA LEU B 621 -42.54 -21.89 27.78
C LEU B 621 -42.17 -21.01 28.96
N VAL B 622 -43.12 -20.22 29.46
CA VAL B 622 -42.82 -19.26 30.51
C VAL B 622 -42.40 -19.98 31.79
N MET B 623 -43.10 -21.06 32.13
CA MET B 623 -42.84 -21.73 33.40
C MET B 623 -41.55 -22.55 33.36
N THR B 624 -41.25 -23.15 32.20
CA THR B 624 -40.01 -23.91 32.07
C THR B 624 -38.79 -23.02 32.11
N GLN B 625 -38.85 -21.86 31.44
CA GLN B 625 -37.72 -20.93 31.46
C GLN B 625 -37.56 -20.20 32.80
N THR B 626 -38.58 -20.23 33.66
CA THR B 626 -38.53 -19.54 34.95
C THR B 626 -38.36 -18.03 34.72
N ASP B 653 3.11 -24.42 5.16
CA ASP B 653 4.18 -25.04 5.92
C ASP B 653 5.50 -24.90 5.17
N VAL B 654 6.57 -24.62 5.92
CA VAL B 654 7.90 -24.40 5.34
C VAL B 654 8.97 -24.97 6.27
N PRO B 655 9.03 -26.29 6.47
CA PRO B 655 10.05 -26.86 7.36
C PRO B 655 11.30 -27.22 6.57
N PRO B 656 12.48 -27.30 7.22
CA PRO B 656 13.69 -27.66 6.49
C PRO B 656 14.00 -29.15 6.55
N ALA B 657 14.19 -29.76 5.39
CA ALA B 657 14.65 -31.14 5.29
C ALA B 657 15.83 -31.17 4.32
N SER B 658 16.84 -31.99 4.64
CA SER B 658 18.04 -32.07 3.84
C SER B 658 17.95 -33.22 2.84
N PHE B 659 18.76 -33.12 1.78
CA PHE B 659 18.80 -34.19 0.78
C PHE B 659 19.46 -35.45 1.34
N TRP B 660 20.49 -35.28 2.18
CA TRP B 660 21.13 -36.44 2.78
C TRP B 660 20.24 -37.10 3.82
N ARG B 661 19.41 -36.30 4.52
CA ARG B 661 18.49 -36.88 5.48
C ARG B 661 17.48 -37.78 4.77
N ILE B 662 16.91 -37.32 3.66
CA ILE B 662 15.93 -38.10 2.93
C ILE B 662 16.58 -39.36 2.36
N LEU B 663 17.78 -39.20 1.78
CA LEU B 663 18.47 -40.34 1.16
C LEU B 663 18.76 -41.45 2.17
N LYS B 664 18.96 -41.09 3.44
CA LYS B 664 19.21 -42.10 4.46
C LYS B 664 18.01 -43.01 4.66
N LEU B 665 16.79 -42.55 4.33
CA LEU B 665 15.61 -43.37 4.52
C LEU B 665 15.64 -44.62 3.65
N ASN B 666 16.31 -44.55 2.50
CA ASN B 666 16.46 -45.68 1.58
C ASN B 666 17.78 -46.40 1.77
N SER B 667 18.46 -46.18 2.89
CA SER B 667 19.78 -46.78 3.09
C SER B 667 19.69 -48.29 3.27
N THR B 668 18.57 -48.79 3.80
CA THR B 668 18.40 -50.23 4.01
C THR B 668 18.30 -51.01 2.71
N GLU B 669 18.19 -50.34 1.56
CA GLU B 669 18.23 -50.98 0.26
C GLU B 669 19.40 -50.43 -0.54
N TRP B 670 20.59 -50.40 0.06
CA TRP B 670 21.77 -49.92 -0.66
C TRP B 670 22.15 -50.76 -1.88
N PRO B 671 21.95 -52.09 -1.94
CA PRO B 671 22.35 -52.81 -3.17
C PRO B 671 21.58 -52.36 -4.40
N TYR B 672 20.29 -52.04 -4.26
CA TYR B 672 19.53 -51.51 -5.38
C TYR B 672 20.13 -50.19 -5.86
N PHE B 673 20.75 -49.42 -4.96
CA PHE B 673 21.31 -48.13 -5.33
C PHE B 673 22.61 -48.27 -6.11
N VAL B 674 23.42 -49.28 -5.81
CA VAL B 674 24.70 -49.44 -6.50
C VAL B 674 24.46 -49.74 -7.97
N VAL B 675 23.57 -50.70 -8.26
CA VAL B 675 23.29 -51.08 -9.64
C VAL B 675 22.69 -49.90 -10.39
N GLY B 676 21.70 -49.25 -9.79
CA GLY B 676 21.08 -48.10 -10.44
C GLY B 676 22.06 -46.99 -10.72
N ILE B 677 23.10 -46.86 -9.90
CA ILE B 677 24.15 -45.88 -10.16
C ILE B 677 24.94 -46.27 -11.40
N PHE B 678 25.46 -47.50 -11.43
CA PHE B 678 26.16 -47.97 -12.63
C PHE B 678 25.26 -47.91 -13.85
N CYS B 679 24.01 -48.37 -13.70
CA CYS B 679 23.08 -48.36 -14.81
C CYS B 679 22.74 -46.95 -15.26
N ALA B 680 22.61 -46.02 -14.31
CA ALA B 680 22.32 -44.63 -14.69
C ALA B 680 23.47 -44.00 -15.45
N ILE B 681 24.70 -44.44 -15.19
CA ILE B 681 25.85 -43.90 -15.91
C ILE B 681 25.81 -44.34 -17.37
N ILE B 682 25.50 -45.61 -17.60
CA ILE B 682 25.50 -46.14 -18.97
C ILE B 682 24.50 -45.39 -19.83
N ASN B 683 23.25 -45.29 -19.35
CA ASN B 683 22.23 -44.56 -20.10
C ASN B 683 22.63 -43.10 -20.31
N GLY B 684 23.37 -42.53 -19.36
CA GLY B 684 23.93 -41.21 -19.56
C GLY B 684 25.06 -41.16 -20.57
N GLY B 685 25.75 -42.29 -20.79
CA GLY B 685 26.84 -42.33 -21.75
C GLY B 685 26.42 -42.55 -23.18
N LEU B 686 25.17 -43.01 -23.41
CA LEU B 686 24.72 -43.29 -24.77
C LEU B 686 24.54 -42.01 -25.58
N GLN B 687 24.22 -40.90 -24.93
CA GLN B 687 24.00 -39.65 -25.65
C GLN B 687 25.26 -39.14 -26.36
N PRO B 688 26.40 -38.98 -25.69
CA PRO B 688 27.61 -38.58 -26.44
C PRO B 688 28.08 -39.63 -27.42
N ALA B 689 27.81 -40.92 -27.16
CA ALA B 689 28.11 -41.94 -28.17
C ALA B 689 27.34 -41.67 -29.45
N PHE B 690 26.06 -41.31 -29.32
CA PHE B 690 25.26 -40.96 -30.49
C PHE B 690 25.84 -39.75 -31.21
N SER B 691 26.36 -38.79 -30.44
CA SER B 691 26.93 -37.59 -31.05
C SER B 691 28.14 -37.94 -31.91
N VAL B 692 28.92 -38.94 -31.52
CA VAL B 692 30.01 -39.41 -32.36
C VAL B 692 29.46 -40.04 -33.62
N ILE B 693 28.55 -41.01 -33.47
CA ILE B 693 28.09 -41.81 -34.61
C ILE B 693 27.39 -40.92 -35.63
N PHE B 694 26.64 -39.92 -35.16
CA PHE B 694 26.03 -38.99 -36.10
C PHE B 694 27.08 -38.20 -36.87
N SER B 695 28.12 -37.75 -36.17
CA SER B 695 29.20 -37.02 -36.86
C SER B 695 30.02 -37.96 -37.73
N LYS B 696 30.32 -39.17 -37.23
CA LYS B 696 31.10 -40.12 -38.02
C LYS B 696 30.36 -40.52 -39.30
N VAL B 697 29.03 -40.58 -39.26
CA VAL B 697 28.25 -40.81 -40.47
C VAL B 697 28.53 -39.71 -41.49
N VAL B 698 28.16 -38.48 -41.15
CA VAL B 698 28.31 -37.38 -42.08
C VAL B 698 29.76 -37.11 -42.40
N GLY B 699 30.67 -37.49 -41.48
CA GLY B 699 32.09 -37.37 -41.77
C GLY B 699 32.48 -38.10 -43.04
N VAL B 700 31.85 -39.25 -43.29
CA VAL B 700 32.10 -40.00 -44.52
C VAL B 700 31.87 -39.11 -45.74
N PHE B 701 30.69 -38.50 -45.81
CA PHE B 701 30.29 -37.73 -46.98
C PHE B 701 30.71 -36.26 -46.88
N THR B 702 31.52 -35.90 -45.88
CA THR B 702 32.00 -34.54 -45.71
C THR B 702 33.49 -34.44 -45.46
N ASN B 703 34.22 -35.57 -45.40
CA ASN B 703 35.68 -35.56 -45.35
C ASN B 703 36.34 -36.15 -46.57
N GLY B 704 35.71 -37.13 -47.24
CA GLY B 704 36.25 -37.70 -48.46
C GLY B 704 36.32 -39.22 -48.47
N GLY B 705 36.01 -39.82 -49.63
CA GLY B 705 36.15 -41.24 -49.81
C GLY B 705 35.57 -41.71 -51.15
N PRO B 706 35.90 -42.94 -51.56
CA PRO B 706 35.33 -43.46 -52.80
C PRO B 706 33.93 -44.01 -52.54
N PRO B 707 32.98 -43.83 -53.46
CA PRO B 707 31.60 -44.31 -53.19
C PRO B 707 31.47 -45.82 -53.04
N GLU B 708 32.50 -46.60 -53.39
CA GLU B 708 32.42 -48.04 -53.15
C GLU B 708 32.48 -48.36 -51.66
N THR B 709 33.19 -47.54 -50.88
CA THR B 709 33.37 -47.77 -49.45
C THR B 709 32.41 -46.95 -48.60
N GLN B 710 31.69 -46.00 -49.19
CA GLN B 710 30.74 -45.19 -48.44
C GLN B 710 29.57 -46.02 -47.93
N ARG B 711 29.37 -47.22 -48.47
CA ARG B 711 28.30 -48.10 -47.99
C ARG B 711 28.72 -48.77 -46.69
N GLN B 712 29.88 -49.43 -46.68
CA GLN B 712 30.29 -50.20 -45.51
C GLN B 712 30.60 -49.29 -44.33
N ASN B 713 31.20 -48.12 -44.59
CA ASN B 713 31.38 -47.14 -43.54
C ASN B 713 30.04 -46.66 -43.00
N SER B 714 29.14 -46.28 -43.91
CA SER B 714 27.82 -45.80 -43.49
C SER B 714 27.05 -46.91 -42.79
N ASN B 715 26.99 -48.10 -43.41
CA ASN B 715 26.22 -49.20 -42.84
C ASN B 715 26.72 -49.58 -41.45
N LEU B 716 28.03 -49.49 -41.22
CA LEU B 716 28.56 -49.72 -39.88
C LEU B 716 28.01 -48.71 -38.89
N PHE B 717 28.30 -47.43 -39.12
CA PHE B 717 27.81 -46.37 -38.23
C PHE B 717 26.28 -46.35 -38.17
N SER B 718 25.62 -46.73 -39.26
CA SER B 718 24.16 -46.71 -39.27
C SER B 718 23.58 -47.74 -38.31
N LEU B 719 24.15 -48.95 -38.29
CA LEU B 719 23.69 -49.97 -37.36
C LEU B 719 24.23 -49.79 -35.95
N LEU B 720 25.22 -48.93 -35.75
CA LEU B 720 25.65 -48.62 -34.39
C LEU B 720 24.60 -47.82 -33.63
N PHE B 721 23.65 -47.18 -34.32
CA PHE B 721 22.52 -46.58 -33.62
C PHE B 721 21.69 -47.65 -32.92
N LEU B 722 21.46 -48.79 -33.60
CA LEU B 722 20.73 -49.88 -32.96
C LEU B 722 21.48 -50.48 -31.78
N ILE B 723 22.82 -50.50 -31.84
CA ILE B 723 23.60 -50.90 -30.68
C ILE B 723 23.27 -49.99 -29.50
N LEU B 724 23.29 -48.67 -29.74
CA LEU B 724 22.86 -47.73 -28.73
C LEU B 724 21.41 -47.96 -28.32
N GLY B 725 20.56 -48.33 -29.27
CA GLY B 725 19.16 -48.54 -28.97
C GLY B 725 18.94 -49.69 -28.01
N ILE B 726 19.66 -50.81 -28.21
CA ILE B 726 19.55 -51.94 -27.30
C ILE B 726 19.96 -51.52 -25.89
N ILE B 727 21.21 -51.09 -25.74
CA ILE B 727 21.77 -50.78 -24.42
C ILE B 727 20.94 -49.70 -23.72
N SER B 728 20.32 -48.81 -24.49
CA SER B 728 19.32 -47.91 -23.91
C SER B 728 18.16 -48.71 -23.34
N PHE B 729 17.67 -49.70 -24.09
CA PHE B 729 16.54 -50.50 -23.62
C PHE B 729 16.92 -51.36 -22.43
N ILE B 730 18.16 -51.85 -22.38
CA ILE B 730 18.60 -52.64 -21.23
C ILE B 730 18.65 -51.75 -19.99
N THR B 731 19.29 -50.59 -20.12
CA THR B 731 19.44 -49.70 -18.97
C THR B 731 18.11 -49.20 -18.45
N PHE B 732 17.10 -49.07 -19.33
CA PHE B 732 15.76 -48.75 -18.85
C PHE B 732 15.12 -49.95 -18.16
N PHE B 733 15.34 -51.15 -18.69
CA PHE B 733 14.84 -52.35 -18.05
C PHE B 733 15.47 -52.56 -16.67
N LEU B 734 16.69 -52.06 -16.46
CA LEU B 734 17.35 -52.18 -15.16
C LEU B 734 17.15 -50.95 -14.28
N GLN B 735 17.01 -49.76 -14.88
CA GLN B 735 16.76 -48.54 -14.10
C GLN B 735 15.47 -48.68 -13.31
N GLY B 736 14.41 -49.16 -13.96
CA GLY B 736 13.14 -49.38 -13.28
C GLY B 736 13.03 -50.68 -12.54
N PHE B 737 14.10 -51.48 -12.49
CA PHE B 737 14.14 -52.71 -11.71
C PHE B 737 14.84 -52.53 -10.37
N THR B 738 15.76 -51.56 -10.27
CA THR B 738 16.54 -51.33 -9.06
C THR B 738 16.07 -50.07 -8.33
N PHE B 739 16.19 -48.90 -8.96
CA PHE B 739 15.62 -47.70 -8.37
C PHE B 739 14.10 -47.75 -8.31
N GLY B 740 13.47 -48.54 -9.17
CA GLY B 740 12.03 -48.73 -9.13
C GLY B 740 11.61 -49.43 -7.86
N LYS B 741 12.17 -50.62 -7.61
CA LYS B 741 11.89 -51.34 -6.38
C LYS B 741 12.32 -50.54 -5.16
N ALA B 742 13.43 -49.80 -5.27
CA ALA B 742 13.94 -49.05 -4.13
C ALA B 742 12.95 -47.99 -3.65
N GLY B 743 12.17 -47.41 -4.55
CA GLY B 743 11.20 -46.40 -4.19
C GLY B 743 9.89 -46.98 -3.68
N GLU B 744 9.45 -48.09 -4.28
CA GLU B 744 8.18 -48.70 -3.88
C GLU B 744 8.33 -49.49 -2.59
N ILE B 745 9.54 -49.98 -2.29
CA ILE B 745 9.81 -50.48 -0.94
C ILE B 745 9.71 -49.35 0.06
N LEU B 746 10.35 -48.22 -0.25
CA LEU B 746 10.41 -47.11 0.68
C LEU B 746 9.02 -46.59 1.02
N THR B 747 8.11 -46.62 0.05
CA THR B 747 6.73 -46.20 0.32
C THR B 747 6.10 -47.09 1.37
N LYS B 748 6.17 -48.41 1.18
CA LYS B 748 5.54 -49.33 2.11
C LYS B 748 6.16 -49.22 3.50
N ARG B 749 7.49 -49.11 3.57
CA ARG B 749 8.15 -49.03 4.87
C ARG B 749 7.86 -47.71 5.57
N LEU B 750 7.69 -46.62 4.82
CA LEU B 750 7.40 -45.33 5.44
C LEU B 750 5.94 -45.24 5.87
N ARG B 751 5.02 -45.80 5.09
CA ARG B 751 3.63 -45.87 5.51
C ARG B 751 3.49 -46.66 6.82
N TYR B 752 4.36 -47.64 7.03
CA TYR B 752 4.35 -48.39 8.29
C TYR B 752 4.94 -47.55 9.43
N MET B 753 6.09 -46.92 9.19
CA MET B 753 6.73 -46.11 10.23
C MET B 753 5.84 -44.95 10.64
N VAL B 754 5.18 -44.32 9.66
CA VAL B 754 4.30 -43.19 9.96
C VAL B 754 3.13 -43.65 10.84
N PHE B 755 2.37 -44.63 10.36
CA PHE B 755 1.19 -45.09 11.09
C PHE B 755 1.56 -45.65 12.45
N LYS B 756 2.78 -46.15 12.62
CA LYS B 756 3.28 -46.45 13.95
C LYS B 756 3.43 -45.17 14.76
N SER B 757 4.13 -44.17 14.21
CA SER B 757 4.37 -42.94 14.95
C SER B 757 3.09 -42.16 15.22
N MET B 758 2.11 -42.26 14.32
CA MET B 758 0.84 -41.54 14.53
C MET B 758 0.15 -42.02 15.79
N LEU B 759 0.01 -43.34 15.96
CA LEU B 759 -0.65 -43.89 17.13
C LEU B 759 0.16 -43.67 18.40
N ARG B 760 1.46 -43.41 18.28
CA ARG B 760 2.25 -43.06 19.45
C ARG B 760 1.83 -41.71 20.02
N GLN B 761 1.37 -40.79 19.17
CA GLN B 761 1.06 -39.44 19.60
C GLN B 761 -0.10 -39.45 20.59
N ASP B 762 -0.14 -38.42 21.43
CA ASP B 762 -1.20 -38.25 22.41
C ASP B 762 -2.34 -37.42 21.81
N VAL B 763 -3.43 -37.31 22.57
CA VAL B 763 -4.68 -36.80 22.03
C VAL B 763 -4.56 -35.33 21.64
N SER B 764 -3.69 -34.57 22.32
CA SER B 764 -3.52 -33.17 21.97
C SER B 764 -3.01 -33.00 20.54
N TRP B 765 -2.34 -34.02 20.00
CA TRP B 765 -1.90 -33.99 18.62
C TRP B 765 -3.09 -34.19 17.67
N PHE B 766 -3.93 -35.19 17.94
CA PHE B 766 -5.11 -35.41 17.12
C PHE B 766 -6.15 -34.31 17.28
N ASP B 767 -6.06 -33.51 18.34
CA ASP B 767 -6.93 -32.36 18.51
C ASP B 767 -6.49 -31.16 17.66
N ASP B 768 -5.31 -31.22 17.05
CA ASP B 768 -4.79 -30.07 16.32
C ASP B 768 -5.65 -29.82 15.07
N PRO B 769 -5.75 -28.56 14.60
CA PRO B 769 -6.49 -28.33 13.36
C PRO B 769 -5.79 -28.86 12.11
N LYS B 770 -4.45 -28.96 12.11
CA LYS B 770 -3.75 -29.45 10.94
C LYS B 770 -3.86 -30.96 10.78
N ASN B 771 -3.96 -31.69 11.90
CA ASN B 771 -3.90 -33.15 11.89
C ASN B 771 -5.29 -33.76 11.92
N THR B 772 -6.09 -33.37 10.92
CA THR B 772 -7.44 -33.92 10.78
C THR B 772 -7.37 -35.30 10.15
N THR B 773 -8.39 -36.12 10.43
CA THR B 773 -8.38 -37.53 10.02
C THR B 773 -8.25 -37.68 8.51
N GLY B 774 -8.73 -36.71 7.74
CA GLY B 774 -8.59 -36.75 6.30
C GLY B 774 -7.22 -36.29 5.86
N ALA B 775 -6.74 -35.19 6.44
CA ALA B 775 -5.40 -34.69 6.11
C ALA B 775 -4.29 -35.63 6.55
N LEU B 776 -4.58 -36.55 7.47
CA LEU B 776 -3.60 -37.57 7.84
C LEU B 776 -3.60 -38.72 6.84
N THR B 777 -4.79 -39.12 6.38
CA THR B 777 -4.86 -40.14 5.33
C THR B 777 -4.19 -39.64 4.04
N THR B 778 -4.43 -38.38 3.69
CA THR B 778 -3.69 -37.79 2.57
C THR B 778 -2.20 -37.82 2.82
N ARG B 779 -1.77 -37.32 3.99
CA ARG B 779 -0.36 -37.30 4.31
C ARG B 779 0.21 -38.72 4.40
N LEU B 780 -0.62 -39.69 4.74
CA LEU B 780 -0.21 -41.09 4.82
C LEU B 780 -0.30 -41.83 3.50
N ALA B 781 -1.11 -41.35 2.55
CA ALA B 781 -1.37 -42.07 1.31
C ALA B 781 -0.38 -41.67 0.21
N ASN B 782 -0.52 -40.46 -0.32
CA ASN B 782 0.29 -40.03 -1.45
C ASN B 782 1.61 -39.40 -1.02
N ASP B 783 1.61 -38.62 0.07
CA ASP B 783 2.86 -38.02 0.53
C ASP B 783 3.86 -39.08 0.94
N ALA B 784 3.39 -40.21 1.46
CA ALA B 784 4.29 -41.31 1.79
C ALA B 784 4.95 -41.90 0.54
N ALA B 785 4.26 -41.81 -0.60
CA ALA B 785 4.78 -42.35 -1.85
C ALA B 785 5.60 -41.36 -2.65
N GLN B 786 5.31 -40.06 -2.55
CA GLN B 786 6.01 -39.06 -3.35
C GLN B 786 7.47 -38.89 -2.95
N VAL B 787 7.90 -39.47 -1.82
CA VAL B 787 9.29 -39.37 -1.39
C VAL B 787 10.24 -39.95 -2.42
N LYS B 788 9.82 -41.02 -3.11
CA LYS B 788 10.72 -41.78 -3.98
C LYS B 788 11.29 -40.93 -5.10
N GLY B 789 10.66 -39.83 -5.46
CA GLY B 789 11.21 -38.90 -6.41
C GLY B 789 12.36 -38.05 -5.91
N ALA B 790 12.78 -38.23 -4.65
CA ALA B 790 13.91 -37.49 -4.07
C ALA B 790 14.96 -38.41 -3.47
N THR B 791 14.95 -39.70 -3.81
CA THR B 791 15.90 -40.67 -3.28
C THR B 791 16.69 -41.30 -4.42
N GLY B 792 16.15 -42.38 -5.01
CA GLY B 792 16.85 -43.05 -6.08
C GLY B 792 16.62 -42.40 -7.43
N SER B 793 15.43 -41.84 -7.65
CA SER B 793 15.16 -41.10 -8.87
C SER B 793 16.10 -39.91 -9.01
N ARG B 794 16.44 -39.27 -7.89
CA ARG B 794 17.32 -38.11 -7.95
C ARG B 794 18.76 -38.51 -8.24
N LEU B 795 19.16 -39.73 -7.84
CA LEU B 795 20.49 -40.20 -8.20
C LEU B 795 20.55 -40.66 -9.65
N ALA B 796 19.47 -41.26 -10.16
CA ALA B 796 19.41 -41.63 -11.57
C ALA B 796 19.58 -40.39 -12.44
N VAL B 797 18.96 -39.27 -12.04
CA VAL B 797 19.14 -38.01 -12.76
C VAL B 797 20.61 -37.59 -12.72
N ILE B 798 21.15 -37.44 -11.52
CA ILE B 798 22.45 -36.78 -11.35
C ILE B 798 23.55 -37.60 -12.00
N PHE B 799 23.51 -38.93 -11.83
CA PHE B 799 24.53 -39.77 -12.46
C PHE B 799 24.35 -39.82 -13.97
N GLN B 800 23.11 -39.76 -14.46
CA GLN B 800 22.88 -39.69 -15.89
C GLN B 800 23.36 -38.35 -16.46
N ASN B 801 23.02 -37.25 -15.79
CA ASN B 801 23.42 -35.94 -16.27
C ASN B 801 24.94 -35.76 -16.23
N ILE B 802 25.59 -36.24 -15.17
CA ILE B 802 27.04 -36.15 -15.09
C ILE B 802 27.67 -36.99 -16.20
N ALA B 803 27.28 -38.27 -16.29
CA ALA B 803 27.87 -39.18 -17.27
C ALA B 803 27.65 -38.72 -18.70
N ASN B 804 26.64 -37.88 -18.94
CA ASN B 804 26.36 -37.35 -20.27
C ASN B 804 27.22 -36.12 -20.54
N LEU B 805 26.94 -35.02 -19.84
CA LEU B 805 27.68 -33.79 -20.08
C LEU B 805 29.16 -33.92 -19.73
N GLY B 806 29.52 -34.87 -18.86
CA GLY B 806 30.90 -35.08 -18.50
C GLY B 806 31.72 -35.68 -19.63
N THR B 807 31.32 -36.86 -20.11
CA THR B 807 32.03 -37.49 -21.21
C THR B 807 31.84 -36.71 -22.50
N GLY B 808 30.75 -35.95 -22.63
CA GLY B 808 30.59 -35.09 -23.79
C GLY B 808 31.59 -33.95 -23.79
N ILE B 809 31.86 -33.37 -22.62
CA ILE B 809 32.91 -32.37 -22.49
C ILE B 809 34.25 -32.97 -22.90
N ILE B 810 34.55 -34.16 -22.39
CA ILE B 810 35.82 -34.82 -22.65
C ILE B 810 36.03 -35.01 -24.15
N ILE B 811 35.06 -35.64 -24.81
CA ILE B 811 35.16 -35.94 -26.24
C ILE B 811 35.34 -34.64 -27.03
N SER B 812 34.50 -33.65 -26.75
CA SER B 812 34.53 -32.41 -27.52
C SER B 812 35.87 -31.69 -27.37
N LEU B 813 36.50 -31.80 -26.20
CA LEU B 813 37.78 -31.14 -26.00
C LEU B 813 38.87 -31.75 -26.87
N ILE B 814 38.93 -33.07 -26.98
CA ILE B 814 40.04 -33.72 -27.67
C ILE B 814 39.89 -33.62 -29.19
N TYR B 815 38.68 -33.79 -29.71
CA TYR B 815 38.45 -33.69 -31.14
C TYR B 815 38.43 -32.24 -31.62
N GLY B 816 38.22 -31.29 -30.71
CA GLY B 816 38.25 -29.87 -31.06
C GLY B 816 38.24 -28.99 -29.84
N TRP B 817 39.43 -28.63 -29.37
CA TRP B 817 39.57 -27.91 -28.11
C TRP B 817 39.16 -26.44 -28.21
N GLN B 818 39.28 -25.84 -29.40
CA GLN B 818 39.00 -24.41 -29.52
C GLN B 818 37.50 -24.14 -29.54
N LEU B 819 36.73 -24.96 -30.25
CA LEU B 819 35.29 -24.75 -30.33
C LEU B 819 34.62 -25.07 -29.00
N THR B 820 35.20 -25.99 -28.22
CA THR B 820 34.56 -26.44 -26.99
C THR B 820 34.54 -25.35 -25.93
N LEU B 821 35.64 -24.59 -25.82
CA LEU B 821 35.70 -23.50 -24.85
C LEU B 821 34.65 -22.42 -25.11
N LEU B 822 34.19 -22.29 -26.36
CA LEU B 822 33.06 -21.41 -26.64
C LEU B 822 31.77 -21.99 -26.10
N LEU B 823 31.51 -23.27 -26.37
CA LEU B 823 30.21 -23.86 -26.04
C LEU B 823 30.03 -23.97 -24.54
N LEU B 824 31.06 -24.47 -23.82
CA LEU B 824 30.96 -24.50 -22.36
C LEU B 824 31.05 -23.11 -21.74
N ALA B 825 31.35 -22.08 -22.52
CA ALA B 825 31.20 -20.70 -22.09
C ALA B 825 29.82 -20.14 -22.38
N ILE B 826 29.12 -20.68 -23.38
CA ILE B 826 27.78 -20.23 -23.72
C ILE B 826 26.71 -20.99 -22.93
N VAL B 827 26.94 -22.29 -22.68
CA VAL B 827 26.02 -23.08 -21.87
C VAL B 827 25.74 -22.41 -20.53
N PRO B 828 26.73 -21.97 -19.74
CA PRO B 828 26.44 -21.16 -18.55
C PRO B 828 25.56 -19.96 -18.83
N ILE B 829 25.72 -19.32 -19.99
CA ILE B 829 24.92 -18.14 -20.29
C ILE B 829 23.47 -18.54 -20.54
N ILE B 830 23.26 -19.63 -21.29
CA ILE B 830 21.90 -20.08 -21.56
C ILE B 830 21.34 -20.84 -20.36
N ALA B 831 22.20 -21.50 -19.58
CA ALA B 831 21.72 -22.22 -18.41
C ALA B 831 21.19 -21.28 -17.34
N ILE B 832 21.91 -20.17 -17.08
CA ILE B 832 21.40 -19.21 -16.10
C ILE B 832 20.12 -18.55 -16.62
N ALA B 833 20.08 -18.23 -17.91
CA ALA B 833 18.89 -17.60 -18.47
C ALA B 833 17.69 -18.52 -18.38
N GLY B 834 17.90 -19.82 -18.59
CA GLY B 834 16.81 -20.77 -18.50
C GLY B 834 16.24 -20.93 -17.10
N VAL B 835 17.07 -20.79 -16.08
CA VAL B 835 16.59 -20.93 -14.70
C VAL B 835 15.93 -19.64 -14.22
N VAL B 836 16.55 -18.49 -14.51
CA VAL B 836 16.01 -17.20 -14.06
C VAL B 836 14.62 -16.97 -14.64
N GLU B 837 14.37 -17.48 -15.85
CA GLU B 837 13.01 -17.42 -16.38
C GLU B 837 12.07 -18.29 -15.55
N MET B 838 12.51 -19.49 -15.18
CA MET B 838 11.70 -20.35 -14.32
C MET B 838 11.56 -19.76 -12.92
N LYS B 839 12.63 -19.16 -12.39
CA LYS B 839 12.59 -18.60 -11.05
C LYS B 839 11.81 -17.28 -11.00
N MET B 840 12.30 -16.26 -11.71
CA MET B 840 11.73 -14.92 -11.61
C MET B 840 10.30 -14.84 -12.14
N LEU B 841 9.86 -15.83 -12.92
CA LEU B 841 8.44 -15.90 -13.29
C LEU B 841 7.61 -16.29 -12.09
N SER B 842 8.16 -17.11 -11.19
CA SER B 842 7.48 -17.53 -9.98
C SER B 842 7.68 -16.53 -8.84
N GLY B 843 8.88 -15.95 -8.73
CA GLY B 843 9.10 -14.90 -7.75
C GLY B 843 8.22 -13.69 -7.98
N GLN B 844 7.88 -13.42 -9.24
CA GLN B 844 6.92 -12.37 -9.57
C GLN B 844 5.49 -12.83 -9.32
N ALA B 845 5.22 -14.13 -9.44
CA ALA B 845 3.88 -14.64 -9.17
C ALA B 845 3.46 -14.37 -7.73
N LEU B 846 4.41 -14.41 -6.80
CA LEU B 846 4.08 -14.05 -5.42
C LEU B 846 3.72 -12.58 -5.31
N LYS B 847 4.48 -11.71 -5.98
CA LYS B 847 4.27 -10.27 -5.86
C LYS B 847 2.93 -9.85 -6.46
N ASP B 848 2.65 -10.29 -7.69
CA ASP B 848 1.39 -9.91 -8.34
C ASP B 848 0.20 -10.50 -7.61
N LYS B 849 0.31 -11.74 -7.15
CA LYS B 849 -0.78 -12.38 -6.41
C LYS B 849 -0.94 -11.81 -5.01
N LYS B 850 0.05 -11.04 -4.51
CA LYS B 850 -0.12 -10.33 -3.26
C LYS B 850 -0.92 -9.06 -3.47
N GLU B 851 -0.77 -8.42 -4.63
CA GLU B 851 -1.61 -7.29 -5.01
C GLU B 851 -3.05 -7.71 -5.25
N LEU B 852 -3.30 -9.00 -5.48
CA LEU B 852 -4.64 -9.54 -5.72
C LEU B 852 -5.33 -9.98 -4.45
N GLU B 853 -4.59 -10.14 -3.34
CA GLU B 853 -5.21 -10.59 -2.09
C GLU B 853 -6.21 -9.57 -1.56
N GLY B 854 -5.95 -8.28 -1.76
CA GLY B 854 -6.92 -7.27 -1.36
C GLY B 854 -8.24 -7.41 -2.09
N SER B 855 -8.20 -7.72 -3.39
CA SER B 855 -9.42 -7.98 -4.14
C SER B 855 -10.15 -9.20 -3.61
N GLY B 856 -9.40 -10.23 -3.22
CA GLY B 856 -10.03 -11.46 -2.74
C GLY B 856 -10.61 -11.36 -1.36
N LYS B 857 -9.99 -10.57 -0.47
CA LYS B 857 -10.53 -10.37 0.86
C LYS B 857 -11.92 -9.73 0.80
N ILE B 858 -12.10 -8.76 -0.10
CA ILE B 858 -13.40 -8.12 -0.25
C ILE B 858 -14.47 -9.15 -0.60
N ALA B 859 -14.18 -9.97 -1.62
CA ALA B 859 -15.16 -10.96 -2.06
C ALA B 859 -15.50 -11.94 -0.95
N THR B 860 -14.47 -12.52 -0.33
CA THR B 860 -14.68 -13.51 0.74
C THR B 860 -15.54 -12.92 1.86
N GLU B 861 -15.35 -11.64 2.17
CA GLU B 861 -16.19 -11.00 3.18
C GLU B 861 -17.64 -10.94 2.74
N ALA B 862 -17.89 -10.83 1.43
CA ALA B 862 -19.23 -10.73 0.91
C ALA B 862 -19.88 -12.09 0.69
N ILE B 863 -19.11 -13.09 0.24
CA ILE B 863 -19.69 -14.41 0.02
C ILE B 863 -19.95 -15.12 1.34
N GLU B 864 -18.96 -15.07 2.25
CA GLU B 864 -19.12 -15.76 3.54
C GLU B 864 -20.24 -15.17 4.37
N ASN B 865 -20.57 -13.89 4.17
CA ASN B 865 -21.67 -13.23 4.89
C ASN B 865 -22.69 -12.69 3.90
N PHE B 866 -23.11 -13.51 2.94
CA PHE B 866 -24.00 -13.03 1.89
C PHE B 866 -25.39 -12.73 2.42
N ARG B 867 -25.89 -13.56 3.35
CA ARG B 867 -27.23 -13.35 3.89
C ARG B 867 -27.38 -12.01 4.58
N THR B 868 -26.29 -11.46 5.12
CA THR B 868 -26.35 -10.15 5.75
C THR B 868 -26.42 -9.04 4.70
N VAL B 869 -25.40 -8.96 3.84
CA VAL B 869 -25.25 -7.84 2.91
C VAL B 869 -26.48 -7.68 2.02
N VAL B 870 -27.14 -8.79 1.67
CA VAL B 870 -28.36 -8.69 0.90
C VAL B 870 -29.45 -7.99 1.71
N SER B 871 -29.45 -8.17 3.03
CA SER B 871 -30.43 -7.50 3.89
C SER B 871 -30.17 -6.01 3.96
N LEU B 872 -28.90 -5.60 4.01
CA LEU B 872 -28.54 -4.19 3.94
C LEU B 872 -28.58 -3.65 2.50
N THR B 873 -28.78 -4.51 1.51
CA THR B 873 -28.83 -4.11 0.11
C THR B 873 -27.54 -3.46 -0.36
N ARG B 874 -26.42 -3.76 0.29
CA ARG B 874 -25.11 -3.23 -0.08
C ARG B 874 -24.35 -4.19 -0.95
N GLU B 875 -25.05 -4.89 -1.85
CA GLU B 875 -24.38 -5.70 -2.85
C GLU B 875 -23.54 -4.82 -3.77
N GLN B 876 -24.08 -3.65 -4.12
CA GLN B 876 -23.37 -2.75 -5.02
C GLN B 876 -22.08 -2.22 -4.41
N LYS B 877 -22.09 -1.96 -3.10
CA LYS B 877 -20.90 -1.44 -2.45
C LYS B 877 -19.72 -2.40 -2.60
N PHE B 878 -19.93 -3.67 -2.23
CA PHE B 878 -18.87 -4.66 -2.38
C PHE B 878 -18.49 -4.84 -3.85
N GLU B 879 -19.44 -4.65 -4.77
CA GLU B 879 -19.11 -4.65 -6.19
C GLU B 879 -18.13 -3.53 -6.52
N THR B 880 -18.44 -2.31 -6.08
CA THR B 880 -17.54 -1.19 -6.30
C THR B 880 -16.22 -1.41 -5.59
N MET B 881 -16.28 -1.82 -4.31
CA MET B 881 -15.05 -2.10 -3.56
C MET B 881 -14.21 -3.16 -4.26
N TYR B 882 -14.86 -4.17 -4.84
CA TYR B 882 -14.14 -5.18 -5.60
C TYR B 882 -13.50 -4.56 -6.83
N ALA B 883 -14.27 -3.78 -7.59
CA ALA B 883 -13.74 -3.15 -8.80
C ALA B 883 -12.64 -2.14 -8.46
N GLN B 884 -12.86 -1.33 -7.43
CA GLN B 884 -11.85 -0.35 -7.03
C GLN B 884 -10.56 -1.02 -6.63
N SER B 885 -10.62 -2.23 -6.08
CA SER B 885 -9.40 -2.94 -5.71
C SER B 885 -8.69 -3.52 -6.93
N LEU B 886 -9.45 -3.86 -7.98
CA LEU B 886 -8.88 -4.45 -9.18
C LEU B 886 -8.24 -3.44 -10.12
N GLN B 887 -8.39 -2.14 -9.88
CA GLN B 887 -7.79 -1.16 -10.77
C GLN B 887 -6.26 -1.23 -10.76
N ILE B 888 -5.66 -1.77 -9.70
CA ILE B 888 -4.21 -1.84 -9.58
C ILE B 888 -3.68 -3.04 -10.37
N PRO B 889 -4.11 -4.28 -10.09
CA PRO B 889 -3.58 -5.42 -10.87
C PRO B 889 -3.88 -5.34 -12.35
N TYR B 890 -4.93 -4.63 -12.75
CA TYR B 890 -5.21 -4.47 -14.17
C TYR B 890 -4.11 -3.66 -14.83
N ARG B 891 -3.88 -2.43 -14.35
CA ARG B 891 -2.84 -1.59 -14.92
C ARG B 891 -1.45 -2.20 -14.76
N ASN B 892 -1.27 -3.09 -13.77
CA ASN B 892 -0.03 -3.85 -13.67
C ASN B 892 0.05 -4.94 -14.72
N ALA B 893 -1.08 -5.63 -14.96
CA ALA B 893 -1.08 -6.74 -15.92
C ALA B 893 -0.86 -6.27 -17.35
N MET B 894 -1.14 -5.00 -17.65
CA MET B 894 -0.86 -4.48 -18.99
C MET B 894 0.63 -4.24 -19.20
N LYS B 895 1.40 -4.15 -18.11
CA LYS B 895 2.85 -4.17 -18.18
C LYS B 895 3.42 -5.56 -18.01
N LYS B 896 2.65 -6.49 -17.41
CA LYS B 896 3.08 -7.88 -17.32
C LYS B 896 3.34 -8.46 -18.71
N ALA B 897 2.44 -8.16 -19.65
CA ALA B 897 2.63 -8.63 -21.03
C ALA B 897 3.90 -8.09 -21.64
N HIS B 898 4.28 -6.86 -21.29
CA HIS B 898 5.54 -6.30 -21.79
C HIS B 898 6.72 -7.12 -21.31
N VAL B 899 6.66 -7.63 -20.07
CA VAL B 899 7.73 -8.45 -19.54
C VAL B 899 7.82 -9.77 -20.28
N PHE B 900 6.74 -10.56 -20.24
CA PHE B 900 6.77 -11.89 -20.83
C PHE B 900 7.05 -11.87 -22.32
N GLY B 901 6.82 -10.74 -23.00
CA GLY B 901 7.29 -10.61 -24.36
C GLY B 901 8.80 -10.58 -24.46
N ILE B 902 9.46 -9.83 -23.58
CA ILE B 902 10.92 -9.69 -23.67
C ILE B 902 11.63 -10.91 -23.10
N THR B 903 11.20 -11.40 -21.94
CA THR B 903 11.87 -12.53 -21.31
C THR B 903 11.75 -13.78 -22.16
N PHE B 904 10.65 -13.91 -22.92
CA PHE B 904 10.53 -15.01 -23.86
C PHE B 904 11.37 -14.76 -25.11
N SER B 905 11.45 -13.51 -25.57
CA SER B 905 12.21 -13.19 -26.76
C SER B 905 13.70 -13.38 -26.54
N PHE B 906 14.22 -12.87 -25.42
CA PHE B 906 15.65 -12.93 -25.18
C PHE B 906 16.14 -14.34 -24.83
N THR B 907 15.24 -15.30 -24.63
CA THR B 907 15.67 -16.69 -24.50
C THR B 907 15.88 -17.31 -25.88
N GLN B 908 14.90 -17.21 -26.77
CA GLN B 908 15.06 -17.74 -28.13
C GLN B 908 16.11 -16.95 -28.90
N ALA B 909 16.18 -15.64 -28.69
CA ALA B 909 17.15 -14.83 -29.42
C ALA B 909 18.57 -15.16 -28.98
N MET B 910 18.80 -15.32 -27.68
CA MET B 910 20.11 -15.75 -27.21
C MET B 910 20.45 -17.16 -27.68
N MET B 911 19.43 -17.96 -28.00
CA MET B 911 19.66 -19.28 -28.57
C MET B 911 19.98 -19.19 -30.06
N TYR B 912 19.18 -18.44 -30.80
CA TYR B 912 19.40 -18.34 -32.25
C TYR B 912 20.67 -17.56 -32.55
N PHE B 913 20.98 -16.53 -31.74
CA PHE B 913 22.25 -15.84 -31.89
C PHE B 913 23.43 -16.75 -31.52
N SER B 914 23.27 -17.55 -30.47
CA SER B 914 24.32 -18.51 -30.11
C SER B 914 24.50 -19.58 -31.18
N TYR B 915 23.44 -19.89 -31.92
CA TYR B 915 23.58 -20.77 -33.08
C TYR B 915 24.52 -20.16 -34.11
N ALA B 916 24.52 -18.83 -34.23
CA ALA B 916 25.45 -18.15 -35.15
C ALA B 916 26.83 -17.98 -34.52
N ALA B 917 26.89 -17.81 -33.20
CA ALA B 917 28.19 -17.68 -32.54
C ALA B 917 29.02 -18.95 -32.67
N CYS B 918 28.36 -20.11 -32.81
CA CYS B 918 29.08 -21.36 -32.99
C CYS B 918 29.52 -21.54 -34.45
N PHE B 919 28.56 -21.54 -35.37
CA PHE B 919 28.86 -21.80 -36.77
C PHE B 919 29.54 -20.63 -37.47
N ARG B 920 29.79 -19.52 -36.78
CA ARG B 920 30.73 -18.52 -37.28
C ARG B 920 32.15 -18.84 -36.81
N PHE B 921 32.33 -19.02 -35.51
CA PHE B 921 33.65 -19.35 -34.98
C PHE B 921 34.11 -20.73 -35.45
N GLY B 922 33.18 -21.68 -35.50
CA GLY B 922 33.54 -23.02 -35.98
C GLY B 922 33.98 -23.00 -37.44
N ALA B 923 33.42 -22.08 -38.24
CA ALA B 923 33.87 -21.94 -39.61
C ALA B 923 35.28 -21.38 -39.68
N TYR B 924 35.60 -20.44 -38.79
CA TYR B 924 36.95 -19.86 -38.77
C TYR B 924 38.00 -20.91 -38.42
N LEU B 925 37.62 -21.96 -37.69
CA LEU B 925 38.55 -23.02 -37.34
C LEU B 925 38.84 -23.96 -38.51
N VAL B 926 37.92 -24.06 -39.48
CA VAL B 926 38.15 -24.89 -40.65
C VAL B 926 38.96 -24.13 -41.70
N THR B 927 38.72 -22.82 -41.81
CA THR B 927 39.51 -21.99 -42.73
C THR B 927 40.98 -22.09 -42.38
N GLN B 928 41.31 -21.98 -41.09
CA GLN B 928 42.68 -22.02 -40.63
C GLN B 928 43.24 -23.43 -40.51
N GLN B 929 42.53 -24.45 -40.99
CA GLN B 929 43.01 -25.83 -41.00
C GLN B 929 43.23 -26.37 -39.59
N LEU B 930 42.53 -25.81 -38.60
CA LEU B 930 42.73 -26.22 -37.21
C LEU B 930 41.88 -27.42 -36.81
N MET B 931 40.74 -27.61 -37.46
CA MET B 931 39.92 -28.80 -37.21
C MET B 931 39.04 -29.05 -38.42
N THR B 932 38.58 -30.30 -38.52
CA THR B 932 37.72 -30.72 -39.61
C THR B 932 36.25 -30.54 -39.25
N PHE B 933 35.41 -30.45 -40.29
CA PHE B 933 33.97 -30.28 -40.09
C PHE B 933 33.37 -31.49 -39.39
N GLU B 934 33.96 -32.67 -39.56
CA GLU B 934 33.50 -33.85 -38.84
C GLU B 934 33.59 -33.64 -37.34
N ASN B 935 34.69 -33.06 -36.87
CA ASN B 935 34.89 -32.86 -35.44
C ASN B 935 34.00 -31.75 -34.89
N VAL B 936 33.61 -30.79 -35.74
CA VAL B 936 32.67 -29.74 -35.31
C VAL B 936 31.38 -30.36 -34.81
N LEU B 937 30.69 -31.12 -35.67
CA LEU B 937 29.46 -31.79 -35.25
C LEU B 937 29.73 -32.77 -34.14
N LEU B 938 30.92 -33.36 -34.09
CA LEU B 938 31.29 -34.22 -32.98
C LEU B 938 31.41 -33.41 -31.69
N VAL B 939 31.70 -32.11 -31.79
CA VAL B 939 31.63 -31.21 -30.65
C VAL B 939 30.20 -30.75 -30.41
N PHE B 940 29.60 -30.15 -31.45
CA PHE B 940 28.31 -29.46 -31.30
C PHE B 940 27.23 -30.41 -30.80
N SER B 941 27.05 -31.55 -31.48
CA SER B 941 26.03 -32.51 -31.09
C SER B 941 26.43 -33.34 -29.87
N ALA B 942 27.60 -33.09 -29.26
CA ALA B 942 28.00 -33.75 -28.03
C ALA B 942 27.69 -32.92 -26.79
N ILE B 943 27.83 -31.60 -26.90
CA ILE B 943 27.48 -30.69 -25.82
C ILE B 943 26.01 -30.31 -25.88
N VAL B 944 25.56 -29.83 -27.03
CA VAL B 944 24.22 -29.26 -27.16
C VAL B 944 23.17 -30.34 -26.95
N PHE B 945 23.21 -31.40 -27.77
CA PHE B 945 22.27 -32.50 -27.59
C PHE B 945 22.43 -33.16 -26.22
N GLY B 946 23.61 -33.04 -25.61
CA GLY B 946 23.79 -33.48 -24.24
C GLY B 946 23.32 -32.46 -23.22
N ALA B 947 23.46 -31.17 -23.54
CA ALA B 947 22.94 -30.13 -22.65
C ALA B 947 21.42 -30.06 -22.71
N MET B 948 20.84 -30.32 -23.89
CA MET B 948 19.40 -30.49 -23.98
C MET B 948 18.92 -31.74 -23.26
N ALA B 949 19.80 -32.74 -23.07
CA ALA B 949 19.37 -34.00 -22.50
C ALA B 949 19.11 -33.88 -20.99
N VAL B 950 19.89 -33.06 -20.29
CA VAL B 950 19.67 -32.92 -18.85
C VAL B 950 18.31 -32.29 -18.57
N GLY B 951 17.87 -31.38 -19.44
CA GLY B 951 16.55 -30.80 -19.28
C GLY B 951 15.44 -31.82 -19.54
N GLN B 952 15.59 -32.62 -20.60
CA GLN B 952 14.60 -33.66 -20.85
C GLN B 952 14.59 -34.70 -19.74
N VAL B 953 15.72 -34.89 -19.06
CA VAL B 953 15.76 -35.80 -17.91
C VAL B 953 15.09 -35.15 -16.70
N SER B 954 15.56 -33.96 -16.31
CA SER B 954 15.05 -33.30 -15.12
C SER B 954 13.57 -33.00 -15.24
N SER B 955 13.07 -32.80 -16.47
CA SER B 955 11.65 -32.61 -16.70
C SER B 955 10.88 -33.92 -16.79
N PHE B 956 11.56 -35.05 -17.02
CA PHE B 956 10.93 -36.36 -17.04
C PHE B 956 10.87 -37.01 -15.67
N ALA B 957 11.94 -36.87 -14.88
CA ALA B 957 11.98 -37.46 -13.56
C ALA B 957 10.91 -36.83 -12.67
N PRO B 958 10.57 -37.47 -11.55
CA PRO B 958 9.54 -36.88 -10.68
C PRO B 958 9.99 -35.54 -10.11
N ASP B 959 9.00 -34.77 -9.66
CA ASP B 959 9.25 -33.42 -9.17
C ASP B 959 10.07 -33.48 -7.89
N TYR B 960 11.32 -33.03 -7.96
CA TYR B 960 12.22 -33.09 -6.81
C TYR B 960 11.76 -32.16 -5.70
N ALA B 961 11.27 -30.97 -6.06
CA ALA B 961 10.76 -30.04 -5.06
C ALA B 961 9.53 -30.58 -4.36
N LYS B 962 8.55 -31.08 -5.13
CA LYS B 962 7.35 -31.64 -4.52
C LYS B 962 7.66 -32.85 -3.65
N ALA B 963 8.72 -33.60 -3.99
CA ALA B 963 9.07 -34.76 -3.19
C ALA B 963 9.73 -34.36 -1.88
N THR B 964 10.50 -33.27 -1.88
CA THR B 964 11.17 -32.83 -0.67
C THR B 964 10.17 -32.25 0.33
N VAL B 965 9.27 -31.38 -0.12
CA VAL B 965 8.26 -30.85 0.79
C VAL B 965 7.31 -31.96 1.23
N SER B 966 7.02 -32.89 0.32
CA SER B 966 6.26 -34.07 0.70
C SER B 966 7.02 -34.92 1.70
N ALA B 967 8.35 -34.92 1.62
CA ALA B 967 9.19 -35.69 2.53
C ALA B 967 9.50 -34.95 3.82
N SER B 968 9.65 -33.62 3.76
CA SER B 968 9.93 -32.84 4.96
C SER B 968 8.81 -32.98 5.97
N HIS B 969 7.56 -33.10 5.51
CA HIS B 969 6.45 -33.36 6.42
C HIS B 969 6.56 -34.74 7.05
N ILE B 970 7.11 -35.73 6.34
CA ILE B 970 7.19 -37.08 6.88
C ILE B 970 8.13 -37.11 8.08
N ILE B 971 9.33 -36.53 7.95
CA ILE B 971 10.33 -36.64 9.00
C ILE B 971 9.83 -36.01 10.30
N ARG B 972 9.04 -34.95 10.20
CA ARG B 972 8.44 -34.35 11.39
C ARG B 972 7.51 -35.34 12.07
N ILE B 973 6.67 -36.03 11.29
CA ILE B 973 5.69 -36.96 11.87
C ILE B 973 6.39 -38.12 12.56
N ILE B 974 7.57 -38.50 12.09
CA ILE B 974 8.28 -39.63 12.69
C ILE B 974 9.06 -39.18 13.91
N GLU B 975 9.94 -38.18 13.75
CA GLU B 975 10.82 -37.74 14.82
C GLU B 975 10.09 -37.04 15.96
N LYS B 976 8.78 -36.80 15.85
CA LYS B 976 8.02 -36.16 16.91
C LYS B 976 7.72 -37.18 17.99
N THR B 977 8.21 -36.90 19.24
CA THR B 977 7.87 -37.68 20.41
C THR B 977 6.83 -36.93 21.24
N PRO B 978 5.79 -37.57 21.78
CA PRO B 978 4.73 -36.82 22.43
C PRO B 978 5.01 -36.60 23.92
N GLU B 979 4.24 -35.68 24.51
CA GLU B 979 4.33 -35.48 25.96
C GLU B 979 3.95 -36.74 26.72
N ILE B 980 3.01 -37.53 26.17
CA ILE B 980 2.53 -38.76 26.80
C ILE B 980 2.80 -39.88 25.80
N ASP B 981 3.93 -40.56 25.98
CA ASP B 981 4.31 -41.66 25.10
C ASP B 981 3.53 -42.89 25.50
N SER B 982 2.51 -43.26 24.72
CA SER B 982 1.75 -44.46 25.00
C SER B 982 2.55 -45.72 24.74
N TYR B 983 3.52 -45.65 23.82
CA TYR B 983 4.41 -46.77 23.56
C TYR B 983 5.49 -46.95 24.62
N SER B 984 5.58 -46.06 25.61
CA SER B 984 6.64 -46.14 26.60
C SER B 984 6.52 -47.43 27.42
N THR B 985 7.57 -47.67 28.21
CA THR B 985 7.70 -48.88 29.02
C THR B 985 7.87 -48.60 30.51
N GLN B 986 8.23 -47.38 30.89
CA GLN B 986 8.50 -47.08 32.29
C GLN B 986 7.21 -46.78 33.04
N GLY B 987 7.29 -46.88 34.36
CA GLY B 987 6.15 -46.70 35.24
C GLY B 987 6.16 -47.70 36.38
N LEU B 988 5.41 -47.40 37.43
CA LEU B 988 5.44 -48.21 38.64
C LEU B 988 4.85 -49.59 38.41
N LYS B 989 3.58 -49.65 37.99
CA LYS B 989 2.89 -50.91 37.71
C LYS B 989 2.86 -51.79 38.97
N PRO B 990 2.12 -51.40 40.00
CA PRO B 990 2.13 -52.16 41.25
C PRO B 990 1.21 -53.37 41.18
N ASN B 991 1.23 -54.16 42.26
CA ASN B 991 0.36 -55.32 42.41
C ASN B 991 -0.82 -55.06 43.34
N MET B 992 -1.24 -53.80 43.48
CA MET B 992 -2.35 -53.44 44.37
C MET B 992 -3.60 -53.19 43.51
N LEU B 993 -4.63 -53.99 43.74
CA LEU B 993 -5.83 -54.01 42.93
C LEU B 993 -7.01 -53.36 43.65
N GLU B 994 -6.71 -52.43 44.56
CA GLU B 994 -7.74 -51.79 45.37
C GLU B 994 -8.68 -50.97 44.50
N GLY B 995 -8.30 -49.74 44.16
CA GLY B 995 -9.06 -48.90 43.24
C GLY B 995 -9.53 -47.59 43.81
N ASN B 996 -8.73 -46.96 44.67
CA ASN B 996 -9.09 -45.66 45.23
C ASN B 996 -8.71 -44.57 44.24
N VAL B 997 -9.71 -43.95 43.62
CA VAL B 997 -9.51 -42.84 42.71
C VAL B 997 -9.65 -41.56 43.52
N GLN B 998 -8.89 -40.54 43.13
CA GLN B 998 -8.97 -39.26 43.81
C GLN B 998 -8.49 -38.17 42.87
N PHE B 999 -9.37 -37.22 42.57
CA PHE B 999 -8.97 -35.95 41.98
C PHE B 999 -8.79 -34.97 43.12
N SER B 1000 -7.71 -34.20 43.07
CA SER B 1000 -7.36 -33.26 44.13
C SER B 1000 -6.95 -31.93 43.49
N GLY B 1001 -7.92 -31.03 43.39
CA GLY B 1001 -7.66 -29.68 42.90
C GLY B 1001 -7.07 -29.64 41.50
N VAL B 1002 -7.59 -30.47 40.58
CA VAL B 1002 -6.99 -30.57 39.26
C VAL B 1002 -7.33 -29.32 38.46
N VAL B 1003 -6.32 -28.79 37.77
CA VAL B 1003 -6.48 -27.64 36.87
C VAL B 1003 -6.10 -28.11 35.48
N PHE B 1004 -6.98 -27.84 34.51
CA PHE B 1004 -6.77 -28.30 33.15
C PHE B 1004 -7.38 -27.30 32.17
N ASN B 1005 -6.69 -27.11 31.04
CA ASN B 1005 -7.21 -26.39 29.89
C ASN B 1005 -6.97 -27.24 28.65
N TYR B 1006 -7.95 -27.28 27.76
CA TYR B 1006 -7.77 -28.00 26.50
C TYR B 1006 -6.70 -27.30 25.68
N PRO B 1007 -5.67 -27.99 25.20
CA PRO B 1007 -4.58 -27.27 24.52
C PRO B 1007 -4.98 -26.69 23.17
N THR B 1008 -6.10 -27.12 22.61
CA THR B 1008 -6.61 -26.49 21.39
C THR B 1008 -7.01 -25.04 21.66
N ARG B 1009 -7.49 -24.74 22.85
CA ARG B 1009 -7.95 -23.41 23.24
C ARG B 1009 -7.36 -23.13 24.62
N PRO B 1010 -6.06 -22.82 24.70
CA PRO B 1010 -5.42 -22.67 26.03
C PRO B 1010 -5.91 -21.47 26.83
N SER B 1011 -6.66 -20.54 26.22
CA SER B 1011 -7.16 -19.39 26.96
C SER B 1011 -8.38 -19.74 27.80
N ILE B 1012 -9.22 -20.65 27.31
CA ILE B 1012 -10.48 -21.00 27.97
C ILE B 1012 -10.16 -21.94 29.13
N PRO B 1013 -10.84 -21.81 30.29
CA PRO B 1013 -10.72 -22.84 31.34
C PRO B 1013 -11.84 -23.85 31.29
N VAL B 1014 -11.58 -25.06 31.82
CA VAL B 1014 -12.58 -26.11 31.96
C VAL B 1014 -12.71 -26.59 33.40
N LEU B 1015 -11.57 -26.88 34.04
CA LEU B 1015 -11.52 -27.39 35.41
C LEU B 1015 -10.64 -26.48 36.24
N GLN B 1016 -11.16 -26.05 37.39
CA GLN B 1016 -10.47 -25.15 38.30
C GLN B 1016 -10.65 -25.68 39.70
N GLY B 1017 -9.57 -26.22 40.28
CA GLY B 1017 -9.62 -26.71 41.65
C GLY B 1017 -10.66 -27.77 41.89
N LEU B 1018 -10.82 -28.71 40.96
CA LEU B 1018 -11.78 -29.79 41.12
C LEU B 1018 -11.17 -30.89 41.98
N SER B 1019 -11.82 -31.19 43.10
CA SER B 1019 -11.42 -32.26 44.00
C SER B 1019 -12.59 -33.20 44.19
N LEU B 1020 -12.31 -34.50 44.16
CA LEU B 1020 -13.33 -35.51 44.38
C LEU B 1020 -12.66 -36.86 44.56
N GLU B 1021 -13.23 -37.69 45.42
CA GLU B 1021 -12.71 -39.01 45.76
C GLU B 1021 -13.71 -40.08 45.34
N VAL B 1022 -13.18 -41.28 45.12
CA VAL B 1022 -14.00 -42.46 44.80
C VAL B 1022 -13.38 -43.62 45.55
N LYS B 1023 -14.06 -44.10 46.57
CA LYS B 1023 -13.59 -45.27 47.30
C LYS B 1023 -13.87 -46.54 46.49
N LYS B 1024 -13.21 -47.63 46.89
CA LYS B 1024 -13.34 -48.88 46.15
C LYS B 1024 -14.78 -49.37 46.19
N GLY B 1025 -15.30 -49.76 45.03
CA GLY B 1025 -16.59 -50.41 44.92
C GLY B 1025 -17.78 -49.49 44.82
N GLN B 1026 -17.69 -48.26 45.35
CA GLN B 1026 -18.84 -47.38 45.36
C GLN B 1026 -19.05 -46.73 43.99
N THR B 1027 -20.13 -45.97 43.89
CA THR B 1027 -20.48 -45.21 42.70
C THR B 1027 -20.31 -43.72 42.99
N LEU B 1028 -19.73 -43.00 42.03
CA LEU B 1028 -19.72 -41.55 42.02
C LEU B 1028 -20.43 -41.08 40.76
N ALA B 1029 -21.32 -40.11 40.90
CA ALA B 1029 -22.04 -39.51 39.79
C ALA B 1029 -21.63 -38.05 39.65
N LEU B 1030 -21.41 -37.62 38.40
CA LEU B 1030 -21.07 -36.24 38.08
C LEU B 1030 -22.18 -35.63 37.23
N VAL B 1031 -22.63 -34.44 37.63
CA VAL B 1031 -23.72 -33.73 36.97
C VAL B 1031 -23.39 -32.25 36.88
N GLY B 1032 -24.19 -31.53 36.11
CA GLY B 1032 -24.00 -30.11 35.93
C GLY B 1032 -24.60 -29.66 34.62
N SER B 1033 -24.38 -28.37 34.32
CA SER B 1033 -24.84 -27.79 33.06
C SER B 1033 -23.86 -28.14 31.94
N SER B 1034 -23.86 -27.37 30.85
CA SER B 1034 -22.93 -27.61 29.77
C SER B 1034 -21.58 -26.96 30.09
N GLY B 1035 -20.51 -27.61 29.62
CA GLY B 1035 -19.18 -27.06 29.81
C GLY B 1035 -18.69 -27.02 31.23
N CYS B 1036 -19.27 -27.84 32.12
CA CYS B 1036 -18.83 -27.86 33.50
C CYS B 1036 -17.54 -28.64 33.69
N GLY B 1037 -17.30 -29.67 32.88
CA GLY B 1037 -16.05 -30.41 32.89
C GLY B 1037 -16.19 -31.87 33.29
N LYS B 1038 -17.37 -32.46 33.06
CA LYS B 1038 -17.58 -33.85 33.41
C LYS B 1038 -16.77 -34.78 32.52
N SER B 1039 -16.91 -34.63 31.20
CA SER B 1039 -16.19 -35.48 30.27
C SER B 1039 -14.67 -35.35 30.42
N THR B 1040 -14.21 -34.19 30.91
CA THR B 1040 -12.78 -34.02 31.16
C THR B 1040 -12.29 -34.96 32.25
N VAL B 1041 -13.14 -35.26 33.24
CA VAL B 1041 -12.73 -36.17 34.31
C VAL B 1041 -12.37 -37.53 33.74
N VAL B 1042 -13.22 -38.03 32.84
CA VAL B 1042 -12.95 -39.31 32.18
C VAL B 1042 -11.64 -39.25 31.41
N GLN B 1043 -11.40 -38.13 30.73
CA GLN B 1043 -10.22 -37.99 29.88
C GLN B 1043 -8.95 -37.77 30.67
N LEU B 1044 -9.04 -37.22 31.88
CA LEU B 1044 -7.85 -37.06 32.72
C LEU B 1044 -7.48 -38.35 33.43
N LEU B 1045 -8.46 -39.18 33.79
CA LEU B 1045 -8.15 -40.48 34.37
C LEU B 1045 -7.67 -41.46 33.31
N GLU B 1046 -8.22 -41.38 32.09
CA GLU B 1046 -7.64 -42.08 30.96
C GLU B 1046 -6.28 -41.51 30.56
N ARG B 1047 -5.95 -40.29 31.02
CA ARG B 1047 -4.69 -39.63 30.70
C ARG B 1047 -4.55 -39.37 29.20
N PHE B 1048 -5.66 -38.97 28.57
CA PHE B 1048 -5.56 -38.39 27.23
C PHE B 1048 -4.82 -37.06 27.27
N TYR B 1049 -4.93 -36.33 28.38
CA TYR B 1049 -4.22 -35.07 28.60
C TYR B 1049 -3.66 -35.08 30.01
N ASP B 1050 -2.64 -34.21 30.23
CA ASP B 1050 -2.15 -33.94 31.57
C ASP B 1050 -2.80 -32.68 32.13
N PRO B 1051 -3.02 -32.57 33.44
CA PRO B 1051 -3.53 -31.30 33.98
C PRO B 1051 -2.41 -30.30 34.14
N MET B 1052 -2.77 -29.02 34.02
CA MET B 1052 -1.79 -27.95 34.17
C MET B 1052 -1.26 -27.90 35.60
N ALA B 1053 -2.17 -27.90 36.58
CA ALA B 1053 -1.80 -27.94 37.99
C ALA B 1053 -2.74 -28.91 38.70
N GLY B 1054 -2.43 -29.17 39.97
CA GLY B 1054 -3.18 -30.15 40.73
C GLY B 1054 -2.73 -31.55 40.41
N SER B 1055 -3.43 -32.51 41.01
CA SER B 1055 -3.06 -33.92 40.88
C SER B 1055 -4.30 -34.80 40.91
N VAL B 1056 -4.21 -35.90 40.18
CA VAL B 1056 -5.20 -36.97 40.18
C VAL B 1056 -4.46 -38.22 40.63
N PHE B 1057 -5.00 -38.90 41.65
CA PHE B 1057 -4.35 -40.03 42.27
C PHE B 1057 -5.15 -41.30 42.08
N LEU B 1058 -4.44 -42.41 41.95
CA LEU B 1058 -5.02 -43.75 41.89
C LEU B 1058 -4.31 -44.58 42.95
N ASP B 1059 -5.07 -45.00 43.97
CA ASP B 1059 -4.50 -45.72 45.11
C ASP B 1059 -3.38 -44.90 45.76
N GLY B 1060 -3.62 -43.60 45.93
CA GLY B 1060 -2.65 -42.72 46.53
C GLY B 1060 -1.42 -42.43 45.68
N LYS B 1061 -1.41 -42.87 44.42
CA LYS B 1061 -0.27 -42.71 43.52
C LYS B 1061 -0.66 -41.81 42.36
N GLU B 1062 0.18 -40.82 42.08
CA GLU B 1062 -0.07 -39.92 40.97
C GLU B 1062 -0.04 -40.70 39.66
N ILE B 1063 -1.06 -40.49 38.82
CA ILE B 1063 -1.15 -41.24 37.57
C ILE B 1063 -0.04 -40.83 36.60
N LYS B 1064 0.52 -39.64 36.75
CA LYS B 1064 1.63 -39.21 35.91
C LYS B 1064 2.89 -40.04 36.14
N GLN B 1065 2.98 -40.74 37.27
CA GLN B 1065 4.12 -41.60 37.56
C GLN B 1065 3.86 -43.06 37.17
N LEU B 1066 2.61 -43.44 36.92
CA LEU B 1066 2.29 -44.80 36.52
C LEU B 1066 2.62 -45.01 35.04
N ASN B 1067 2.76 -46.27 34.67
CA ASN B 1067 2.85 -46.62 33.26
C ASN B 1067 1.51 -46.35 32.60
N VAL B 1068 1.56 -45.76 31.40
CA VAL B 1068 0.34 -45.29 30.75
C VAL B 1068 -0.53 -46.49 30.34
N GLN B 1069 0.10 -47.55 29.84
CA GLN B 1069 -0.65 -48.72 29.43
C GLN B 1069 -1.28 -49.44 30.62
N TRP B 1070 -0.54 -49.54 31.73
CA TRP B 1070 -1.09 -50.21 32.90
C TRP B 1070 -2.24 -49.41 33.52
N LEU B 1071 -2.12 -48.07 33.49
CA LEU B 1071 -3.21 -47.22 33.96
C LEU B 1071 -4.50 -47.54 33.22
N ARG B 1072 -4.47 -47.37 31.90
CA ARG B 1072 -5.65 -47.61 31.06
C ARG B 1072 -6.09 -49.06 31.09
N ALA B 1073 -5.22 -49.99 31.50
CA ALA B 1073 -5.58 -51.40 31.55
C ALA B 1073 -6.72 -51.65 32.53
N GLN B 1074 -6.62 -51.11 33.74
CA GLN B 1074 -7.64 -51.27 34.76
C GLN B 1074 -8.73 -50.19 34.69
N LEU B 1075 -8.93 -49.58 33.52
CA LEU B 1075 -10.02 -48.64 33.29
C LEU B 1075 -10.92 -49.20 32.19
N GLY B 1076 -12.21 -49.32 32.48
CA GLY B 1076 -13.20 -49.75 31.51
C GLY B 1076 -14.05 -48.61 31.00
N ILE B 1077 -13.71 -48.10 29.82
CA ILE B 1077 -14.43 -46.97 29.23
C ILE B 1077 -15.71 -47.45 28.56
N VAL B 1078 -16.76 -46.65 28.65
CA VAL B 1078 -18.01 -46.86 27.92
C VAL B 1078 -18.34 -45.51 27.30
N SER B 1079 -17.96 -45.33 26.03
CA SER B 1079 -18.09 -44.03 25.38
C SER B 1079 -19.56 -43.66 25.19
N GLN B 1080 -19.77 -42.38 24.88
CA GLN B 1080 -21.10 -41.85 24.57
C GLN B 1080 -21.66 -42.60 23.37
N GLU B 1081 -21.17 -42.25 22.18
CA GLU B 1081 -21.52 -42.93 20.96
C GLU B 1081 -20.50 -44.06 20.83
N PRO B 1082 -20.86 -45.32 21.11
CA PRO B 1082 -19.86 -46.37 21.09
C PRO B 1082 -19.36 -46.59 19.68
N ILE B 1083 -18.05 -46.51 19.50
CA ILE B 1083 -17.46 -46.79 18.20
C ILE B 1083 -17.34 -48.30 18.08
N LEU B 1084 -17.98 -48.85 17.06
CA LEU B 1084 -17.81 -50.24 16.66
C LEU B 1084 -17.00 -50.25 15.38
N PHE B 1085 -16.04 -51.15 15.31
CA PHE B 1085 -15.20 -51.26 14.13
C PHE B 1085 -15.83 -52.21 13.13
N ASP B 1086 -15.51 -52.02 11.85
CA ASP B 1086 -15.98 -52.90 10.80
C ASP B 1086 -15.36 -54.28 11.02
N CYS B 1087 -15.99 -55.05 11.90
CA CYS B 1087 -15.49 -56.36 12.31
C CYS B 1087 -16.64 -57.11 12.97
N SER B 1088 -16.37 -58.36 13.33
CA SER B 1088 -17.36 -59.20 13.96
C SER B 1088 -17.64 -58.76 15.39
N ILE B 1089 -18.66 -59.35 15.99
CA ILE B 1089 -18.94 -59.12 17.40
C ILE B 1089 -17.77 -59.58 18.25
N ALA B 1090 -17.24 -60.76 17.96
CA ALA B 1090 -16.19 -61.35 18.78
C ALA B 1090 -14.93 -60.49 18.78
N GLU B 1091 -14.57 -59.92 17.63
CA GLU B 1091 -13.39 -59.09 17.56
C GLU B 1091 -13.63 -57.73 18.21
N ASN B 1092 -14.83 -57.15 18.01
CA ASN B 1092 -15.15 -55.90 18.65
C ASN B 1092 -15.12 -56.03 20.16
N ILE B 1093 -15.68 -57.13 20.69
CA ILE B 1093 -15.66 -57.36 22.13
C ILE B 1093 -14.24 -57.69 22.58
N ALA B 1094 -13.56 -58.59 21.85
CA ALA B 1094 -12.21 -58.98 22.22
C ALA B 1094 -11.22 -57.82 22.08
N TYR B 1095 -11.57 -56.78 21.33
CA TYR B 1095 -10.72 -55.61 21.21
C TYR B 1095 -10.54 -54.90 22.54
N GLY B 1096 -11.46 -55.10 23.49
CA GLY B 1096 -11.35 -54.49 24.80
C GLY B 1096 -10.07 -54.86 25.51
N ASP B 1097 -9.86 -56.16 25.71
CA ASP B 1097 -8.63 -56.68 26.31
C ASP B 1097 -7.75 -57.17 25.17
N ASN B 1098 -6.79 -56.34 24.76
CA ASN B 1098 -5.79 -56.75 23.79
C ASN B 1098 -4.66 -57.46 24.53
N SER B 1099 -3.97 -58.34 23.82
CA SER B 1099 -2.94 -59.19 24.42
C SER B 1099 -3.57 -60.13 25.44
N ARG B 1100 -4.60 -60.84 24.99
CA ARG B 1100 -5.30 -61.84 25.79
C ARG B 1100 -5.84 -62.87 24.82
N VAL B 1101 -5.95 -64.12 25.30
CA VAL B 1101 -6.38 -65.20 24.42
C VAL B 1101 -7.81 -64.98 23.94
N VAL B 1102 -8.70 -64.53 24.85
CA VAL B 1102 -10.13 -64.34 24.63
C VAL B 1102 -10.72 -65.52 23.86
N SER B 1103 -11.27 -66.49 24.59
CA SER B 1103 -11.83 -67.70 24.01
C SER B 1103 -13.36 -67.62 24.01
N TYR B 1104 -14.00 -68.69 23.54
CA TYR B 1104 -15.46 -68.74 23.54
C TYR B 1104 -16.01 -68.60 24.96
N GLU B 1105 -15.35 -69.23 25.93
CA GLU B 1105 -15.83 -69.18 27.30
C GLU B 1105 -15.70 -67.78 27.88
N GLU B 1106 -14.62 -67.07 27.54
CA GLU B 1106 -14.41 -65.74 28.10
C GLU B 1106 -15.26 -64.70 27.40
N ILE B 1107 -15.57 -64.89 26.11
CA ILE B 1107 -16.41 -63.93 25.40
C ILE B 1107 -17.85 -64.04 25.89
N VAL B 1108 -18.33 -65.27 26.09
CA VAL B 1108 -19.74 -65.48 26.40
C VAL B 1108 -20.06 -64.94 27.78
N ARG B 1109 -19.12 -65.09 28.73
CA ARG B 1109 -19.33 -64.52 30.06
C ARG B 1109 -19.45 -63.01 29.98
N ALA B 1110 -18.62 -62.37 29.15
CA ALA B 1110 -18.71 -60.93 28.97
C ALA B 1110 -19.97 -60.55 28.22
N ALA B 1111 -20.32 -61.29 27.16
CA ALA B 1111 -21.49 -60.97 26.37
C ALA B 1111 -22.78 -61.22 27.15
N LYS B 1112 -22.80 -62.24 28.00
CA LYS B 1112 -23.96 -62.46 28.86
C LYS B 1112 -24.18 -61.31 29.82
N GLU B 1113 -23.13 -60.94 30.57
CA GLU B 1113 -23.25 -59.87 31.55
C GLU B 1113 -23.54 -58.52 30.92
N ALA B 1114 -23.22 -58.35 29.63
CA ALA B 1114 -23.64 -57.15 28.90
C ALA B 1114 -25.06 -57.28 28.34
N ASN B 1115 -25.72 -58.42 28.52
CA ASN B 1115 -27.10 -58.62 28.10
C ASN B 1115 -27.25 -58.49 26.57
N ILE B 1116 -26.27 -59.01 25.84
CA ILE B 1116 -26.37 -59.16 24.38
C ILE B 1116 -26.25 -60.59 23.91
N HIS B 1117 -25.95 -61.55 24.80
CA HIS B 1117 -25.77 -62.94 24.37
C HIS B 1117 -27.03 -63.47 23.70
N GLN B 1118 -28.21 -63.19 24.26
CA GLN B 1118 -29.44 -63.66 23.65
C GLN B 1118 -29.67 -62.98 22.30
N PHE B 1119 -29.39 -61.68 22.21
CA PHE B 1119 -29.50 -60.99 20.94
C PHE B 1119 -28.46 -61.50 19.94
N ILE B 1120 -27.24 -61.78 20.42
CA ILE B 1120 -26.19 -62.30 19.55
C ILE B 1120 -26.58 -63.65 19.01
N ASP B 1121 -27.09 -64.53 19.88
CA ASP B 1121 -27.33 -65.92 19.52
C ASP B 1121 -28.33 -66.08 18.38
N SER B 1122 -29.20 -65.09 18.17
CA SER B 1122 -30.16 -65.12 17.07
C SER B 1122 -29.64 -64.46 15.80
N LEU B 1123 -28.51 -63.77 15.84
CA LEU B 1123 -28.00 -63.11 14.65
C LEU B 1123 -27.42 -64.13 13.68
N PRO B 1124 -27.30 -63.79 12.39
CA PRO B 1124 -26.76 -64.76 11.44
C PRO B 1124 -25.29 -65.01 11.69
N ASP B 1125 -24.92 -66.29 11.80
CA ASP B 1125 -23.56 -66.68 12.18
C ASP B 1125 -23.21 -66.03 13.50
N LYS B 1126 -23.70 -66.64 14.59
CA LYS B 1126 -23.81 -66.12 15.96
C LYS B 1126 -22.91 -64.92 16.29
N TYR B 1127 -21.65 -65.17 16.64
CA TYR B 1127 -20.73 -64.11 17.05
C TYR B 1127 -19.90 -63.55 15.90
N ASN B 1128 -19.92 -64.18 14.72
CA ASN B 1128 -19.12 -63.74 13.59
C ASN B 1128 -19.81 -62.69 12.72
N THR B 1129 -20.97 -62.18 13.13
CA THR B 1129 -21.68 -61.19 12.31
C THR B 1129 -20.86 -59.91 12.26
N ARG B 1130 -20.44 -59.52 11.05
CA ARG B 1130 -19.70 -58.28 10.88
C ARG B 1130 -20.61 -57.10 11.18
N VAL B 1131 -20.19 -56.26 12.13
CA VAL B 1131 -20.94 -55.07 12.54
C VAL B 1131 -20.14 -53.82 12.18
N GLY B 1132 -20.86 -52.77 11.84
CA GLY B 1132 -20.26 -51.50 11.52
C GLY B 1132 -21.12 -50.73 10.53
N ASP B 1133 -20.50 -49.77 9.87
CA ASP B 1133 -21.20 -48.99 8.85
C ASP B 1133 -21.38 -49.78 7.57
N LYS B 1134 -20.51 -50.76 7.32
CA LYS B 1134 -20.62 -51.60 6.12
C LYS B 1134 -21.59 -52.75 6.35
N GLY B 1135 -21.61 -53.31 7.56
CA GLY B 1135 -22.41 -54.46 7.88
C GLY B 1135 -23.80 -54.07 8.33
N THR B 1136 -24.44 -54.98 9.06
CA THR B 1136 -25.79 -54.74 9.55
C THR B 1136 -25.80 -53.53 10.47
N GLN B 1137 -26.82 -52.70 10.33
CA GLN B 1137 -26.95 -51.49 11.13
C GLN B 1137 -27.67 -51.82 12.43
N LEU B 1138 -26.95 -51.68 13.55
CA LEU B 1138 -27.51 -51.92 14.87
C LEU B 1138 -27.98 -50.60 15.48
N SER B 1139 -29.04 -50.69 16.27
CA SER B 1139 -29.56 -49.51 16.94
C SER B 1139 -28.55 -48.98 17.95
N GLY B 1140 -28.74 -47.72 18.35
CA GLY B 1140 -27.81 -47.09 19.27
C GLY B 1140 -27.68 -47.82 20.59
N GLY B 1141 -28.80 -48.37 21.08
CA GLY B 1141 -28.76 -49.14 22.32
C GLY B 1141 -27.98 -50.43 22.19
N GLN B 1142 -28.15 -51.13 21.05
CA GLN B 1142 -27.44 -52.39 20.85
C GLN B 1142 -25.95 -52.18 20.68
N LYS B 1143 -25.55 -51.06 20.06
CA LYS B 1143 -24.13 -50.76 19.93
C LYS B 1143 -23.48 -50.55 21.29
N GLN B 1144 -24.20 -49.89 22.21
CA GLN B 1144 -23.63 -49.60 23.53
C GLN B 1144 -23.44 -50.87 24.34
N ARG B 1145 -24.34 -51.83 24.22
CA ARG B 1145 -24.20 -53.08 24.96
C ARG B 1145 -22.97 -53.87 24.50
N ILE B 1146 -22.56 -53.68 23.25
CA ILE B 1146 -21.31 -54.28 22.79
C ILE B 1146 -20.13 -53.64 23.53
N ALA B 1147 -20.12 -52.31 23.61
CA ALA B 1147 -19.06 -51.61 24.32
C ALA B 1147 -19.00 -52.04 25.78
N ILE B 1148 -20.14 -52.41 26.37
CA ILE B 1148 -20.13 -52.97 27.72
C ILE B 1148 -19.40 -54.31 27.72
N ALA B 1149 -19.80 -55.23 26.84
CA ALA B 1149 -19.12 -56.52 26.74
C ALA B 1149 -17.64 -56.33 26.45
N ARG B 1150 -17.32 -55.34 25.63
CA ARG B 1150 -15.92 -54.97 25.40
C ARG B 1150 -15.26 -54.56 26.71
N ALA B 1151 -15.98 -53.83 27.56
CA ALA B 1151 -15.44 -53.41 28.85
C ALA B 1151 -15.43 -54.54 29.86
N LEU B 1152 -16.39 -55.47 29.78
CA LEU B 1152 -16.47 -56.55 30.76
C LEU B 1152 -15.40 -57.62 30.56
N VAL B 1153 -14.95 -57.82 29.33
CA VAL B 1153 -13.97 -58.88 29.09
C VAL B 1153 -12.64 -58.54 29.76
N ARG B 1154 -12.29 -57.25 29.82
CA ARG B 1154 -11.06 -56.85 30.50
C ARG B 1154 -11.10 -57.19 31.99
N GLN B 1155 -12.30 -57.24 32.58
CA GLN B 1155 -12.50 -57.42 34.01
C GLN B 1155 -11.72 -56.35 34.77
N PRO B 1156 -12.06 -55.06 34.60
CA PRO B 1156 -11.32 -54.00 35.28
C PRO B 1156 -11.89 -53.71 36.66
N HIS B 1157 -11.03 -53.14 37.50
CA HIS B 1157 -11.41 -52.72 38.84
C HIS B 1157 -11.93 -51.29 38.90
N ILE B 1158 -11.99 -50.60 37.76
CA ILE B 1158 -12.62 -49.29 37.64
C ILE B 1158 -13.50 -49.33 36.40
N LEU B 1159 -14.62 -48.60 36.45
CA LEU B 1159 -15.54 -48.48 35.33
C LEU B 1159 -15.93 -47.02 35.18
N LEU B 1160 -15.67 -46.45 34.01
CA LEU B 1160 -16.06 -45.09 33.68
C LEU B 1160 -17.21 -45.14 32.70
N LEU B 1161 -18.34 -44.56 33.07
CA LEU B 1161 -19.55 -44.53 32.24
C LEU B 1161 -19.81 -43.09 31.86
N ASP B 1162 -19.56 -42.77 30.59
CA ASP B 1162 -19.58 -41.39 30.08
C ASP B 1162 -20.73 -41.23 29.10
N GLN B 1163 -21.84 -40.64 29.57
CA GLN B 1163 -22.95 -40.26 28.69
C GLN B 1163 -23.51 -41.46 27.94
N ALA B 1164 -23.63 -42.59 28.63
CA ALA B 1164 -24.27 -43.74 28.02
C ALA B 1164 -25.74 -43.44 27.77
N THR B 1165 -26.39 -44.32 27.00
CA THR B 1165 -27.83 -44.22 26.74
C THR B 1165 -28.17 -42.96 25.94
N SER B 1166 -27.28 -42.53 25.06
CA SER B 1166 -27.53 -41.34 24.23
C SER B 1166 -28.46 -41.71 23.08
N ALA B 1167 -29.72 -41.89 23.43
CA ALA B 1167 -30.77 -42.23 22.48
C ALA B 1167 -32.10 -42.09 23.20
N LEU B 1168 -33.19 -42.18 22.43
CA LEU B 1168 -34.55 -42.10 22.96
C LEU B 1168 -35.27 -43.43 22.88
N ASP B 1169 -34.53 -44.53 22.80
CA ASP B 1169 -35.11 -45.87 22.70
C ASP B 1169 -35.56 -46.32 24.09
N THR B 1170 -36.86 -46.14 24.38
CA THR B 1170 -37.37 -46.32 25.74
C THR B 1170 -37.21 -47.75 26.22
N GLU B 1171 -37.44 -48.73 25.35
CA GLU B 1171 -37.29 -50.13 25.76
C GLU B 1171 -35.82 -50.48 25.98
N SER B 1172 -34.97 -50.13 25.01
CA SER B 1172 -33.55 -50.44 25.13
C SER B 1172 -32.89 -49.68 26.28
N GLU B 1173 -33.47 -48.56 26.71
CA GLU B 1173 -32.93 -47.82 27.86
C GLU B 1173 -32.80 -48.74 29.06
N LYS B 1174 -33.91 -49.38 29.46
CA LYS B 1174 -33.86 -50.28 30.60
C LYS B 1174 -32.99 -51.50 30.33
N VAL B 1175 -32.89 -51.94 29.08
CA VAL B 1175 -32.00 -53.06 28.75
C VAL B 1175 -30.55 -52.66 29.02
N VAL B 1176 -30.17 -51.46 28.60
CA VAL B 1176 -28.82 -50.98 28.88
C VAL B 1176 -28.63 -50.83 30.39
N GLN B 1177 -29.61 -50.24 31.07
CA GLN B 1177 -29.48 -50.00 32.51
C GLN B 1177 -29.37 -51.29 33.29
N GLU B 1178 -30.01 -52.37 32.82
CA GLU B 1178 -29.85 -53.67 33.47
C GLU B 1178 -28.41 -54.16 33.35
N ALA B 1179 -27.83 -54.06 32.15
CA ALA B 1179 -26.45 -54.49 31.96
C ALA B 1179 -25.48 -53.60 32.73
N LEU B 1180 -25.78 -52.30 32.80
CA LEU B 1180 -24.90 -51.39 33.52
C LEU B 1180 -24.95 -51.64 35.01
N ASP B 1181 -26.15 -51.87 35.57
CA ASP B 1181 -26.26 -52.19 36.99
C ASP B 1181 -25.50 -53.46 37.34
N LYS B 1182 -25.44 -54.42 36.41
CA LYS B 1182 -24.71 -55.66 36.68
C LYS B 1182 -23.22 -55.40 36.77
N ALA B 1183 -22.69 -54.48 35.95
CA ALA B 1183 -21.25 -54.23 35.93
C ALA B 1183 -20.79 -53.50 37.19
N ARG B 1184 -21.65 -52.68 37.79
CA ARG B 1184 -21.25 -51.82 38.90
C ARG B 1184 -21.27 -52.52 40.25
N GLU B 1185 -21.71 -53.79 40.32
CA GLU B 1185 -22.02 -54.39 41.62
C GLU B 1185 -20.80 -54.49 42.52
N GLY B 1186 -19.64 -54.86 41.96
CA GLY B 1186 -18.43 -55.06 42.73
C GLY B 1186 -17.21 -54.40 42.13
N ARG B 1187 -17.41 -53.25 41.47
CA ARG B 1187 -16.33 -52.52 40.83
C ARG B 1187 -16.44 -51.04 41.17
N THR B 1188 -15.28 -50.38 41.25
CA THR B 1188 -15.26 -48.92 41.41
C THR B 1188 -15.90 -48.29 40.18
N CYS B 1189 -16.84 -47.36 40.41
CA CYS B 1189 -17.67 -46.81 39.35
C CYS B 1189 -17.65 -45.30 39.42
N ILE B 1190 -17.34 -44.66 38.28
CA ILE B 1190 -17.57 -43.24 38.07
C ILE B 1190 -18.56 -43.13 36.93
N VAL B 1191 -19.62 -42.35 37.12
CA VAL B 1191 -20.73 -42.26 36.18
C VAL B 1191 -20.93 -40.80 35.83
N ILE B 1192 -21.07 -40.52 34.52
CA ILE B 1192 -21.49 -39.22 34.03
C ILE B 1192 -22.99 -39.33 33.81
N ALA B 1193 -23.76 -38.83 34.77
CA ALA B 1193 -25.20 -39.06 34.80
C ALA B 1193 -25.94 -37.93 34.09
N HIS B 1194 -26.85 -38.30 33.18
CA HIS B 1194 -27.86 -37.39 32.66
C HIS B 1194 -29.28 -37.90 32.81
N ARG B 1195 -29.48 -39.20 32.94
CA ARG B 1195 -30.79 -39.78 33.23
C ARG B 1195 -31.00 -39.79 34.73
N LEU B 1196 -32.16 -39.30 35.18
CA LEU B 1196 -32.41 -39.15 36.60
C LEU B 1196 -32.61 -40.50 37.28
N SER B 1197 -32.88 -41.56 36.52
CA SER B 1197 -33.06 -42.88 37.13
C SER B 1197 -31.72 -43.47 37.57
N THR B 1198 -30.64 -43.18 36.86
CA THR B 1198 -29.34 -43.70 37.24
C THR B 1198 -28.83 -43.07 38.53
N ILE B 1199 -29.11 -41.78 38.73
CA ILE B 1199 -28.47 -41.08 39.84
C ILE B 1199 -29.15 -41.40 41.17
N GLN B 1200 -30.43 -41.76 41.15
CA GLN B 1200 -31.16 -41.97 42.40
C GLN B 1200 -30.58 -43.12 43.20
N ASN B 1201 -30.07 -44.15 42.52
CA ASN B 1201 -29.50 -45.32 43.16
C ASN B 1201 -28.00 -45.20 43.40
N ALA B 1202 -27.41 -44.04 43.11
CA ALA B 1202 -25.97 -43.86 43.30
C ALA B 1202 -25.63 -43.69 44.77
N ASP B 1203 -24.42 -44.11 45.14
CA ASP B 1203 -23.96 -44.00 46.52
C ASP B 1203 -23.57 -42.57 46.88
N LEU B 1204 -23.02 -41.82 45.93
CA LEU B 1204 -22.58 -40.46 46.17
C LEU B 1204 -22.66 -39.67 44.88
N ILE B 1205 -22.91 -38.37 45.02
CA ILE B 1205 -23.05 -37.47 43.88
C ILE B 1205 -22.14 -36.27 44.10
N VAL B 1206 -21.60 -35.77 42.99
CA VAL B 1206 -20.83 -34.53 42.94
C VAL B 1206 -21.46 -33.67 41.86
N VAL B 1207 -21.88 -32.46 42.23
CA VAL B 1207 -22.39 -31.48 41.29
C VAL B 1207 -21.26 -30.54 40.96
N ILE B 1208 -20.87 -30.50 39.69
CA ILE B 1208 -19.79 -29.65 39.21
C ILE B 1208 -20.40 -28.51 38.39
N GLN B 1209 -19.85 -27.32 38.55
CA GLN B 1209 -20.17 -26.21 37.66
C GLN B 1209 -18.94 -25.33 37.54
N ASN B 1210 -18.52 -25.07 36.31
CA ASN B 1210 -17.35 -24.23 36.02
C ASN B 1210 -16.09 -24.78 36.71
N GLY B 1211 -15.95 -26.10 36.70
CA GLY B 1211 -14.79 -26.77 37.26
C GLY B 1211 -14.74 -26.84 38.77
N LYS B 1212 -15.78 -26.38 39.47
CA LYS B 1212 -15.80 -26.36 40.92
C LYS B 1212 -16.90 -27.28 41.42
N VAL B 1213 -16.63 -27.98 42.52
CA VAL B 1213 -17.67 -28.73 43.21
C VAL B 1213 -18.47 -27.71 44.01
N LYS B 1214 -19.73 -27.51 43.59
CA LYS B 1214 -20.61 -26.61 44.33
C LYS B 1214 -21.20 -27.31 45.54
N GLU B 1215 -21.50 -28.59 45.42
CA GLU B 1215 -22.12 -29.35 46.50
C GLU B 1215 -21.82 -30.82 46.32
N HIS B 1216 -21.90 -31.56 47.43
CA HIS B 1216 -21.67 -33.00 47.42
C HIS B 1216 -22.42 -33.62 48.58
N GLY B 1217 -22.79 -34.89 48.40
CA GLY B 1217 -23.55 -35.61 49.40
C GLY B 1217 -24.38 -36.69 48.74
N THR B 1218 -25.09 -37.45 49.58
CA THR B 1218 -25.93 -38.52 49.10
C THR B 1218 -27.08 -37.98 48.26
N HIS B 1219 -27.84 -38.91 47.67
CA HIS B 1219 -28.99 -38.53 46.85
C HIS B 1219 -30.02 -37.76 47.67
N GLN B 1220 -30.39 -38.32 48.83
CA GLN B 1220 -31.38 -37.66 49.69
C GLN B 1220 -30.84 -36.36 50.28
N GLN B 1221 -29.54 -36.30 50.53
CA GLN B 1221 -28.95 -35.11 51.15
C GLN B 1221 -29.01 -33.91 50.22
N LEU B 1222 -28.57 -34.08 48.97
CA LEU B 1222 -28.56 -32.97 48.03
C LEU B 1222 -29.96 -32.55 47.61
N LEU B 1223 -30.94 -33.44 47.69
CA LEU B 1223 -32.32 -33.04 47.47
C LEU B 1223 -32.80 -32.13 48.61
N ALA B 1224 -32.54 -32.53 49.85
CA ALA B 1224 -32.92 -31.70 51.00
C ALA B 1224 -32.08 -30.44 51.11
N GLN B 1225 -30.94 -30.38 50.43
CA GLN B 1225 -30.15 -29.15 50.41
C GLN B 1225 -30.92 -27.99 49.79
N LYS B 1226 -31.89 -28.27 48.92
CA LYS B 1226 -32.69 -27.24 48.25
C LYS B 1226 -31.83 -26.33 47.40
N GLY B 1227 -30.76 -26.87 46.81
CA GLY B 1227 -29.82 -26.11 46.01
C GLY B 1227 -29.89 -26.40 44.53
N ILE B 1228 -28.73 -26.60 43.91
CA ILE B 1228 -28.67 -26.80 42.46
C ILE B 1228 -29.30 -28.14 42.09
N TYR B 1229 -28.88 -29.21 42.76
CA TYR B 1229 -29.39 -30.54 42.42
C TYR B 1229 -30.90 -30.62 42.63
N PHE B 1230 -31.43 -29.87 43.60
CA PHE B 1230 -32.87 -29.80 43.76
C PHE B 1230 -33.53 -29.07 42.58
N SER B 1231 -32.83 -28.12 41.97
CA SER B 1231 -33.41 -27.39 40.85
C SER B 1231 -33.45 -28.22 39.58
N MET B 1232 -32.41 -29.01 39.32
CA MET B 1232 -32.36 -29.76 38.06
C MET B 1232 -33.39 -30.88 38.03
N VAL B 1233 -33.61 -31.56 39.16
CA VAL B 1233 -34.61 -32.63 39.17
C VAL B 1233 -36.01 -32.06 39.04
N SER B 1234 -36.24 -30.84 39.56
CA SER B 1234 -37.58 -30.26 39.53
C SER B 1234 -37.97 -29.76 38.15
N VAL B 1235 -37.01 -29.30 37.35
CA VAL B 1235 -37.35 -28.80 36.01
C VAL B 1235 -37.72 -29.94 35.09
N GLN B 1236 -37.00 -31.06 35.17
CA GLN B 1236 -37.27 -32.20 34.30
C GLN B 1236 -38.59 -32.88 34.65
N ALA B 1237 -39.13 -32.64 35.84
CA ALA B 1237 -40.39 -33.25 36.25
C ALA B 1237 -41.53 -32.79 35.35
HG HG C . 2.60 15.52 21.07
HG HG D . -22.85 37.54 -21.72
HG HG E . 34.32 36.70 21.71
HG HG F . 28.09 15.90 42.18
HG HG G . 6.48 26.22 -35.37
HG HG H . 14.86 51.21 -14.84
HG HG I . 14.69 43.07 -44.91
HG HG J . 0.38 -13.79 -19.47
HG HG K . -38.89 -22.79 15.55
HG HG L . 19.64 -46.87 -15.74
HG HG M . 28.14 -26.07 -34.36
HG HG N . -20.88 -30.74 31.53
HG HG O . -10.39 -56.76 12.66
HG HG P . -20.28 -49.66 41.91
#